data_1WNI
# 
_entry.id   1WNI 
# 
_audit_conform.dict_name       mmcif_pdbx.dic 
_audit_conform.dict_version    5.399 
_audit_conform.dict_location   http://mmcif.pdb.org/dictionaries/ascii/mmcif_pdbx.dic 
# 
loop_
_database_2.database_id 
_database_2.database_code 
_database_2.pdbx_database_accession 
_database_2.pdbx_DOI 
PDB   1WNI         pdb_00001wni 10.2210/pdb1wni/pdb 
RCSB  RCSB023780   ?            ?                   
WWPDB D_1000023780 ?            ?                   
# 
loop_
_pdbx_audit_revision_history.ordinal 
_pdbx_audit_revision_history.data_content_type 
_pdbx_audit_revision_history.major_revision 
_pdbx_audit_revision_history.minor_revision 
_pdbx_audit_revision_history.revision_date 
1 'Structure model' 1 0 2004-08-17 
2 'Structure model' 1 1 2008-04-30 
3 'Structure model' 1 2 2011-07-13 
4 'Structure model' 1 3 2019-10-09 
5 'Structure model' 1 4 2024-11-20 
# 
_pdbx_audit_revision_details.ordinal             1 
_pdbx_audit_revision_details.revision_ordinal    1 
_pdbx_audit_revision_details.data_content_type   'Structure model' 
_pdbx_audit_revision_details.provider            repository 
_pdbx_audit_revision_details.type                'Initial release' 
_pdbx_audit_revision_details.description         ? 
_pdbx_audit_revision_details.details             ? 
# 
loop_
_pdbx_audit_revision_group.ordinal 
_pdbx_audit_revision_group.revision_ordinal 
_pdbx_audit_revision_group.data_content_type 
_pdbx_audit_revision_group.group 
1 2 'Structure model' 'Version format compliance' 
2 3 'Structure model' 'Version format compliance' 
3 4 'Structure model' 'Data collection'           
4 4 'Structure model' 'Database references'       
5 5 'Structure model' 'Data collection'           
6 5 'Structure model' 'Database references'       
7 5 'Structure model' 'Derived calculations'      
8 5 'Structure model' 'Structure summary'         
# 
loop_
_pdbx_audit_revision_category.ordinal 
_pdbx_audit_revision_category.revision_ordinal 
_pdbx_audit_revision_category.data_content_type 
_pdbx_audit_revision_category.category 
1 4 'Structure model' citation                  
2 5 'Structure model' chem_comp_atom            
3 5 'Structure model' chem_comp_bond            
4 5 'Structure model' database_2                
5 5 'Structure model' pdbx_entry_details        
6 5 'Structure model' pdbx_modification_feature 
7 5 'Structure model' struct_conn               
8 5 'Structure model' struct_site               
# 
loop_
_pdbx_audit_revision_item.ordinal 
_pdbx_audit_revision_item.revision_ordinal 
_pdbx_audit_revision_item.data_content_type 
_pdbx_audit_revision_item.item 
1  4 'Structure model' '_citation.country'                   
2  4 'Structure model' '_citation.journal_abbrev'            
3  4 'Structure model' '_citation.journal_id_ASTM'           
4  4 'Structure model' '_citation.journal_id_CSD'            
5  4 'Structure model' '_citation.pdbx_database_id_DOI'      
6  4 'Structure model' '_citation.title'                     
7  5 'Structure model' '_database_2.pdbx_DOI'                
8  5 'Structure model' '_database_2.pdbx_database_accession' 
9  5 'Structure model' '_struct_conn.ptnr1_auth_comp_id'     
10 5 'Structure model' '_struct_conn.ptnr1_auth_seq_id'      
11 5 'Structure model' '_struct_conn.ptnr1_label_asym_id'    
12 5 'Structure model' '_struct_conn.ptnr1_label_atom_id'    
13 5 'Structure model' '_struct_conn.ptnr1_label_comp_id'    
14 5 'Structure model' '_struct_conn.ptnr1_label_seq_id'     
15 5 'Structure model' '_struct_conn.ptnr2_auth_comp_id'     
16 5 'Structure model' '_struct_conn.ptnr2_auth_seq_id'      
17 5 'Structure model' '_struct_conn.ptnr2_label_asym_id'    
18 5 'Structure model' '_struct_conn.ptnr2_label_atom_id'    
19 5 'Structure model' '_struct_conn.ptnr2_label_comp_id'    
20 5 'Structure model' '_struct_conn.ptnr2_label_seq_id'     
21 5 'Structure model' '_struct_site.pdbx_auth_asym_id'      
22 5 'Structure model' '_struct_site.pdbx_auth_comp_id'      
23 5 'Structure model' '_struct_site.pdbx_auth_seq_id'       
# 
_pdbx_database_status.status_code                     REL 
_pdbx_database_status.entry_id                        1WNI 
_pdbx_database_status.recvd_initial_deposition_date   2004-08-04 
_pdbx_database_status.deposit_site                    PDBJ 
_pdbx_database_status.process_site                    PDBJ 
_pdbx_database_status.SG_entry                        . 
_pdbx_database_status.pdb_format_compatible           Y 
_pdbx_database_status.status_code_mr                  ? 
_pdbx_database_status.status_code_sf                  ? 
_pdbx_database_status.status_code_cs                  ? 
_pdbx_database_status.methods_development_category    ? 
_pdbx_database_status.status_code_nmr_data            ? 
# 
loop_
_audit_author.name 
_audit_author.pdbx_ordinal 
'Kumasaka, T.'    1  
'Yamamoto, M.'    2  
'Moriyama, H.'    3  
'Tanaka, N.'      4  
'Sato, M.'        5  
'Katsube, Y.'     6  
'Yamakawa, Y.'    7  
'Omori-Satoh, T.' 8  
'Iwanaga, S.'     9  
'Ueki, T.'        10 
# 
loop_
_citation.id 
_citation.title 
_citation.journal_abbrev 
_citation.journal_volume 
_citation.page_first 
_citation.page_last 
_citation.year 
_citation.journal_id_ASTM 
_citation.country 
_citation.journal_id_ISSN 
_citation.journal_id_CSD 
_citation.book_publisher 
_citation.pdbx_database_id_PubMed 
_citation.pdbx_database_id_DOI 
primary 'Crystal structure of H2-proteinase from the venom of Trimeresurus flavoviridis.'                          J.Biochem. 119 
49  57  1996 ?      JP 0021-924X ?    ? 8907175 10.1093/oxfordjournals.jbchem.a021215 
1       'Crystallization and preliminary X-ray study of H2-proteinase from the venom of Trimeresurus flavoviridis' 
'J.Biochem.(Tokyo)' 117 929 930 1995 JOBIAO JA 0021-924X 0418 ? 8586633 ?                                     
# 
loop_
_citation_author.citation_id 
_citation_author.name 
_citation_author.ordinal 
_citation_author.identifier_ORCID 
primary 'Kumasaka, T.'    1  ? 
primary 'Yamamoto, M.'    2  ? 
primary 'Moriyama, H.'    3  ? 
primary 'Tanaka, N.'      4  ? 
primary 'Sato, M.'        5  ? 
primary 'Katsube, Y.'     6  ? 
primary 'Yamakawa, Y.'    7  ? 
primary 'Omori-Satoh, T.' 8  ? 
primary 'Iwanaga, S.'     9  ? 
primary 'Ueki, T.'        10 ? 
1       'Kumasaka, T.'    11 ? 
1       'Takeya, H.'      12 ? 
1       'Yamamoto, M.'    13 ? 
1       'Yamakawa, Y.'    14 ? 
1       'Omori-Satoh, T.' 15 ? 
1       'Moriyama, H.'    16 ? 
1       'Tanaka, N.'      17 ? 
1       'Sato, M.'        18 ? 
1       'Katsube, Y.'     19 ? 
1       'Iwanaga, S.'     20 ? 
# 
loop_
_entity.id 
_entity.type 
_entity.src_method 
_entity.pdbx_description 
_entity.formula_weight 
_entity.pdbx_number_of_molecules 
_entity.pdbx_ec 
_entity.pdbx_mutation 
_entity.pdbx_fragment 
_entity.details 
1 polymer     nat 'Trimerelysin II' 23045.533 1  3.4.24.53 ? ? ? 
2 non-polymer syn 'ZINC ION'        65.409    1  ?         ? ? ? 
3 water       nat water             18.015    78 ?         ? ? ? 
# 
_entity_name_com.entity_id   1 
_entity_name_com.name        'H2-PROTEINASE, H2 metalloproteinase' 
# 
_entity_poly.entity_id                      1 
_entity_poly.type                           'polypeptide(L)' 
_entity_poly.nstd_linkage                   no 
_entity_poly.nstd_monomer                   no 
_entity_poly.pdbx_seq_one_letter_code       
;QRFPQRYIELAIVVDHGMYKKYNQNSDKIKVRVHQMVNHINEMYRPLNIAISLNRLQIWSKKDLITVKSASNVTLESFGN
WRETVLLKQQNNDCAHLLTATNLNDNTIGLAYKKGMCNPKLSVGLVQDYSPNVFMVAVTMTHELGHNLGMEHDDKDKCKC
EACIMSDVISDKPSKLFSDCSKNDYQTFLTKYNPQCILNAP
;
_entity_poly.pdbx_seq_one_letter_code_can   
;QRFPQRYIELAIVVDHGMYKKYNQNSDKIKVRVHQMVNHINEMYRPLNIAISLNRLQIWSKKDLITVKSASNVTLESFGN
WRETVLLKQQNNDCAHLLTATNLNDNTIGLAYKKGMCNPKLSVGLVQDYSPNVFMVAVTMTHELGHNLGMEHDDKDKCKC
EACIMSDVISDKPSKLFSDCSKNDYQTFLTKYNPQCILNAP
;
_entity_poly.pdbx_strand_id                 A 
_entity_poly.pdbx_target_identifier         ? 
# 
loop_
_pdbx_entity_nonpoly.entity_id 
_pdbx_entity_nonpoly.name 
_pdbx_entity_nonpoly.comp_id 
2 'ZINC ION' ZN  
3 water      HOH 
# 
loop_
_entity_poly_seq.entity_id 
_entity_poly_seq.num 
_entity_poly_seq.mon_id 
_entity_poly_seq.hetero 
1 1   GLN n 
1 2   ARG n 
1 3   PHE n 
1 4   PRO n 
1 5   GLN n 
1 6   ARG n 
1 7   TYR n 
1 8   ILE n 
1 9   GLU n 
1 10  LEU n 
1 11  ALA n 
1 12  ILE n 
1 13  VAL n 
1 14  VAL n 
1 15  ASP n 
1 16  HIS n 
1 17  GLY n 
1 18  MET n 
1 19  TYR n 
1 20  LYS n 
1 21  LYS n 
1 22  TYR n 
1 23  ASN n 
1 24  GLN n 
1 25  ASN n 
1 26  SER n 
1 27  ASP n 
1 28  LYS n 
1 29  ILE n 
1 30  LYS n 
1 31  VAL n 
1 32  ARG n 
1 33  VAL n 
1 34  HIS n 
1 35  GLN n 
1 36  MET n 
1 37  VAL n 
1 38  ASN n 
1 39  HIS n 
1 40  ILE n 
1 41  ASN n 
1 42  GLU n 
1 43  MET n 
1 44  TYR n 
1 45  ARG n 
1 46  PRO n 
1 47  LEU n 
1 48  ASN n 
1 49  ILE n 
1 50  ALA n 
1 51  ILE n 
1 52  SER n 
1 53  LEU n 
1 54  ASN n 
1 55  ARG n 
1 56  LEU n 
1 57  GLN n 
1 58  ILE n 
1 59  TRP n 
1 60  SER n 
1 61  LYS n 
1 62  LYS n 
1 63  ASP n 
1 64  LEU n 
1 65  ILE n 
1 66  THR n 
1 67  VAL n 
1 68  LYS n 
1 69  SER n 
1 70  ALA n 
1 71  SER n 
1 72  ASN n 
1 73  VAL n 
1 74  THR n 
1 75  LEU n 
1 76  GLU n 
1 77  SER n 
1 78  PHE n 
1 79  GLY n 
1 80  ASN n 
1 81  TRP n 
1 82  ARG n 
1 83  GLU n 
1 84  THR n 
1 85  VAL n 
1 86  LEU n 
1 87  LEU n 
1 88  LYS n 
1 89  GLN n 
1 90  GLN n 
1 91  ASN n 
1 92  ASN n 
1 93  ASP n 
1 94  CYS n 
1 95  ALA n 
1 96  HIS n 
1 97  LEU n 
1 98  LEU n 
1 99  THR n 
1 100 ALA n 
1 101 THR n 
1 102 ASN n 
1 103 LEU n 
1 104 ASN n 
1 105 ASP n 
1 106 ASN n 
1 107 THR n 
1 108 ILE n 
1 109 GLY n 
1 110 LEU n 
1 111 ALA n 
1 112 TYR n 
1 113 LYS n 
1 114 LYS n 
1 115 GLY n 
1 116 MET n 
1 117 CYS n 
1 118 ASN n 
1 119 PRO n 
1 120 LYS n 
1 121 LEU n 
1 122 SER n 
1 123 VAL n 
1 124 GLY n 
1 125 LEU n 
1 126 VAL n 
1 127 GLN n 
1 128 ASP n 
1 129 TYR n 
1 130 SER n 
1 131 PRO n 
1 132 ASN n 
1 133 VAL n 
1 134 PHE n 
1 135 MET n 
1 136 VAL n 
1 137 ALA n 
1 138 VAL n 
1 139 THR n 
1 140 MET n 
1 141 THR n 
1 142 HIS n 
1 143 GLU n 
1 144 LEU n 
1 145 GLY n 
1 146 HIS n 
1 147 ASN n 
1 148 LEU n 
1 149 GLY n 
1 150 MET n 
1 151 GLU n 
1 152 HIS n 
1 153 ASP n 
1 154 ASP n 
1 155 LYS n 
1 156 ASP n 
1 157 LYS n 
1 158 CYS n 
1 159 LYS n 
1 160 CYS n 
1 161 GLU n 
1 162 ALA n 
1 163 CYS n 
1 164 ILE n 
1 165 MET n 
1 166 SER n 
1 167 ASP n 
1 168 VAL n 
1 169 ILE n 
1 170 SER n 
1 171 ASP n 
1 172 LYS n 
1 173 PRO n 
1 174 SER n 
1 175 LYS n 
1 176 LEU n 
1 177 PHE n 
1 178 SER n 
1 179 ASP n 
1 180 CYS n 
1 181 SER n 
1 182 LYS n 
1 183 ASN n 
1 184 ASP n 
1 185 TYR n 
1 186 GLN n 
1 187 THR n 
1 188 PHE n 
1 189 LEU n 
1 190 THR n 
1 191 LYS n 
1 192 TYR n 
1 193 ASN n 
1 194 PRO n 
1 195 GLN n 
1 196 CYS n 
1 197 ILE n 
1 198 LEU n 
1 199 ASN n 
1 200 ALA n 
1 201 PRO n 
# 
_entity_src_nat.entity_id                  1 
_entity_src_nat.pdbx_src_id                1 
_entity_src_nat.pdbx_alt_source_flag       sample 
_entity_src_nat.pdbx_beg_seq_num           ? 
_entity_src_nat.pdbx_end_seq_num           ? 
_entity_src_nat.common_name                ? 
_entity_src_nat.pdbx_organism_scientific   'Trimeresurus flavoviridis' 
_entity_src_nat.pdbx_ncbi_taxonomy_id      88087 
_entity_src_nat.genus                      Trimeresurus 
_entity_src_nat.species                    ? 
_entity_src_nat.strain                     ? 
_entity_src_nat.tissue                     ? 
_entity_src_nat.tissue_fraction            ? 
_entity_src_nat.pdbx_secretion             ? 
_entity_src_nat.pdbx_fragment              ? 
_entity_src_nat.pdbx_variant               ? 
_entity_src_nat.pdbx_cell_line             ? 
_entity_src_nat.pdbx_atcc                  ? 
_entity_src_nat.pdbx_cellular_location     ? 
_entity_src_nat.pdbx_organ                 ? 
_entity_src_nat.pdbx_organelle             ? 
_entity_src_nat.pdbx_cell                  ? 
_entity_src_nat.pdbx_plasmid_name          ? 
_entity_src_nat.pdbx_plasmid_details       ? 
_entity_src_nat.details                    ? 
# 
loop_
_chem_comp.id 
_chem_comp.type 
_chem_comp.mon_nstd_flag 
_chem_comp.name 
_chem_comp.pdbx_synonyms 
_chem_comp.formula 
_chem_comp.formula_weight 
ALA 'L-peptide linking' y ALANINE         ? 'C3 H7 N O2'     89.093  
ARG 'L-peptide linking' y ARGININE        ? 'C6 H15 N4 O2 1' 175.209 
ASN 'L-peptide linking' y ASPARAGINE      ? 'C4 H8 N2 O3'    132.118 
ASP 'L-peptide linking' y 'ASPARTIC ACID' ? 'C4 H7 N O4'     133.103 
CYS 'L-peptide linking' y CYSTEINE        ? 'C3 H7 N O2 S'   121.158 
GLN 'L-peptide linking' y GLUTAMINE       ? 'C5 H10 N2 O3'   146.144 
GLU 'L-peptide linking' y 'GLUTAMIC ACID' ? 'C5 H9 N O4'     147.129 
GLY 'peptide linking'   y GLYCINE         ? 'C2 H5 N O2'     75.067  
HIS 'L-peptide linking' y HISTIDINE       ? 'C6 H10 N3 O2 1' 156.162 
HOH non-polymer         . WATER           ? 'H2 O'           18.015  
ILE 'L-peptide linking' y ISOLEUCINE      ? 'C6 H13 N O2'    131.173 
LEU 'L-peptide linking' y LEUCINE         ? 'C6 H13 N O2'    131.173 
LYS 'L-peptide linking' y LYSINE          ? 'C6 H15 N2 O2 1' 147.195 
MET 'L-peptide linking' y METHIONINE      ? 'C5 H11 N O2 S'  149.211 
PHE 'L-peptide linking' y PHENYLALANINE   ? 'C9 H11 N O2'    165.189 
PRO 'L-peptide linking' y PROLINE         ? 'C5 H9 N O2'     115.130 
SER 'L-peptide linking' y SERINE          ? 'C3 H7 N O3'     105.093 
THR 'L-peptide linking' y THREONINE       ? 'C4 H9 N O3'     119.119 
TRP 'L-peptide linking' y TRYPTOPHAN      ? 'C11 H12 N2 O2'  204.225 
TYR 'L-peptide linking' y TYROSINE        ? 'C9 H11 N O3'    181.189 
VAL 'L-peptide linking' y VALINE          ? 'C5 H11 N O2'    117.146 
ZN  non-polymer         . 'ZINC ION'      ? 'Zn 2'           65.409  
# 
loop_
_pdbx_poly_seq_scheme.asym_id 
_pdbx_poly_seq_scheme.entity_id 
_pdbx_poly_seq_scheme.seq_id 
_pdbx_poly_seq_scheme.mon_id 
_pdbx_poly_seq_scheme.ndb_seq_num 
_pdbx_poly_seq_scheme.pdb_seq_num 
_pdbx_poly_seq_scheme.auth_seq_num 
_pdbx_poly_seq_scheme.pdb_mon_id 
_pdbx_poly_seq_scheme.auth_mon_id 
_pdbx_poly_seq_scheme.pdb_strand_id 
_pdbx_poly_seq_scheme.pdb_ins_code 
_pdbx_poly_seq_scheme.hetero 
A 1 1   GLN 1   1   ?   ?   ?   A . n 
A 1 2   ARG 2   2   ?   ?   ?   A . n 
A 1 3   PHE 3   3   3   PHE PHE A . n 
A 1 4   PRO 4   4   4   PRO PRO A . n 
A 1 5   GLN 5   5   5   GLN GLN A . n 
A 1 6   ARG 6   6   6   ARG ARG A . n 
A 1 7   TYR 7   7   7   TYR TYR A . n 
A 1 8   ILE 8   8   8   ILE ILE A . n 
A 1 9   GLU 9   9   9   GLU GLU A . n 
A 1 10  LEU 10  10  10  LEU LEU A . n 
A 1 11  ALA 11  11  11  ALA ALA A . n 
A 1 12  ILE 12  12  12  ILE ILE A . n 
A 1 13  VAL 13  13  13  VAL VAL A . n 
A 1 14  VAL 14  14  14  VAL VAL A . n 
A 1 15  ASP 15  15  15  ASP ASP A . n 
A 1 16  HIS 16  16  16  HIS HIS A . n 
A 1 17  GLY 17  17  17  GLY GLY A . n 
A 1 18  MET 18  18  18  MET MET A . n 
A 1 19  TYR 19  19  19  TYR TYR A . n 
A 1 20  LYS 20  20  20  LYS LYS A . n 
A 1 21  LYS 21  21  21  LYS LYS A . n 
A 1 22  TYR 22  22  22  TYR TYR A . n 
A 1 23  ASN 23  23  23  ASN ASN A . n 
A 1 24  GLN 24  24  24  GLN GLN A . n 
A 1 25  ASN 25  25  25  ASN ASN A . n 
A 1 26  SER 26  26  26  SER SER A . n 
A 1 27  ASP 27  27  27  ASP ASP A . n 
A 1 28  LYS 28  28  28  LYS LYS A . n 
A 1 29  ILE 29  29  29  ILE ILE A . n 
A 1 30  LYS 30  30  30  LYS LYS A . n 
A 1 31  VAL 31  31  31  VAL VAL A . n 
A 1 32  ARG 32  32  32  ARG ARG A . n 
A 1 33  VAL 33  33  33  VAL VAL A . n 
A 1 34  HIS 34  34  34  HIS HIS A . n 
A 1 35  GLN 35  35  35  GLN GLN A . n 
A 1 36  MET 36  36  36  MET MET A . n 
A 1 37  VAL 37  37  37  VAL VAL A . n 
A 1 38  ASN 38  38  38  ASN ASN A . n 
A 1 39  HIS 39  39  39  HIS HIS A . n 
A 1 40  ILE 40  40  40  ILE ILE A . n 
A 1 41  ASN 41  41  41  ASN ASN A . n 
A 1 42  GLU 42  42  42  GLU GLU A . n 
A 1 43  MET 43  43  43  MET MET A . n 
A 1 44  TYR 44  44  44  TYR TYR A . n 
A 1 45  ARG 45  45  45  ARG ARG A . n 
A 1 46  PRO 46  46  46  PRO PRO A . n 
A 1 47  LEU 47  47  47  LEU LEU A . n 
A 1 48  ASN 48  48  48  ASN ASN A . n 
A 1 49  ILE 49  49  49  ILE ILE A . n 
A 1 50  ALA 50  50  50  ALA ALA A . n 
A 1 51  ILE 51  51  51  ILE ILE A . n 
A 1 52  SER 52  52  52  SER SER A . n 
A 1 53  LEU 53  53  53  LEU LEU A . n 
A 1 54  ASN 54  54  54  ASN ASN A . n 
A 1 55  ARG 55  55  55  ARG ARG A . n 
A 1 56  LEU 56  56  56  LEU LEU A . n 
A 1 57  GLN 57  57  57  GLN GLN A . n 
A 1 58  ILE 58  58  58  ILE ILE A . n 
A 1 59  TRP 59  59  59  TRP TRP A . n 
A 1 60  SER 60  60  60  SER SER A . n 
A 1 61  LYS 61  61  61  LYS LYS A . n 
A 1 62  LYS 62  62  62  LYS LYS A . n 
A 1 63  ASP 63  63  63  ASP ASP A . n 
A 1 64  LEU 64  64  64  LEU LEU A . n 
A 1 65  ILE 65  65  65  ILE ILE A . n 
A 1 66  THR 66  66  66  THR THR A . n 
A 1 67  VAL 67  67  67  VAL VAL A . n 
A 1 68  LYS 68  68  68  LYS LYS A . n 
A 1 69  SER 69  69  69  SER SER A . n 
A 1 70  ALA 70  70  70  ALA ALA A . n 
A 1 71  SER 71  71  71  SER SER A . n 
A 1 72  ASN 72  72  72  ASN ASN A . n 
A 1 73  VAL 73  73  73  VAL VAL A . n 
A 1 74  THR 74  74  74  THR THR A . n 
A 1 75  LEU 75  75  75  LEU LEU A . n 
A 1 76  GLU 76  76  76  GLU GLU A . n 
A 1 77  SER 77  77  77  SER SER A . n 
A 1 78  PHE 78  78  78  PHE PHE A . n 
A 1 79  GLY 79  79  79  GLY GLY A . n 
A 1 80  ASN 80  80  80  ASN ASN A . n 
A 1 81  TRP 81  81  81  TRP TRP A . n 
A 1 82  ARG 82  82  82  ARG ARG A . n 
A 1 83  GLU 83  83  83  GLU GLU A . n 
A 1 84  THR 84  84  84  THR THR A . n 
A 1 85  VAL 85  85  85  VAL VAL A . n 
A 1 86  LEU 86  86  86  LEU LEU A . n 
A 1 87  LEU 87  87  87  LEU LEU A . n 
A 1 88  LYS 88  88  88  LYS LYS A . n 
A 1 89  GLN 89  89  89  GLN GLN A . n 
A 1 90  GLN 90  90  90  GLN GLN A . n 
A 1 91  ASN 91  91  91  ASN ASN A . n 
A 1 92  ASN 92  92  92  ASN ASN A . n 
A 1 93  ASP 93  93  93  ASP ASP A . n 
A 1 94  CYS 94  94  94  CYS CYS A . n 
A 1 95  ALA 95  95  95  ALA ALA A . n 
A 1 96  HIS 96  96  96  HIS HIS A . n 
A 1 97  LEU 97  97  97  LEU LEU A . n 
A 1 98  LEU 98  98  98  LEU LEU A . n 
A 1 99  THR 99  99  99  THR THR A . n 
A 1 100 ALA 100 100 100 ALA ALA A . n 
A 1 101 THR 101 101 101 THR THR A . n 
A 1 102 ASN 102 102 102 ASN ASN A . n 
A 1 103 LEU 103 103 103 LEU LEU A . n 
A 1 104 ASN 104 104 104 ASN ASN A . n 
A 1 105 ASP 105 105 105 ASP ASP A . n 
A 1 106 ASN 106 106 106 ASN ASN A . n 
A 1 107 THR 107 107 107 THR THR A . n 
A 1 108 ILE 108 108 108 ILE ILE A . n 
A 1 109 GLY 109 109 109 GLY GLY A . n 
A 1 110 LEU 110 110 110 LEU LEU A . n 
A 1 111 ALA 111 111 111 ALA ALA A . n 
A 1 112 TYR 112 112 112 TYR TYR A . n 
A 1 113 LYS 113 113 113 LYS LYS A . n 
A 1 114 LYS 114 114 114 LYS LYS A . n 
A 1 115 GLY 115 115 115 GLY GLY A . n 
A 1 116 MET 116 116 116 MET MET A . n 
A 1 117 CYS 117 117 117 CYS CYS A . n 
A 1 118 ASN 118 118 118 ASN ASN A . n 
A 1 119 PRO 119 119 119 PRO PRO A . n 
A 1 120 LYS 120 120 120 LYS LYS A . n 
A 1 121 LEU 121 121 121 LEU LEU A . n 
A 1 122 SER 122 122 122 SER SER A . n 
A 1 123 VAL 123 123 123 VAL VAL A . n 
A 1 124 GLY 124 124 124 GLY GLY A . n 
A 1 125 LEU 125 125 125 LEU LEU A . n 
A 1 126 VAL 126 126 126 VAL VAL A . n 
A 1 127 GLN 127 127 127 GLN GLN A . n 
A 1 128 ASP 128 128 128 ASP ASP A . n 
A 1 129 TYR 129 129 129 TYR TYR A . n 
A 1 130 SER 130 130 130 SER SER A . n 
A 1 131 PRO 131 131 131 PRO PRO A . n 
A 1 132 ASN 132 132 132 ASN ASN A . n 
A 1 133 VAL 133 133 133 VAL VAL A . n 
A 1 134 PHE 134 134 134 PHE PHE A . n 
A 1 135 MET 135 135 135 MET MET A . n 
A 1 136 VAL 136 136 136 VAL VAL A . n 
A 1 137 ALA 137 137 137 ALA ALA A . n 
A 1 138 VAL 138 138 138 VAL VAL A . n 
A 1 139 THR 139 139 139 THR THR A . n 
A 1 140 MET 140 140 140 MET MET A . n 
A 1 141 THR 141 141 141 THR THR A . n 
A 1 142 HIS 142 142 142 HIS HIS A . n 
A 1 143 GLU 143 143 143 GLU GLU A . n 
A 1 144 LEU 144 144 144 LEU LEU A . n 
A 1 145 GLY 145 145 145 GLY GLY A . n 
A 1 146 HIS 146 146 146 HIS HIS A . n 
A 1 147 ASN 147 147 147 ASN ASN A . n 
A 1 148 LEU 148 148 148 LEU LEU A . n 
A 1 149 GLY 149 149 149 GLY GLY A . n 
A 1 150 MET 150 150 150 MET MET A . n 
A 1 151 GLU 151 151 151 GLU GLU A . n 
A 1 152 HIS 152 152 152 HIS HIS A . n 
A 1 153 ASP 153 153 153 ASP ASP A . n 
A 1 154 ASP 154 154 154 ASP ASP A . n 
A 1 155 LYS 155 155 155 LYS LYS A . n 
A 1 156 ASP 156 156 156 ASP ASP A . n 
A 1 157 LYS 157 157 157 LYS LYS A . n 
A 1 158 CYS 158 158 158 CYS CYS A . n 
A 1 159 LYS 159 159 159 LYS LYS A . n 
A 1 160 CYS 160 160 160 CYS CYS A . n 
A 1 161 GLU 161 161 161 GLU GLU A . n 
A 1 162 ALA 162 162 162 ALA ALA A . n 
A 1 163 CYS 163 163 163 CYS CYS A . n 
A 1 164 ILE 164 164 164 ILE ILE A . n 
A 1 165 MET 165 165 165 MET MET A . n 
A 1 166 SER 166 166 166 SER SER A . n 
A 1 167 ASP 167 167 167 ASP ASP A . n 
A 1 168 VAL 168 168 168 VAL VAL A . n 
A 1 169 ILE 169 169 169 ILE ILE A . n 
A 1 170 SER 170 170 170 SER SER A . n 
A 1 171 ASP 171 171 171 ASP ASP A . n 
A 1 172 LYS 172 172 172 LYS LYS A . n 
A 1 173 PRO 173 173 173 PRO PRO A . n 
A 1 174 SER 174 174 174 SER SER A . n 
A 1 175 LYS 175 175 175 LYS LYS A . n 
A 1 176 LEU 176 176 176 LEU LEU A . n 
A 1 177 PHE 177 177 177 PHE PHE A . n 
A 1 178 SER 178 178 178 SER SER A . n 
A 1 179 ASP 179 179 179 ASP ASP A . n 
A 1 180 CYS 180 180 180 CYS CYS A . n 
A 1 181 SER 181 181 181 SER SER A . n 
A 1 182 LYS 182 182 182 LYS LYS A . n 
A 1 183 ASN 183 183 183 ASN ASN A . n 
A 1 184 ASP 184 184 184 ASP ASP A . n 
A 1 185 TYR 185 185 185 TYR TYR A . n 
A 1 186 GLN 186 186 186 GLN GLN A . n 
A 1 187 THR 187 187 187 THR THR A . n 
A 1 188 PHE 188 188 188 PHE PHE A . n 
A 1 189 LEU 189 189 189 LEU LEU A . n 
A 1 190 THR 190 190 190 THR THR A . n 
A 1 191 LYS 191 191 191 LYS LYS A . n 
A 1 192 TYR 192 192 192 TYR TYR A . n 
A 1 193 ASN 193 193 193 ASN ASN A . n 
A 1 194 PRO 194 194 194 PRO PRO A . n 
A 1 195 GLN 195 195 195 GLN GLN A . n 
A 1 196 CYS 196 196 196 CYS CYS A . n 
A 1 197 ILE 197 197 197 ILE ILE A . n 
A 1 198 LEU 198 198 198 LEU LEU A . n 
A 1 199 ASN 199 199 199 ASN ASN A . n 
A 1 200 ALA 200 200 200 ALA ALA A . n 
A 1 201 PRO 201 201 ?   ?   ?   A . n 
# 
loop_
_pdbx_nonpoly_scheme.asym_id 
_pdbx_nonpoly_scheme.entity_id 
_pdbx_nonpoly_scheme.mon_id 
_pdbx_nonpoly_scheme.ndb_seq_num 
_pdbx_nonpoly_scheme.pdb_seq_num 
_pdbx_nonpoly_scheme.auth_seq_num 
_pdbx_nonpoly_scheme.pdb_mon_id 
_pdbx_nonpoly_scheme.auth_mon_id 
_pdbx_nonpoly_scheme.pdb_strand_id 
_pdbx_nonpoly_scheme.pdb_ins_code 
B 2 ZN  1  999  999 ZN  ZN  A . 
C 3 HOH 1  1000 1   HOH HOH A . 
C 3 HOH 2  1001 2   HOH HOH A . 
C 3 HOH 3  1002 3   HOH HOH A . 
C 3 HOH 4  1003 4   HOH HOH A . 
C 3 HOH 5  1004 5   HOH HOH A . 
C 3 HOH 6  1005 6   HOH HOH A . 
C 3 HOH 7  1006 7   HOH HOH A . 
C 3 HOH 8  1007 8   HOH HOH A . 
C 3 HOH 9  1008 9   HOH HOH A . 
C 3 HOH 10 1009 10  HOH HOH A . 
C 3 HOH 11 1010 11  HOH HOH A . 
C 3 HOH 12 1011 12  HOH HOH A . 
C 3 HOH 13 1012 13  HOH HOH A . 
C 3 HOH 14 1013 14  HOH HOH A . 
C 3 HOH 15 1014 15  HOH HOH A . 
C 3 HOH 16 1015 16  HOH HOH A . 
C 3 HOH 17 1016 17  HOH HOH A . 
C 3 HOH 18 1017 18  HOH HOH A . 
C 3 HOH 19 1018 19  HOH HOH A . 
C 3 HOH 20 1019 20  HOH HOH A . 
C 3 HOH 21 1020 21  HOH HOH A . 
C 3 HOH 22 1021 22  HOH HOH A . 
C 3 HOH 23 1022 23  HOH HOH A . 
C 3 HOH 24 1023 24  HOH HOH A . 
C 3 HOH 25 1024 25  HOH HOH A . 
C 3 HOH 26 1025 26  HOH HOH A . 
C 3 HOH 27 1026 27  HOH HOH A . 
C 3 HOH 28 1027 28  HOH HOH A . 
C 3 HOH 29 1028 29  HOH HOH A . 
C 3 HOH 30 1029 30  HOH HOH A . 
C 3 HOH 31 1030 31  HOH HOH A . 
C 3 HOH 32 1031 32  HOH HOH A . 
C 3 HOH 33 1032 33  HOH HOH A . 
C 3 HOH 34 1033 34  HOH HOH A . 
C 3 HOH 35 1034 35  HOH HOH A . 
C 3 HOH 36 1035 36  HOH HOH A . 
C 3 HOH 37 1036 37  HOH HOH A . 
C 3 HOH 38 1037 38  HOH HOH A . 
C 3 HOH 39 1038 39  HOH HOH A . 
C 3 HOH 40 1039 40  HOH HOH A . 
C 3 HOH 41 1040 41  HOH HOH A . 
C 3 HOH 42 1041 42  HOH HOH A . 
C 3 HOH 43 1042 43  HOH HOH A . 
C 3 HOH 44 1043 44  HOH HOH A . 
C 3 HOH 45 1044 45  HOH HOH A . 
C 3 HOH 46 1045 46  HOH HOH A . 
C 3 HOH 47 1046 47  HOH HOH A . 
C 3 HOH 48 1047 48  HOH HOH A . 
C 3 HOH 49 1048 49  HOH HOH A . 
C 3 HOH 50 1049 50  HOH HOH A . 
C 3 HOH 51 1050 51  HOH HOH A . 
C 3 HOH 52 1051 52  HOH HOH A . 
C 3 HOH 53 1052 53  HOH HOH A . 
C 3 HOH 54 1053 54  HOH HOH A . 
C 3 HOH 55 1054 55  HOH HOH A . 
C 3 HOH 56 1055 56  HOH HOH A . 
C 3 HOH 57 1056 57  HOH HOH A . 
C 3 HOH 58 1057 58  HOH HOH A . 
C 3 HOH 59 1058 59  HOH HOH A . 
C 3 HOH 60 1059 60  HOH HOH A . 
C 3 HOH 61 1060 61  HOH HOH A . 
C 3 HOH 62 1061 62  HOH HOH A . 
C 3 HOH 63 1062 63  HOH HOH A . 
C 3 HOH 64 1063 64  HOH HOH A . 
C 3 HOH 65 1064 65  HOH HOH A . 
C 3 HOH 66 1065 66  HOH HOH A . 
C 3 HOH 67 1066 67  HOH HOH A . 
C 3 HOH 68 1067 68  HOH HOH A . 
C 3 HOH 69 1068 69  HOH HOH A . 
C 3 HOH 70 1069 70  HOH HOH A . 
C 3 HOH 71 1070 71  HOH HOH A . 
C 3 HOH 72 1071 72  HOH HOH A . 
C 3 HOH 73 1072 73  HOH HOH A . 
C 3 HOH 74 1073 74  HOH HOH A . 
C 3 HOH 75 1074 75  HOH HOH A . 
C 3 HOH 76 1075 76  HOH HOH A . 
C 3 HOH 77 1076 77  HOH HOH A . 
C 3 HOH 78 1077 78  HOH HOH A . 
# 
loop_
_software.name 
_software.classification 
_software.version 
_software.citation_id 
_software.pdbx_ordinal 
WEIS    'data reduction' .     ? 1 
MLPHARE phasing          .     ? 2 
X-PLOR  refinement       3.851 ? 3 
WEIS    'data scaling'   .     ? 4 
# 
_cell.entry_id           1WNI 
_cell.length_a           77.800 
_cell.length_b           77.800 
_cell.length_c           82.300 
_cell.angle_alpha        90.00 
_cell.angle_beta         90.00 
_cell.angle_gamma        90.00 
_cell.Z_PDB              8 
_cell.pdbx_unique_axis   ? 
# 
_symmetry.entry_id                         1WNI 
_symmetry.space_group_name_H-M             'P 43 21 2' 
_symmetry.pdbx_full_space_group_name_H-M   ? 
_symmetry.cell_setting                     ? 
_symmetry.Int_Tables_number                96 
# 
_exptl.entry_id          1WNI 
_exptl.method            'X-RAY DIFFRACTION' 
_exptl.crystals_number   1 
# 
_exptl_crystal.id                    1 
_exptl_crystal.density_meas          ? 
_exptl_crystal.density_Matthews      2.7 
_exptl_crystal.density_percent_sol   54.2 
_exptl_crystal.description           ? 
# 
_exptl_crystal_grow.crystal_id      1 
_exptl_crystal_grow.method          'VAPOR DIFFUSION, HANGING DROP' 
_exptl_crystal_grow.temp            293 
_exptl_crystal_grow.temp_details    ? 
_exptl_crystal_grow.pH              8.0 
_exptl_crystal_grow.pdbx_details    'AMMONIUM SULFATE, pH 8.0, VAPOR DIFFUSION, HANGING DROP, temperature 293K' 
_exptl_crystal_grow.pdbx_pH_range   . 
# 
_diffrn.id                     1 
_diffrn.ambient_temp           293 
_diffrn.ambient_temp_details   ? 
_diffrn.crystal_id             1 
# 
_diffrn_detector.diffrn_id              1 
_diffrn_detector.detector               DIFFRACTOMETER 
_diffrn_detector.type                   WEISSENBERG 
_diffrn_detector.pdbx_collection_date   ? 
_diffrn_detector.details                ? 
# 
_diffrn_radiation.diffrn_id                        1 
_diffrn_radiation.wavelength_id                    1 
_diffrn_radiation.pdbx_monochromatic_or_laue_m_l   M 
_diffrn_radiation.monochromator                    ? 
_diffrn_radiation.pdbx_diffrn_protocol             'SINGLE WAVELENGTH' 
_diffrn_radiation.pdbx_scattering_type             x-ray 
# 
_diffrn_radiation_wavelength.id           1 
_diffrn_radiation_wavelength.wavelength   1.07 
_diffrn_radiation_wavelength.wt           1.0 
# 
_diffrn_source.diffrn_id                   1 
_diffrn_source.source                      SYNCHROTRON 
_diffrn_source.type                        'PHOTON FACTORY BEAMLINE BL-6A' 
_diffrn_source.pdbx_synchrotron_site       'Photon Factory' 
_diffrn_source.pdbx_synchrotron_beamline   BL-6A 
_diffrn_source.pdbx_wavelength             ? 
_diffrn_source.pdbx_wavelength_list        1.07 
# 
_reflns.entry_id                     1WNI 
_reflns.observed_criterion_sigma_F   1 
_reflns.observed_criterion_sigma_I   ? 
_reflns.d_resolution_high            2.2 
_reflns.d_resolution_low             ? 
_reflns.number_all                   14262 
_reflns.number_obs                   14262 
_reflns.percent_possible_obs         86.2 
_reflns.pdbx_Rmerge_I_obs            0.069 
_reflns.pdbx_Rsym_value              ? 
_reflns.pdbx_netI_over_sigmaI        ? 
_reflns.B_iso_Wilson_estimate        ? 
_reflns.pdbx_redundancy              ? 
_reflns.R_free_details               ? 
_reflns.limit_h_max                  ? 
_reflns.limit_h_min                  ? 
_reflns.limit_k_max                  ? 
_reflns.limit_k_min                  ? 
_reflns.limit_l_max                  ? 
_reflns.limit_l_min                  ? 
_reflns.observed_criterion_F_max     ? 
_reflns.observed_criterion_F_min     ? 
_reflns.pdbx_diffrn_id               1 
_reflns.pdbx_ordinal                 1 
# 
_refine.entry_id                                 1WNI 
_refine.ls_d_res_high                            2.2 
_refine.ls_d_res_low                             8.0 
_refine.pdbx_ls_sigma_F                          2 
_refine.pdbx_ls_sigma_I                          ? 
_refine.ls_number_reflns_all                     ? 
_refine.ls_number_reflns_obs                     10635 
_refine.ls_number_reflns_R_free                  ? 
_refine.ls_percent_reflns_obs                    ? 
_refine.ls_R_factor_all                          ? 
_refine.ls_R_factor_obs                          0.176 
_refine.ls_R_factor_R_work                       ? 
_refine.ls_R_factor_R_free                       ? 
_refine.ls_redundancy_reflns_obs                 ? 
_refine.pdbx_data_cutoff_high_absF               ? 
_refine.pdbx_data_cutoff_low_absF                ? 
_refine.ls_number_parameters                     ? 
_refine.ls_number_restraints                     ? 
_refine.ls_percent_reflns_R_free                 ? 
_refine.ls_R_factor_R_free_error                 ? 
_refine.ls_R_factor_R_free_error_details         ? 
_refine.pdbx_method_to_determine_struct          MIR 
_refine.pdbx_starting_model                      ? 
_refine.pdbx_ls_cross_valid_method               ? 
_refine.pdbx_R_Free_selection_details            ? 
_refine.pdbx_stereochem_target_val_spec_case     ? 
_refine.pdbx_stereochemistry_target_values       ? 
_refine.solvent_model_details                    ? 
_refine.solvent_model_param_bsol                 ? 
_refine.solvent_model_param_ksol                 ? 
_refine.occupancy_max                            ? 
_refine.occupancy_min                            ? 
_refine.pdbx_isotropic_thermal_model             ? 
_refine.B_iso_mean                               ? 
_refine.aniso_B[1][1]                            ? 
_refine.aniso_B[1][2]                            ? 
_refine.aniso_B[1][3]                            ? 
_refine.aniso_B[2][2]                            ? 
_refine.aniso_B[2][3]                            ? 
_refine.aniso_B[3][3]                            ? 
_refine.details                                  ? 
_refine.B_iso_min                                ? 
_refine.B_iso_max                                ? 
_refine.correlation_coeff_Fo_to_Fc               ? 
_refine.correlation_coeff_Fo_to_Fc_free          ? 
_refine.pdbx_solvent_vdw_probe_radii             ? 
_refine.pdbx_solvent_ion_probe_radii             ? 
_refine.pdbx_solvent_shrinkage_radii             ? 
_refine.overall_SU_R_Cruickshank_DPI             ? 
_refine.overall_SU_R_free                        ? 
_refine.overall_SU_B                             ? 
_refine.overall_SU_ML                            ? 
_refine.pdbx_overall_ESU_R                       ? 
_refine.pdbx_overall_ESU_R_Free                  ? 
_refine.pdbx_data_cutoff_high_rms_absF           ? 
_refine.pdbx_refine_id                           'X-RAY DIFFRACTION' 
_refine.pdbx_diffrn_id                           1 
_refine.pdbx_TLS_residual_ADP_flag               ? 
_refine.pdbx_overall_phase_error                 ? 
_refine.pdbx_overall_SU_R_free_Cruickshank_DPI   ? 
_refine.pdbx_overall_SU_R_Blow_DPI               ? 
_refine.pdbx_overall_SU_R_free_Blow_DPI          ? 
# 
_refine_hist.pdbx_refine_id                   'X-RAY DIFFRACTION' 
_refine_hist.cycle_id                         LAST 
_refine_hist.pdbx_number_atoms_protein        1591 
_refine_hist.pdbx_number_atoms_nucleic_acid   0 
_refine_hist.pdbx_number_atoms_ligand         1 
_refine_hist.number_atoms_solvent             78 
_refine_hist.number_atoms_total               1670 
_refine_hist.d_res_high                       2.2 
_refine_hist.d_res_low                        8.0 
# 
_struct.entry_id                  1WNI 
_struct.title                     'Crystal Structure of H2-Proteinase' 
_struct.pdbx_model_details        ? 
_struct.pdbx_CASP_flag            ? 
_struct.pdbx_model_type_details   ? 
# 
_struct_keywords.entry_id        1WNI 
_struct_keywords.pdbx_keywords   HYDROLASE 
_struct_keywords.text            'METALLOPROTEASE, ZINC, METZINCIN, SNAKE VENOM, HYDROLASE' 
# 
loop_
_struct_asym.id 
_struct_asym.pdbx_blank_PDB_chainid_flag 
_struct_asym.pdbx_modified 
_struct_asym.entity_id 
_struct_asym.details 
A N N 1 ? 
B N N 2 ? 
C N N 3 ? 
# 
_struct_ref.id                         1 
_struct_ref.db_name                    UNP 
_struct_ref.db_code                    HR2_TRIFL 
_struct_ref.pdbx_db_accession          P20165 
_struct_ref.entity_id                  1 
_struct_ref.pdbx_seq_one_letter_code   
;QRFPQRYIELAIVVDHGMYKKYNQNSDKIKVRVHQMVNHINEMYRPLNIAISLNRLQIWSKKDLITVKSASNVTLESFGN
WRETVLLKQQNNDCAHLLTATNLNDNTIGLAYKKGMCNPKLSVGLVQDYSPNVFMVAVTMTHELGHNLGMEHDDKDKCKC
EACIMSDVISDKPSKLFSDCSKNDYQTFLTKYNPQCILNAP
;
_struct_ref.pdbx_align_begin           1 
_struct_ref.pdbx_db_isoform            ? 
# 
_struct_ref_seq.align_id                      1 
_struct_ref_seq.ref_id                        1 
_struct_ref_seq.pdbx_PDB_id_code              1WNI 
_struct_ref_seq.pdbx_strand_id                A 
_struct_ref_seq.seq_align_beg                 1 
_struct_ref_seq.pdbx_seq_align_beg_ins_code   ? 
_struct_ref_seq.seq_align_end                 201 
_struct_ref_seq.pdbx_seq_align_end_ins_code   ? 
_struct_ref_seq.pdbx_db_accession             P20165 
_struct_ref_seq.db_align_beg                  1 
_struct_ref_seq.pdbx_db_align_beg_ins_code    ? 
_struct_ref_seq.db_align_end                  201 
_struct_ref_seq.pdbx_db_align_end_ins_code    ? 
_struct_ref_seq.pdbx_auth_seq_align_beg       1 
_struct_ref_seq.pdbx_auth_seq_align_end       201 
# 
_pdbx_struct_assembly.id                   1 
_pdbx_struct_assembly.details              author_defined_assembly 
_pdbx_struct_assembly.method_details       ? 
_pdbx_struct_assembly.oligomeric_details   monomeric 
_pdbx_struct_assembly.oligomeric_count     1 
# 
_pdbx_struct_assembly_gen.assembly_id       1 
_pdbx_struct_assembly_gen.oper_expression   1 
_pdbx_struct_assembly_gen.asym_id_list      A,B,C 
# 
_pdbx_struct_oper_list.id                   1 
_pdbx_struct_oper_list.type                 'identity operation' 
_pdbx_struct_oper_list.name                 1_555 
_pdbx_struct_oper_list.symmetry_operation   x,y,z 
_pdbx_struct_oper_list.matrix[1][1]         1.0000000000 
_pdbx_struct_oper_list.matrix[1][2]         0.0000000000 
_pdbx_struct_oper_list.matrix[1][3]         0.0000000000 
_pdbx_struct_oper_list.vector[1]            0.0000000000 
_pdbx_struct_oper_list.matrix[2][1]         0.0000000000 
_pdbx_struct_oper_list.matrix[2][2]         1.0000000000 
_pdbx_struct_oper_list.matrix[2][3]         0.0000000000 
_pdbx_struct_oper_list.vector[2]            0.0000000000 
_pdbx_struct_oper_list.matrix[3][1]         0.0000000000 
_pdbx_struct_oper_list.matrix[3][2]         0.0000000000 
_pdbx_struct_oper_list.matrix[3][3]         1.0000000000 
_pdbx_struct_oper_list.vector[3]            0.0000000000 
# 
_struct_biol.id                    1 
_struct_biol.pdbx_parent_biol_id   ? 
_struct_biol.details               ? 
# 
loop_
_struct_conf.conf_type_id 
_struct_conf.id 
_struct_conf.pdbx_PDB_helix_id 
_struct_conf.beg_label_comp_id 
_struct_conf.beg_label_asym_id 
_struct_conf.beg_label_seq_id 
_struct_conf.pdbx_beg_PDB_ins_code 
_struct_conf.end_label_comp_id 
_struct_conf.end_label_asym_id 
_struct_conf.end_label_seq_id 
_struct_conf.pdbx_end_PDB_ins_code 
_struct_conf.beg_auth_comp_id 
_struct_conf.beg_auth_asym_id 
_struct_conf.beg_auth_seq_id 
_struct_conf.end_auth_comp_id 
_struct_conf.end_auth_asym_id 
_struct_conf.end_auth_seq_id 
_struct_conf.pdbx_PDB_helix_class 
_struct_conf.details 
_struct_conf.pdbx_PDB_helix_length 
HELX_P HELX_P1 1 ASP A 15  ? TYR A 22  ? ASP A 15  TYR A 22  1 ? 8  
HELX_P HELX_P2 2 ASN A 25  ? ARG A 45  ? ASN A 25  ARG A 45  1 ? 21 
HELX_P HELX_P3 3 ALA A 70  ? VAL A 85  ? ALA A 70  VAL A 85  1 ? 16 
HELX_P HELX_P4 4 VAL A 85  ? GLN A 90  ? VAL A 85  GLN A 90  1 ? 6  
HELX_P HELX_P5 5 LEU A 103 ? THR A 107 ? LEU A 103 THR A 107 5 ? 5  
HELX_P HELX_P6 6 ASN A 132 ? LEU A 148 ? ASN A 132 LEU A 148 1 ? 17 
HELX_P HELX_P7 7 ASP A 154 ? LYS A 159 ? ASP A 154 LYS A 159 1 ? 6  
HELX_P HELX_P8 8 SER A 178 ? ASN A 193 ? SER A 178 ASN A 193 1 ? 16 
HELX_P HELX_P9 9 PRO A 194 ? LEU A 198 ? PRO A 194 LEU A 198 5 ? 5  
# 
_struct_conf_type.id          HELX_P 
_struct_conf_type.criteria    ? 
_struct_conf_type.reference   ? 
# 
loop_
_struct_conn.id 
_struct_conn.conn_type_id 
_struct_conn.pdbx_leaving_atom_flag 
_struct_conn.pdbx_PDB_id 
_struct_conn.ptnr1_label_asym_id 
_struct_conn.ptnr1_label_comp_id 
_struct_conn.ptnr1_label_seq_id 
_struct_conn.ptnr1_label_atom_id 
_struct_conn.pdbx_ptnr1_label_alt_id 
_struct_conn.pdbx_ptnr1_PDB_ins_code 
_struct_conn.pdbx_ptnr1_standard_comp_id 
_struct_conn.ptnr1_symmetry 
_struct_conn.ptnr2_label_asym_id 
_struct_conn.ptnr2_label_comp_id 
_struct_conn.ptnr2_label_seq_id 
_struct_conn.ptnr2_label_atom_id 
_struct_conn.pdbx_ptnr2_label_alt_id 
_struct_conn.pdbx_ptnr2_PDB_ins_code 
_struct_conn.ptnr1_auth_asym_id 
_struct_conn.ptnr1_auth_comp_id 
_struct_conn.ptnr1_auth_seq_id 
_struct_conn.ptnr2_auth_asym_id 
_struct_conn.ptnr2_auth_comp_id 
_struct_conn.ptnr2_auth_seq_id 
_struct_conn.ptnr2_symmetry 
_struct_conn.pdbx_ptnr3_label_atom_id 
_struct_conn.pdbx_ptnr3_label_seq_id 
_struct_conn.pdbx_ptnr3_label_comp_id 
_struct_conn.pdbx_ptnr3_label_asym_id 
_struct_conn.pdbx_ptnr3_label_alt_id 
_struct_conn.pdbx_ptnr3_PDB_ins_code 
_struct_conn.details 
_struct_conn.pdbx_dist_value 
_struct_conn.pdbx_value_order 
_struct_conn.pdbx_role 
disulf1 disulf ? ? A CYS 117 SG  ? ? ? 1_555 A CYS 196 SG ? ? A CYS 117 A CYS 196  1_555 ? ? ? ? ? ? ? 1.995 ? ? 
disulf2 disulf ? ? A CYS 158 SG  ? ? ? 1_555 A CYS 180 SG ? ? A CYS 158 A CYS 180  1_555 ? ? ? ? ? ? ? 2.032 ? ? 
disulf3 disulf ? ? A CYS 160 SG  ? ? ? 1_555 A CYS 163 SG ? ? A CYS 160 A CYS 163  1_555 ? ? ? ? ? ? ? 2.013 ? ? 
metalc1 metalc ? ? A HIS 142 NE2 ? ? ? 1_555 B ZN  .   ZN ? ? A HIS 142 A ZN  999  1_555 ? ? ? ? ? ? ? 2.388 ? ? 
metalc2 metalc ? ? A HIS 146 NE2 ? ? ? 1_555 B ZN  .   ZN ? ? A HIS 146 A ZN  999  1_555 ? ? ? ? ? ? ? 2.261 ? ? 
metalc3 metalc ? ? A HIS 152 NE2 ? ? ? 1_555 B ZN  .   ZN ? ? A HIS 152 A ZN  999  1_555 ? ? ? ? ? ? ? 2.193 ? ? 
metalc4 metalc ? ? B ZN  .   ZN  ? ? ? 1_555 C HOH .   O  ? ? A ZN  999 A HOH 1011 1_555 ? ? ? ? ? ? ? 2.439 ? ? 
# 
loop_
_struct_conn_type.id 
_struct_conn_type.criteria 
_struct_conn_type.reference 
disulf ? ? 
metalc ? ? 
# 
loop_
_pdbx_struct_conn_angle.id 
_pdbx_struct_conn_angle.ptnr1_label_atom_id 
_pdbx_struct_conn_angle.ptnr1_label_alt_id 
_pdbx_struct_conn_angle.ptnr1_label_asym_id 
_pdbx_struct_conn_angle.ptnr1_label_comp_id 
_pdbx_struct_conn_angle.ptnr1_label_seq_id 
_pdbx_struct_conn_angle.ptnr1_auth_atom_id 
_pdbx_struct_conn_angle.ptnr1_auth_asym_id 
_pdbx_struct_conn_angle.ptnr1_auth_comp_id 
_pdbx_struct_conn_angle.ptnr1_auth_seq_id 
_pdbx_struct_conn_angle.ptnr1_PDB_ins_code 
_pdbx_struct_conn_angle.ptnr1_symmetry 
_pdbx_struct_conn_angle.ptnr2_label_atom_id 
_pdbx_struct_conn_angle.ptnr2_label_alt_id 
_pdbx_struct_conn_angle.ptnr2_label_asym_id 
_pdbx_struct_conn_angle.ptnr2_label_comp_id 
_pdbx_struct_conn_angle.ptnr2_label_seq_id 
_pdbx_struct_conn_angle.ptnr2_auth_atom_id 
_pdbx_struct_conn_angle.ptnr2_auth_asym_id 
_pdbx_struct_conn_angle.ptnr2_auth_comp_id 
_pdbx_struct_conn_angle.ptnr2_auth_seq_id 
_pdbx_struct_conn_angle.ptnr2_PDB_ins_code 
_pdbx_struct_conn_angle.ptnr2_symmetry 
_pdbx_struct_conn_angle.ptnr3_label_atom_id 
_pdbx_struct_conn_angle.ptnr3_label_alt_id 
_pdbx_struct_conn_angle.ptnr3_label_asym_id 
_pdbx_struct_conn_angle.ptnr3_label_comp_id 
_pdbx_struct_conn_angle.ptnr3_label_seq_id 
_pdbx_struct_conn_angle.ptnr3_auth_atom_id 
_pdbx_struct_conn_angle.ptnr3_auth_asym_id 
_pdbx_struct_conn_angle.ptnr3_auth_comp_id 
_pdbx_struct_conn_angle.ptnr3_auth_seq_id 
_pdbx_struct_conn_angle.ptnr3_PDB_ins_code 
_pdbx_struct_conn_angle.ptnr3_symmetry 
_pdbx_struct_conn_angle.value 
_pdbx_struct_conn_angle.value_esd 
1 NE2 ? A HIS 142 ? A HIS 142 ? 1_555 ZN ? B ZN . ? A ZN 999 ? 1_555 NE2 ? A HIS 146 ? A HIS 146  ? 1_555 88.1  ? 
2 NE2 ? A HIS 142 ? A HIS 142 ? 1_555 ZN ? B ZN . ? A ZN 999 ? 1_555 NE2 ? A HIS 152 ? A HIS 152  ? 1_555 93.0  ? 
3 NE2 ? A HIS 146 ? A HIS 146 ? 1_555 ZN ? B ZN . ? A ZN 999 ? 1_555 NE2 ? A HIS 152 ? A HIS 152  ? 1_555 94.9  ? 
4 NE2 ? A HIS 142 ? A HIS 142 ? 1_555 ZN ? B ZN . ? A ZN 999 ? 1_555 O   ? C HOH .   ? A HOH 1011 ? 1_555 106.4 ? 
5 NE2 ? A HIS 146 ? A HIS 146 ? 1_555 ZN ? B ZN . ? A ZN 999 ? 1_555 O   ? C HOH .   ? A HOH 1011 ? 1_555 138.8 ? 
6 NE2 ? A HIS 152 ? A HIS 152 ? 1_555 ZN ? B ZN . ? A ZN 999 ? 1_555 O   ? C HOH .   ? A HOH 1011 ? 1_555 121.7 ? 
# 
loop_
_pdbx_modification_feature.ordinal 
_pdbx_modification_feature.label_comp_id 
_pdbx_modification_feature.label_asym_id 
_pdbx_modification_feature.label_seq_id 
_pdbx_modification_feature.label_alt_id 
_pdbx_modification_feature.modified_residue_label_comp_id 
_pdbx_modification_feature.modified_residue_label_asym_id 
_pdbx_modification_feature.modified_residue_label_seq_id 
_pdbx_modification_feature.modified_residue_label_alt_id 
_pdbx_modification_feature.auth_comp_id 
_pdbx_modification_feature.auth_asym_id 
_pdbx_modification_feature.auth_seq_id 
_pdbx_modification_feature.PDB_ins_code 
_pdbx_modification_feature.symmetry 
_pdbx_modification_feature.modified_residue_auth_comp_id 
_pdbx_modification_feature.modified_residue_auth_asym_id 
_pdbx_modification_feature.modified_residue_auth_seq_id 
_pdbx_modification_feature.modified_residue_PDB_ins_code 
_pdbx_modification_feature.modified_residue_symmetry 
_pdbx_modification_feature.comp_id_linking_atom 
_pdbx_modification_feature.modified_residue_id_linking_atom 
_pdbx_modification_feature.modified_residue_id 
_pdbx_modification_feature.ref_pcm_id 
_pdbx_modification_feature.ref_comp_id 
_pdbx_modification_feature.type 
_pdbx_modification_feature.category 
1 CYS A 117 ? CYS A 196 ? CYS A 117 ? 1_555 CYS A 196 ? 1_555 SG SG . . . None 'Disulfide bridge' 
2 CYS A 158 ? CYS A 180 ? CYS A 158 ? 1_555 CYS A 180 ? 1_555 SG SG . . . None 'Disulfide bridge' 
3 CYS A 160 ? CYS A 163 ? CYS A 160 ? 1_555 CYS A 163 ? 1_555 SG SG . . . None 'Disulfide bridge' 
# 
_struct_sheet.id               A 
_struct_sheet.type             ? 
_struct_sheet.number_strands   5 
_struct_sheet.details          ? 
# 
loop_
_struct_sheet_order.sheet_id 
_struct_sheet_order.range_id_1 
_struct_sheet_order.range_id_2 
_struct_sheet_order.offset 
_struct_sheet_order.sense 
A 1 2 ? parallel      
A 2 3 ? parallel      
A 3 4 ? parallel      
A 4 5 ? anti-parallel 
# 
loop_
_struct_sheet_range.sheet_id 
_struct_sheet_range.id 
_struct_sheet_range.beg_label_comp_id 
_struct_sheet_range.beg_label_asym_id 
_struct_sheet_range.beg_label_seq_id 
_struct_sheet_range.pdbx_beg_PDB_ins_code 
_struct_sheet_range.end_label_comp_id 
_struct_sheet_range.end_label_asym_id 
_struct_sheet_range.end_label_seq_id 
_struct_sheet_range.pdbx_end_PDB_ins_code 
_struct_sheet_range.beg_auth_comp_id 
_struct_sheet_range.beg_auth_asym_id 
_struct_sheet_range.beg_auth_seq_id 
_struct_sheet_range.end_auth_comp_id 
_struct_sheet_range.end_auth_asym_id 
_struct_sheet_range.end_auth_seq_id 
A 1 ILE A 49  ? ILE A 58  ? ILE A 49  ILE A 58  
A 2 ARG A 6   ? VAL A 14  ? ARG A 6   VAL A 14  
A 3 CYS A 94  ? THR A 99  ? CYS A 94  THR A 99  
A 4 VAL A 123 ? GLN A 127 ? VAL A 123 GLN A 127 
A 5 GLY A 109 ? ALA A 111 ? GLY A 109 ALA A 111 
# 
loop_
_pdbx_struct_sheet_hbond.sheet_id 
_pdbx_struct_sheet_hbond.range_id_1 
_pdbx_struct_sheet_hbond.range_id_2 
_pdbx_struct_sheet_hbond.range_1_label_atom_id 
_pdbx_struct_sheet_hbond.range_1_label_comp_id 
_pdbx_struct_sheet_hbond.range_1_label_asym_id 
_pdbx_struct_sheet_hbond.range_1_label_seq_id 
_pdbx_struct_sheet_hbond.range_1_PDB_ins_code 
_pdbx_struct_sheet_hbond.range_1_auth_atom_id 
_pdbx_struct_sheet_hbond.range_1_auth_comp_id 
_pdbx_struct_sheet_hbond.range_1_auth_asym_id 
_pdbx_struct_sheet_hbond.range_1_auth_seq_id 
_pdbx_struct_sheet_hbond.range_2_label_atom_id 
_pdbx_struct_sheet_hbond.range_2_label_comp_id 
_pdbx_struct_sheet_hbond.range_2_label_asym_id 
_pdbx_struct_sheet_hbond.range_2_label_seq_id 
_pdbx_struct_sheet_hbond.range_2_PDB_ins_code 
_pdbx_struct_sheet_hbond.range_2_auth_atom_id 
_pdbx_struct_sheet_hbond.range_2_auth_comp_id 
_pdbx_struct_sheet_hbond.range_2_auth_asym_id 
_pdbx_struct_sheet_hbond.range_2_auth_seq_id 
A 1 2 O SER A 52  ? O SER A 52  N LEU A 10  ? N LEU A 10  
A 2 3 N VAL A 13  ? N VAL A 13  O LEU A 98  ? O LEU A 98  
A 3 4 N LEU A 97  ? N LEU A 97  O GLY A 124 ? O GLY A 124 
A 4 5 O LEU A 125 ? O LEU A 125 N LEU A 110 ? N LEU A 110 
# 
_struct_site.id                   AC1 
_struct_site.pdbx_evidence_code   Software 
_struct_site.pdbx_auth_asym_id    A 
_struct_site.pdbx_auth_comp_id    ZN 
_struct_site.pdbx_auth_seq_id     999 
_struct_site.pdbx_auth_ins_code   ? 
_struct_site.pdbx_num_residues    4 
_struct_site.details              'BINDING SITE FOR RESIDUE ZN A 999' 
# 
loop_
_struct_site_gen.id 
_struct_site_gen.site_id 
_struct_site_gen.pdbx_num_res 
_struct_site_gen.label_comp_id 
_struct_site_gen.label_asym_id 
_struct_site_gen.label_seq_id 
_struct_site_gen.pdbx_auth_ins_code 
_struct_site_gen.auth_comp_id 
_struct_site_gen.auth_asym_id 
_struct_site_gen.auth_seq_id 
_struct_site_gen.label_atom_id 
_struct_site_gen.label_alt_id 
_struct_site_gen.symmetry 
_struct_site_gen.details 
1 AC1 4 HIS A 142 ? HIS A 142  . ? 1_555 ? 
2 AC1 4 HIS A 146 ? HIS A 146  . ? 1_555 ? 
3 AC1 4 HIS A 152 ? HIS A 152  . ? 1_555 ? 
4 AC1 4 HOH C .   ? HOH A 1011 . ? 1_555 ? 
# 
_pdbx_entry_details.entry_id                   1WNI 
_pdbx_entry_details.compound_details           ? 
_pdbx_entry_details.source_details             ? 
_pdbx_entry_details.nonpolymer_details         ? 
_pdbx_entry_details.sequence_details           ? 
_pdbx_entry_details.has_ligand_of_interest     ? 
_pdbx_entry_details.has_protein_modification   Y 
# 
_pdbx_validate_rmsd_angle.id                         1 
_pdbx_validate_rmsd_angle.PDB_model_num              1 
_pdbx_validate_rmsd_angle.auth_atom_id_1             CA 
_pdbx_validate_rmsd_angle.auth_asym_id_1             A 
_pdbx_validate_rmsd_angle.auth_comp_id_1             LEU 
_pdbx_validate_rmsd_angle.auth_seq_id_1              148 
_pdbx_validate_rmsd_angle.PDB_ins_code_1             ? 
_pdbx_validate_rmsd_angle.label_alt_id_1             ? 
_pdbx_validate_rmsd_angle.auth_atom_id_2             CB 
_pdbx_validate_rmsd_angle.auth_asym_id_2             A 
_pdbx_validate_rmsd_angle.auth_comp_id_2             LEU 
_pdbx_validate_rmsd_angle.auth_seq_id_2              148 
_pdbx_validate_rmsd_angle.PDB_ins_code_2             ? 
_pdbx_validate_rmsd_angle.label_alt_id_2             ? 
_pdbx_validate_rmsd_angle.auth_atom_id_3             CG 
_pdbx_validate_rmsd_angle.auth_asym_id_3             A 
_pdbx_validate_rmsd_angle.auth_comp_id_3             LEU 
_pdbx_validate_rmsd_angle.auth_seq_id_3              148 
_pdbx_validate_rmsd_angle.PDB_ins_code_3             ? 
_pdbx_validate_rmsd_angle.label_alt_id_3             ? 
_pdbx_validate_rmsd_angle.angle_value                131.00 
_pdbx_validate_rmsd_angle.angle_target_value         115.30 
_pdbx_validate_rmsd_angle.angle_deviation            15.70 
_pdbx_validate_rmsd_angle.angle_standard_deviation   2.30 
_pdbx_validate_rmsd_angle.linker_flag                N 
# 
loop_
_pdbx_validate_torsion.id 
_pdbx_validate_torsion.PDB_model_num 
_pdbx_validate_torsion.auth_comp_id 
_pdbx_validate_torsion.auth_asym_id 
_pdbx_validate_torsion.auth_seq_id 
_pdbx_validate_torsion.PDB_ins_code 
_pdbx_validate_torsion.label_alt_id 
_pdbx_validate_torsion.phi 
_pdbx_validate_torsion.psi 
1 1 ARG A 55  ? ? -171.57 138.76 
2 1 CYS A 117 ? ? 88.44   -22.89 
3 1 LYS A 155 ? ? -36.53  -36.78 
4 1 LYS A 175 ? ? -97.52  33.24  
5 1 ASN A 193 ? ? 35.44   66.08  
# 
loop_
_pdbx_unobs_or_zero_occ_residues.id 
_pdbx_unobs_or_zero_occ_residues.PDB_model_num 
_pdbx_unobs_or_zero_occ_residues.polymer_flag 
_pdbx_unobs_or_zero_occ_residues.occupancy_flag 
_pdbx_unobs_or_zero_occ_residues.auth_asym_id 
_pdbx_unobs_or_zero_occ_residues.auth_comp_id 
_pdbx_unobs_or_zero_occ_residues.auth_seq_id 
_pdbx_unobs_or_zero_occ_residues.PDB_ins_code 
_pdbx_unobs_or_zero_occ_residues.label_asym_id 
_pdbx_unobs_or_zero_occ_residues.label_comp_id 
_pdbx_unobs_or_zero_occ_residues.label_seq_id 
1 1 Y 1 A GLN 1   ? A GLN 1   
2 1 Y 1 A ARG 2   ? A ARG 2   
3 1 Y 1 A PRO 201 ? A PRO 201 
# 
loop_
_chem_comp_atom.comp_id 
_chem_comp_atom.atom_id 
_chem_comp_atom.type_symbol 
_chem_comp_atom.pdbx_aromatic_flag 
_chem_comp_atom.pdbx_stereo_config 
_chem_comp_atom.pdbx_ordinal 
ALA N    N  N N 1   
ALA CA   C  N S 2   
ALA C    C  N N 3   
ALA O    O  N N 4   
ALA CB   C  N N 5   
ALA OXT  O  N N 6   
ALA H    H  N N 7   
ALA H2   H  N N 8   
ALA HA   H  N N 9   
ALA HB1  H  N N 10  
ALA HB2  H  N N 11  
ALA HB3  H  N N 12  
ALA HXT  H  N N 13  
ARG N    N  N N 14  
ARG CA   C  N S 15  
ARG C    C  N N 16  
ARG O    O  N N 17  
ARG CB   C  N N 18  
ARG CG   C  N N 19  
ARG CD   C  N N 20  
ARG NE   N  N N 21  
ARG CZ   C  N N 22  
ARG NH1  N  N N 23  
ARG NH2  N  N N 24  
ARG OXT  O  N N 25  
ARG H    H  N N 26  
ARG H2   H  N N 27  
ARG HA   H  N N 28  
ARG HB2  H  N N 29  
ARG HB3  H  N N 30  
ARG HG2  H  N N 31  
ARG HG3  H  N N 32  
ARG HD2  H  N N 33  
ARG HD3  H  N N 34  
ARG HE   H  N N 35  
ARG HH11 H  N N 36  
ARG HH12 H  N N 37  
ARG HH21 H  N N 38  
ARG HH22 H  N N 39  
ARG HXT  H  N N 40  
ASN N    N  N N 41  
ASN CA   C  N S 42  
ASN C    C  N N 43  
ASN O    O  N N 44  
ASN CB   C  N N 45  
ASN CG   C  N N 46  
ASN OD1  O  N N 47  
ASN ND2  N  N N 48  
ASN OXT  O  N N 49  
ASN H    H  N N 50  
ASN H2   H  N N 51  
ASN HA   H  N N 52  
ASN HB2  H  N N 53  
ASN HB3  H  N N 54  
ASN HD21 H  N N 55  
ASN HD22 H  N N 56  
ASN HXT  H  N N 57  
ASP N    N  N N 58  
ASP CA   C  N S 59  
ASP C    C  N N 60  
ASP O    O  N N 61  
ASP CB   C  N N 62  
ASP CG   C  N N 63  
ASP OD1  O  N N 64  
ASP OD2  O  N N 65  
ASP OXT  O  N N 66  
ASP H    H  N N 67  
ASP H2   H  N N 68  
ASP HA   H  N N 69  
ASP HB2  H  N N 70  
ASP HB3  H  N N 71  
ASP HD2  H  N N 72  
ASP HXT  H  N N 73  
CYS N    N  N N 74  
CYS CA   C  N R 75  
CYS C    C  N N 76  
CYS O    O  N N 77  
CYS CB   C  N N 78  
CYS SG   S  N N 79  
CYS OXT  O  N N 80  
CYS H    H  N N 81  
CYS H2   H  N N 82  
CYS HA   H  N N 83  
CYS HB2  H  N N 84  
CYS HB3  H  N N 85  
CYS HG   H  N N 86  
CYS HXT  H  N N 87  
GLN N    N  N N 88  
GLN CA   C  N S 89  
GLN C    C  N N 90  
GLN O    O  N N 91  
GLN CB   C  N N 92  
GLN CG   C  N N 93  
GLN CD   C  N N 94  
GLN OE1  O  N N 95  
GLN NE2  N  N N 96  
GLN OXT  O  N N 97  
GLN H    H  N N 98  
GLN H2   H  N N 99  
GLN HA   H  N N 100 
GLN HB2  H  N N 101 
GLN HB3  H  N N 102 
GLN HG2  H  N N 103 
GLN HG3  H  N N 104 
GLN HE21 H  N N 105 
GLN HE22 H  N N 106 
GLN HXT  H  N N 107 
GLU N    N  N N 108 
GLU CA   C  N S 109 
GLU C    C  N N 110 
GLU O    O  N N 111 
GLU CB   C  N N 112 
GLU CG   C  N N 113 
GLU CD   C  N N 114 
GLU OE1  O  N N 115 
GLU OE2  O  N N 116 
GLU OXT  O  N N 117 
GLU H    H  N N 118 
GLU H2   H  N N 119 
GLU HA   H  N N 120 
GLU HB2  H  N N 121 
GLU HB3  H  N N 122 
GLU HG2  H  N N 123 
GLU HG3  H  N N 124 
GLU HE2  H  N N 125 
GLU HXT  H  N N 126 
GLY N    N  N N 127 
GLY CA   C  N N 128 
GLY C    C  N N 129 
GLY O    O  N N 130 
GLY OXT  O  N N 131 
GLY H    H  N N 132 
GLY H2   H  N N 133 
GLY HA2  H  N N 134 
GLY HA3  H  N N 135 
GLY HXT  H  N N 136 
HIS N    N  N N 137 
HIS CA   C  N S 138 
HIS C    C  N N 139 
HIS O    O  N N 140 
HIS CB   C  N N 141 
HIS CG   C  Y N 142 
HIS ND1  N  Y N 143 
HIS CD2  C  Y N 144 
HIS CE1  C  Y N 145 
HIS NE2  N  Y N 146 
HIS OXT  O  N N 147 
HIS H    H  N N 148 
HIS H2   H  N N 149 
HIS HA   H  N N 150 
HIS HB2  H  N N 151 
HIS HB3  H  N N 152 
HIS HD1  H  N N 153 
HIS HD2  H  N N 154 
HIS HE1  H  N N 155 
HIS HE2  H  N N 156 
HIS HXT  H  N N 157 
HOH O    O  N N 158 
HOH H1   H  N N 159 
HOH H2   H  N N 160 
ILE N    N  N N 161 
ILE CA   C  N S 162 
ILE C    C  N N 163 
ILE O    O  N N 164 
ILE CB   C  N S 165 
ILE CG1  C  N N 166 
ILE CG2  C  N N 167 
ILE CD1  C  N N 168 
ILE OXT  O  N N 169 
ILE H    H  N N 170 
ILE H2   H  N N 171 
ILE HA   H  N N 172 
ILE HB   H  N N 173 
ILE HG12 H  N N 174 
ILE HG13 H  N N 175 
ILE HG21 H  N N 176 
ILE HG22 H  N N 177 
ILE HG23 H  N N 178 
ILE HD11 H  N N 179 
ILE HD12 H  N N 180 
ILE HD13 H  N N 181 
ILE HXT  H  N N 182 
LEU N    N  N N 183 
LEU CA   C  N S 184 
LEU C    C  N N 185 
LEU O    O  N N 186 
LEU CB   C  N N 187 
LEU CG   C  N N 188 
LEU CD1  C  N N 189 
LEU CD2  C  N N 190 
LEU OXT  O  N N 191 
LEU H    H  N N 192 
LEU H2   H  N N 193 
LEU HA   H  N N 194 
LEU HB2  H  N N 195 
LEU HB3  H  N N 196 
LEU HG   H  N N 197 
LEU HD11 H  N N 198 
LEU HD12 H  N N 199 
LEU HD13 H  N N 200 
LEU HD21 H  N N 201 
LEU HD22 H  N N 202 
LEU HD23 H  N N 203 
LEU HXT  H  N N 204 
LYS N    N  N N 205 
LYS CA   C  N S 206 
LYS C    C  N N 207 
LYS O    O  N N 208 
LYS CB   C  N N 209 
LYS CG   C  N N 210 
LYS CD   C  N N 211 
LYS CE   C  N N 212 
LYS NZ   N  N N 213 
LYS OXT  O  N N 214 
LYS H    H  N N 215 
LYS H2   H  N N 216 
LYS HA   H  N N 217 
LYS HB2  H  N N 218 
LYS HB3  H  N N 219 
LYS HG2  H  N N 220 
LYS HG3  H  N N 221 
LYS HD2  H  N N 222 
LYS HD3  H  N N 223 
LYS HE2  H  N N 224 
LYS HE3  H  N N 225 
LYS HZ1  H  N N 226 
LYS HZ2  H  N N 227 
LYS HZ3  H  N N 228 
LYS HXT  H  N N 229 
MET N    N  N N 230 
MET CA   C  N S 231 
MET C    C  N N 232 
MET O    O  N N 233 
MET CB   C  N N 234 
MET CG   C  N N 235 
MET SD   S  N N 236 
MET CE   C  N N 237 
MET OXT  O  N N 238 
MET H    H  N N 239 
MET H2   H  N N 240 
MET HA   H  N N 241 
MET HB2  H  N N 242 
MET HB3  H  N N 243 
MET HG2  H  N N 244 
MET HG3  H  N N 245 
MET HE1  H  N N 246 
MET HE2  H  N N 247 
MET HE3  H  N N 248 
MET HXT  H  N N 249 
PHE N    N  N N 250 
PHE CA   C  N S 251 
PHE C    C  N N 252 
PHE O    O  N N 253 
PHE CB   C  N N 254 
PHE CG   C  Y N 255 
PHE CD1  C  Y N 256 
PHE CD2  C  Y N 257 
PHE CE1  C  Y N 258 
PHE CE2  C  Y N 259 
PHE CZ   C  Y N 260 
PHE OXT  O  N N 261 
PHE H    H  N N 262 
PHE H2   H  N N 263 
PHE HA   H  N N 264 
PHE HB2  H  N N 265 
PHE HB3  H  N N 266 
PHE HD1  H  N N 267 
PHE HD2  H  N N 268 
PHE HE1  H  N N 269 
PHE HE2  H  N N 270 
PHE HZ   H  N N 271 
PHE HXT  H  N N 272 
PRO N    N  N N 273 
PRO CA   C  N S 274 
PRO C    C  N N 275 
PRO O    O  N N 276 
PRO CB   C  N N 277 
PRO CG   C  N N 278 
PRO CD   C  N N 279 
PRO OXT  O  N N 280 
PRO H    H  N N 281 
PRO HA   H  N N 282 
PRO HB2  H  N N 283 
PRO HB3  H  N N 284 
PRO HG2  H  N N 285 
PRO HG3  H  N N 286 
PRO HD2  H  N N 287 
PRO HD3  H  N N 288 
PRO HXT  H  N N 289 
SER N    N  N N 290 
SER CA   C  N S 291 
SER C    C  N N 292 
SER O    O  N N 293 
SER CB   C  N N 294 
SER OG   O  N N 295 
SER OXT  O  N N 296 
SER H    H  N N 297 
SER H2   H  N N 298 
SER HA   H  N N 299 
SER HB2  H  N N 300 
SER HB3  H  N N 301 
SER HG   H  N N 302 
SER HXT  H  N N 303 
THR N    N  N N 304 
THR CA   C  N S 305 
THR C    C  N N 306 
THR O    O  N N 307 
THR CB   C  N R 308 
THR OG1  O  N N 309 
THR CG2  C  N N 310 
THR OXT  O  N N 311 
THR H    H  N N 312 
THR H2   H  N N 313 
THR HA   H  N N 314 
THR HB   H  N N 315 
THR HG1  H  N N 316 
THR HG21 H  N N 317 
THR HG22 H  N N 318 
THR HG23 H  N N 319 
THR HXT  H  N N 320 
TRP N    N  N N 321 
TRP CA   C  N S 322 
TRP C    C  N N 323 
TRP O    O  N N 324 
TRP CB   C  N N 325 
TRP CG   C  Y N 326 
TRP CD1  C  Y N 327 
TRP CD2  C  Y N 328 
TRP NE1  N  Y N 329 
TRP CE2  C  Y N 330 
TRP CE3  C  Y N 331 
TRP CZ2  C  Y N 332 
TRP CZ3  C  Y N 333 
TRP CH2  C  Y N 334 
TRP OXT  O  N N 335 
TRP H    H  N N 336 
TRP H2   H  N N 337 
TRP HA   H  N N 338 
TRP HB2  H  N N 339 
TRP HB3  H  N N 340 
TRP HD1  H  N N 341 
TRP HE1  H  N N 342 
TRP HE3  H  N N 343 
TRP HZ2  H  N N 344 
TRP HZ3  H  N N 345 
TRP HH2  H  N N 346 
TRP HXT  H  N N 347 
TYR N    N  N N 348 
TYR CA   C  N S 349 
TYR C    C  N N 350 
TYR O    O  N N 351 
TYR CB   C  N N 352 
TYR CG   C  Y N 353 
TYR CD1  C  Y N 354 
TYR CD2  C  Y N 355 
TYR CE1  C  Y N 356 
TYR CE2  C  Y N 357 
TYR CZ   C  Y N 358 
TYR OH   O  N N 359 
TYR OXT  O  N N 360 
TYR H    H  N N 361 
TYR H2   H  N N 362 
TYR HA   H  N N 363 
TYR HB2  H  N N 364 
TYR HB3  H  N N 365 
TYR HD1  H  N N 366 
TYR HD2  H  N N 367 
TYR HE1  H  N N 368 
TYR HE2  H  N N 369 
TYR HH   H  N N 370 
TYR HXT  H  N N 371 
VAL N    N  N N 372 
VAL CA   C  N S 373 
VAL C    C  N N 374 
VAL O    O  N N 375 
VAL CB   C  N N 376 
VAL CG1  C  N N 377 
VAL CG2  C  N N 378 
VAL OXT  O  N N 379 
VAL H    H  N N 380 
VAL H2   H  N N 381 
VAL HA   H  N N 382 
VAL HB   H  N N 383 
VAL HG11 H  N N 384 
VAL HG12 H  N N 385 
VAL HG13 H  N N 386 
VAL HG21 H  N N 387 
VAL HG22 H  N N 388 
VAL HG23 H  N N 389 
VAL HXT  H  N N 390 
ZN  ZN   ZN N N 391 
# 
loop_
_chem_comp_bond.comp_id 
_chem_comp_bond.atom_id_1 
_chem_comp_bond.atom_id_2 
_chem_comp_bond.value_order 
_chem_comp_bond.pdbx_aromatic_flag 
_chem_comp_bond.pdbx_stereo_config 
_chem_comp_bond.pdbx_ordinal 
ALA N   CA   sing N N 1   
ALA N   H    sing N N 2   
ALA N   H2   sing N N 3   
ALA CA  C    sing N N 4   
ALA CA  CB   sing N N 5   
ALA CA  HA   sing N N 6   
ALA C   O    doub N N 7   
ALA C   OXT  sing N N 8   
ALA CB  HB1  sing N N 9   
ALA CB  HB2  sing N N 10  
ALA CB  HB3  sing N N 11  
ALA OXT HXT  sing N N 12  
ARG N   CA   sing N N 13  
ARG N   H    sing N N 14  
ARG N   H2   sing N N 15  
ARG CA  C    sing N N 16  
ARG CA  CB   sing N N 17  
ARG CA  HA   sing N N 18  
ARG C   O    doub N N 19  
ARG C   OXT  sing N N 20  
ARG CB  CG   sing N N 21  
ARG CB  HB2  sing N N 22  
ARG CB  HB3  sing N N 23  
ARG CG  CD   sing N N 24  
ARG CG  HG2  sing N N 25  
ARG CG  HG3  sing N N 26  
ARG CD  NE   sing N N 27  
ARG CD  HD2  sing N N 28  
ARG CD  HD3  sing N N 29  
ARG NE  CZ   sing N N 30  
ARG NE  HE   sing N N 31  
ARG CZ  NH1  sing N N 32  
ARG CZ  NH2  doub N N 33  
ARG NH1 HH11 sing N N 34  
ARG NH1 HH12 sing N N 35  
ARG NH2 HH21 sing N N 36  
ARG NH2 HH22 sing N N 37  
ARG OXT HXT  sing N N 38  
ASN N   CA   sing N N 39  
ASN N   H    sing N N 40  
ASN N   H2   sing N N 41  
ASN CA  C    sing N N 42  
ASN CA  CB   sing N N 43  
ASN CA  HA   sing N N 44  
ASN C   O    doub N N 45  
ASN C   OXT  sing N N 46  
ASN CB  CG   sing N N 47  
ASN CB  HB2  sing N N 48  
ASN CB  HB3  sing N N 49  
ASN CG  OD1  doub N N 50  
ASN CG  ND2  sing N N 51  
ASN ND2 HD21 sing N N 52  
ASN ND2 HD22 sing N N 53  
ASN OXT HXT  sing N N 54  
ASP N   CA   sing N N 55  
ASP N   H    sing N N 56  
ASP N   H2   sing N N 57  
ASP CA  C    sing N N 58  
ASP CA  CB   sing N N 59  
ASP CA  HA   sing N N 60  
ASP C   O    doub N N 61  
ASP C   OXT  sing N N 62  
ASP CB  CG   sing N N 63  
ASP CB  HB2  sing N N 64  
ASP CB  HB3  sing N N 65  
ASP CG  OD1  doub N N 66  
ASP CG  OD2  sing N N 67  
ASP OD2 HD2  sing N N 68  
ASP OXT HXT  sing N N 69  
CYS N   CA   sing N N 70  
CYS N   H    sing N N 71  
CYS N   H2   sing N N 72  
CYS CA  C    sing N N 73  
CYS CA  CB   sing N N 74  
CYS CA  HA   sing N N 75  
CYS C   O    doub N N 76  
CYS C   OXT  sing N N 77  
CYS CB  SG   sing N N 78  
CYS CB  HB2  sing N N 79  
CYS CB  HB3  sing N N 80  
CYS SG  HG   sing N N 81  
CYS OXT HXT  sing N N 82  
GLN N   CA   sing N N 83  
GLN N   H    sing N N 84  
GLN N   H2   sing N N 85  
GLN CA  C    sing N N 86  
GLN CA  CB   sing N N 87  
GLN CA  HA   sing N N 88  
GLN C   O    doub N N 89  
GLN C   OXT  sing N N 90  
GLN CB  CG   sing N N 91  
GLN CB  HB2  sing N N 92  
GLN CB  HB3  sing N N 93  
GLN CG  CD   sing N N 94  
GLN CG  HG2  sing N N 95  
GLN CG  HG3  sing N N 96  
GLN CD  OE1  doub N N 97  
GLN CD  NE2  sing N N 98  
GLN NE2 HE21 sing N N 99  
GLN NE2 HE22 sing N N 100 
GLN OXT HXT  sing N N 101 
GLU N   CA   sing N N 102 
GLU N   H    sing N N 103 
GLU N   H2   sing N N 104 
GLU CA  C    sing N N 105 
GLU CA  CB   sing N N 106 
GLU CA  HA   sing N N 107 
GLU C   O    doub N N 108 
GLU C   OXT  sing N N 109 
GLU CB  CG   sing N N 110 
GLU CB  HB2  sing N N 111 
GLU CB  HB3  sing N N 112 
GLU CG  CD   sing N N 113 
GLU CG  HG2  sing N N 114 
GLU CG  HG3  sing N N 115 
GLU CD  OE1  doub N N 116 
GLU CD  OE2  sing N N 117 
GLU OE2 HE2  sing N N 118 
GLU OXT HXT  sing N N 119 
GLY N   CA   sing N N 120 
GLY N   H    sing N N 121 
GLY N   H2   sing N N 122 
GLY CA  C    sing N N 123 
GLY CA  HA2  sing N N 124 
GLY CA  HA3  sing N N 125 
GLY C   O    doub N N 126 
GLY C   OXT  sing N N 127 
GLY OXT HXT  sing N N 128 
HIS N   CA   sing N N 129 
HIS N   H    sing N N 130 
HIS N   H2   sing N N 131 
HIS CA  C    sing N N 132 
HIS CA  CB   sing N N 133 
HIS CA  HA   sing N N 134 
HIS C   O    doub N N 135 
HIS C   OXT  sing N N 136 
HIS CB  CG   sing N N 137 
HIS CB  HB2  sing N N 138 
HIS CB  HB3  sing N N 139 
HIS CG  ND1  sing Y N 140 
HIS CG  CD2  doub Y N 141 
HIS ND1 CE1  doub Y N 142 
HIS ND1 HD1  sing N N 143 
HIS CD2 NE2  sing Y N 144 
HIS CD2 HD2  sing N N 145 
HIS CE1 NE2  sing Y N 146 
HIS CE1 HE1  sing N N 147 
HIS NE2 HE2  sing N N 148 
HIS OXT HXT  sing N N 149 
HOH O   H1   sing N N 150 
HOH O   H2   sing N N 151 
ILE N   CA   sing N N 152 
ILE N   H    sing N N 153 
ILE N   H2   sing N N 154 
ILE CA  C    sing N N 155 
ILE CA  CB   sing N N 156 
ILE CA  HA   sing N N 157 
ILE C   O    doub N N 158 
ILE C   OXT  sing N N 159 
ILE CB  CG1  sing N N 160 
ILE CB  CG2  sing N N 161 
ILE CB  HB   sing N N 162 
ILE CG1 CD1  sing N N 163 
ILE CG1 HG12 sing N N 164 
ILE CG1 HG13 sing N N 165 
ILE CG2 HG21 sing N N 166 
ILE CG2 HG22 sing N N 167 
ILE CG2 HG23 sing N N 168 
ILE CD1 HD11 sing N N 169 
ILE CD1 HD12 sing N N 170 
ILE CD1 HD13 sing N N 171 
ILE OXT HXT  sing N N 172 
LEU N   CA   sing N N 173 
LEU N   H    sing N N 174 
LEU N   H2   sing N N 175 
LEU CA  C    sing N N 176 
LEU CA  CB   sing N N 177 
LEU CA  HA   sing N N 178 
LEU C   O    doub N N 179 
LEU C   OXT  sing N N 180 
LEU CB  CG   sing N N 181 
LEU CB  HB2  sing N N 182 
LEU CB  HB3  sing N N 183 
LEU CG  CD1  sing N N 184 
LEU CG  CD2  sing N N 185 
LEU CG  HG   sing N N 186 
LEU CD1 HD11 sing N N 187 
LEU CD1 HD12 sing N N 188 
LEU CD1 HD13 sing N N 189 
LEU CD2 HD21 sing N N 190 
LEU CD2 HD22 sing N N 191 
LEU CD2 HD23 sing N N 192 
LEU OXT HXT  sing N N 193 
LYS N   CA   sing N N 194 
LYS N   H    sing N N 195 
LYS N   H2   sing N N 196 
LYS CA  C    sing N N 197 
LYS CA  CB   sing N N 198 
LYS CA  HA   sing N N 199 
LYS C   O    doub N N 200 
LYS C   OXT  sing N N 201 
LYS CB  CG   sing N N 202 
LYS CB  HB2  sing N N 203 
LYS CB  HB3  sing N N 204 
LYS CG  CD   sing N N 205 
LYS CG  HG2  sing N N 206 
LYS CG  HG3  sing N N 207 
LYS CD  CE   sing N N 208 
LYS CD  HD2  sing N N 209 
LYS CD  HD3  sing N N 210 
LYS CE  NZ   sing N N 211 
LYS CE  HE2  sing N N 212 
LYS CE  HE3  sing N N 213 
LYS NZ  HZ1  sing N N 214 
LYS NZ  HZ2  sing N N 215 
LYS NZ  HZ3  sing N N 216 
LYS OXT HXT  sing N N 217 
MET N   CA   sing N N 218 
MET N   H    sing N N 219 
MET N   H2   sing N N 220 
MET CA  C    sing N N 221 
MET CA  CB   sing N N 222 
MET CA  HA   sing N N 223 
MET C   O    doub N N 224 
MET C   OXT  sing N N 225 
MET CB  CG   sing N N 226 
MET CB  HB2  sing N N 227 
MET CB  HB3  sing N N 228 
MET CG  SD   sing N N 229 
MET CG  HG2  sing N N 230 
MET CG  HG3  sing N N 231 
MET SD  CE   sing N N 232 
MET CE  HE1  sing N N 233 
MET CE  HE2  sing N N 234 
MET CE  HE3  sing N N 235 
MET OXT HXT  sing N N 236 
PHE N   CA   sing N N 237 
PHE N   H    sing N N 238 
PHE N   H2   sing N N 239 
PHE CA  C    sing N N 240 
PHE CA  CB   sing N N 241 
PHE CA  HA   sing N N 242 
PHE C   O    doub N N 243 
PHE C   OXT  sing N N 244 
PHE CB  CG   sing N N 245 
PHE CB  HB2  sing N N 246 
PHE CB  HB3  sing N N 247 
PHE CG  CD1  doub Y N 248 
PHE CG  CD2  sing Y N 249 
PHE CD1 CE1  sing Y N 250 
PHE CD1 HD1  sing N N 251 
PHE CD2 CE2  doub Y N 252 
PHE CD2 HD2  sing N N 253 
PHE CE1 CZ   doub Y N 254 
PHE CE1 HE1  sing N N 255 
PHE CE2 CZ   sing Y N 256 
PHE CE2 HE2  sing N N 257 
PHE CZ  HZ   sing N N 258 
PHE OXT HXT  sing N N 259 
PRO N   CA   sing N N 260 
PRO N   CD   sing N N 261 
PRO N   H    sing N N 262 
PRO CA  C    sing N N 263 
PRO CA  CB   sing N N 264 
PRO CA  HA   sing N N 265 
PRO C   O    doub N N 266 
PRO C   OXT  sing N N 267 
PRO CB  CG   sing N N 268 
PRO CB  HB2  sing N N 269 
PRO CB  HB3  sing N N 270 
PRO CG  CD   sing N N 271 
PRO CG  HG2  sing N N 272 
PRO CG  HG3  sing N N 273 
PRO CD  HD2  sing N N 274 
PRO CD  HD3  sing N N 275 
PRO OXT HXT  sing N N 276 
SER N   CA   sing N N 277 
SER N   H    sing N N 278 
SER N   H2   sing N N 279 
SER CA  C    sing N N 280 
SER CA  CB   sing N N 281 
SER CA  HA   sing N N 282 
SER C   O    doub N N 283 
SER C   OXT  sing N N 284 
SER CB  OG   sing N N 285 
SER CB  HB2  sing N N 286 
SER CB  HB3  sing N N 287 
SER OG  HG   sing N N 288 
SER OXT HXT  sing N N 289 
THR N   CA   sing N N 290 
THR N   H    sing N N 291 
THR N   H2   sing N N 292 
THR CA  C    sing N N 293 
THR CA  CB   sing N N 294 
THR CA  HA   sing N N 295 
THR C   O    doub N N 296 
THR C   OXT  sing N N 297 
THR CB  OG1  sing N N 298 
THR CB  CG2  sing N N 299 
THR CB  HB   sing N N 300 
THR OG1 HG1  sing N N 301 
THR CG2 HG21 sing N N 302 
THR CG2 HG22 sing N N 303 
THR CG2 HG23 sing N N 304 
THR OXT HXT  sing N N 305 
TRP N   CA   sing N N 306 
TRP N   H    sing N N 307 
TRP N   H2   sing N N 308 
TRP CA  C    sing N N 309 
TRP CA  CB   sing N N 310 
TRP CA  HA   sing N N 311 
TRP C   O    doub N N 312 
TRP C   OXT  sing N N 313 
TRP CB  CG   sing N N 314 
TRP CB  HB2  sing N N 315 
TRP CB  HB3  sing N N 316 
TRP CG  CD1  doub Y N 317 
TRP CG  CD2  sing Y N 318 
TRP CD1 NE1  sing Y N 319 
TRP CD1 HD1  sing N N 320 
TRP CD2 CE2  doub Y N 321 
TRP CD2 CE3  sing Y N 322 
TRP NE1 CE2  sing Y N 323 
TRP NE1 HE1  sing N N 324 
TRP CE2 CZ2  sing Y N 325 
TRP CE3 CZ3  doub Y N 326 
TRP CE3 HE3  sing N N 327 
TRP CZ2 CH2  doub Y N 328 
TRP CZ2 HZ2  sing N N 329 
TRP CZ3 CH2  sing Y N 330 
TRP CZ3 HZ3  sing N N 331 
TRP CH2 HH2  sing N N 332 
TRP OXT HXT  sing N N 333 
TYR N   CA   sing N N 334 
TYR N   H    sing N N 335 
TYR N   H2   sing N N 336 
TYR CA  C    sing N N 337 
TYR CA  CB   sing N N 338 
TYR CA  HA   sing N N 339 
TYR C   O    doub N N 340 
TYR C   OXT  sing N N 341 
TYR CB  CG   sing N N 342 
TYR CB  HB2  sing N N 343 
TYR CB  HB3  sing N N 344 
TYR CG  CD1  doub Y N 345 
TYR CG  CD2  sing Y N 346 
TYR CD1 CE1  sing Y N 347 
TYR CD1 HD1  sing N N 348 
TYR CD2 CE2  doub Y N 349 
TYR CD2 HD2  sing N N 350 
TYR CE1 CZ   doub Y N 351 
TYR CE1 HE1  sing N N 352 
TYR CE2 CZ   sing Y N 353 
TYR CE2 HE2  sing N N 354 
TYR CZ  OH   sing N N 355 
TYR OH  HH   sing N N 356 
TYR OXT HXT  sing N N 357 
VAL N   CA   sing N N 358 
VAL N   H    sing N N 359 
VAL N   H2   sing N N 360 
VAL CA  C    sing N N 361 
VAL CA  CB   sing N N 362 
VAL CA  HA   sing N N 363 
VAL C   O    doub N N 364 
VAL C   OXT  sing N N 365 
VAL CB  CG1  sing N N 366 
VAL CB  CG2  sing N N 367 
VAL CB  HB   sing N N 368 
VAL CG1 HG11 sing N N 369 
VAL CG1 HG12 sing N N 370 
VAL CG1 HG13 sing N N 371 
VAL CG2 HG21 sing N N 372 
VAL CG2 HG22 sing N N 373 
VAL CG2 HG23 sing N N 374 
VAL OXT HXT  sing N N 375 
# 
_atom_sites.entry_id                    1WNI 
_atom_sites.fract_transf_matrix[1][1]   0.00691916 
_atom_sites.fract_transf_matrix[1][2]   -0.00730862 
_atom_sites.fract_transf_matrix[1][3]   0.00799430 
_atom_sites.fract_transf_matrix[2][1]   0.00853678 
_atom_sites.fract_transf_matrix[2][2]   0.00951832 
_atom_sites.fract_transf_matrix[2][3]   0.00131323 
_atom_sites.fract_transf_matrix[3][1]   -0.00630281 
_atom_sites.fract_transf_matrix[3][2]   0.00435136 
_atom_sites.fract_transf_matrix[3][3]   0.00943329 
_atom_sites.fract_transf_vector[1]      0.229228 
_atom_sites.fract_transf_vector[2]      0.718964 
_atom_sites.fract_transf_vector[3]      0.068830 
# 
loop_
_atom_type.symbol 
C  
H  
N  
O  
S  
ZN 
# 
loop_
_atom_site.group_PDB 
_atom_site.id 
_atom_site.type_symbol 
_atom_site.label_atom_id 
_atom_site.label_alt_id 
_atom_site.label_comp_id 
_atom_site.label_asym_id 
_atom_site.label_entity_id 
_atom_site.label_seq_id 
_atom_site.pdbx_PDB_ins_code 
_atom_site.Cartn_x 
_atom_site.Cartn_y 
_atom_site.Cartn_z 
_atom_site.occupancy 
_atom_site.B_iso_or_equiv 
_atom_site.pdbx_formal_charge 
_atom_site.auth_seq_id 
_atom_site.auth_comp_id 
_atom_site.auth_asym_id 
_atom_site.auth_atom_id 
_atom_site.pdbx_PDB_model_num 
ATOM   1    N  N    . PHE A 1 3   ? -4.449  -15.330 14.201  1.00 33.97 ? 3    PHE A N    1 
ATOM   2    C  CA   . PHE A 1 3   ? -3.241  -14.585 13.690  1.00 32.85 ? 3    PHE A CA   1 
ATOM   3    C  C    . PHE A 1 3   ? -2.459  -13.945 14.833  1.00 27.66 ? 3    PHE A C    1 
ATOM   4    O  O    . PHE A 1 3   ? -3.022  -13.214 15.625  1.00 29.31 ? 3    PHE A O    1 
ATOM   5    C  CB   . PHE A 1 3   ? -3.662  -13.515 12.675  1.00 26.59 ? 3    PHE A CB   1 
ATOM   6    C  CG   . PHE A 1 3   ? -4.401  -14.078 11.496  1.00 30.27 ? 3    PHE A CG   1 
ATOM   7    C  CD1  . PHE A 1 3   ? -5.745  -13.805 11.303  1.00 31.09 ? 3    PHE A CD1  1 
ATOM   8    C  CD2  . PHE A 1 3   ? -3.772  -14.933 10.612  1.00 27.34 ? 3    PHE A CD2  1 
ATOM   9    C  CE1  . PHE A 1 3   ? -6.445  -14.385 10.244  1.00 27.63 ? 3    PHE A CE1  1 
ATOM   10   C  CE2  . PHE A 1 3   ? -4.478  -15.514 9.551   1.00 31.37 ? 3    PHE A CE2  1 
ATOM   11   C  CZ   . PHE A 1 3   ? -5.805  -15.241 9.369   1.00 21.86 ? 3    PHE A CZ   1 
ATOM   12   N  N    . PRO A 1 4   ? -1.158  -14.251 14.951  1.00 25.55 ? 4    PRO A N    1 
ATOM   13   C  CA   . PRO A 1 4   ? -0.374  -13.658 16.035  1.00 26.20 ? 4    PRO A CA   1 
ATOM   14   C  C    . PRO A 1 4   ? -0.155  -12.182 15.690  1.00 25.77 ? 4    PRO A C    1 
ATOM   15   O  O    . PRO A 1 4   ? -0.267  -11.802 14.543  1.00 27.80 ? 4    PRO A O    1 
ATOM   16   C  CB   . PRO A 1 4   ? 0.913   -14.469 15.977  1.00 24.10 ? 4    PRO A CB   1 
ATOM   17   C  CG   . PRO A 1 4   ? 1.077   -14.683 14.517  1.00 19.31 ? 4    PRO A CG   1 
ATOM   18   C  CD   . PRO A 1 4   ? -0.302  -15.022 14.031  1.00 19.76 ? 4    PRO A CD   1 
ATOM   19   N  N    . GLN A 1 5   ? 0.159   -11.345 16.664  1.00 30.78 ? 5    GLN A N    1 
ATOM   20   C  CA   . GLN A 1 5   ? 0.353   -9.940  16.357  1.00 24.40 ? 5    GLN A CA   1 
ATOM   21   C  C    . GLN A 1 5   ? 1.556   -9.638  15.502  1.00 25.15 ? 5    GLN A C    1 
ATOM   22   O  O    . GLN A 1 5   ? 2.625   -10.204 15.675  1.00 21.12 ? 5    GLN A O    1 
ATOM   23   C  CB   . GLN A 1 5   ? 0.367   -9.085  17.618  1.00 34.99 ? 5    GLN A CB   1 
ATOM   24   C  CG   . GLN A 1 5   ? 0.944   -9.760  18.860  1.00 54.36 ? 5    GLN A CG   1 
ATOM   25   C  CD   . GLN A 1 5   ? 0.634   -8.976  20.139  1.00 61.02 ? 5    GLN A CD   1 
ATOM   26   O  OE1  . GLN A 1 5   ? -0.186  -8.050  20.128  1.00 73.34 ? 5    GLN A OE1  1 
ATOM   27   N  NE2  . GLN A 1 5   ? 1.291   -9.338  21.241  1.00 59.34 ? 5    GLN A NE2  1 
ATOM   28   N  N    . ARG A 1 6   ? 1.352   -8.750  14.546  1.00 26.16 ? 6    ARG A N    1 
ATOM   29   C  CA   . ARG A 1 6   ? 2.404   -8.339  13.649  1.00 26.03 ? 6    ARG A CA   1 
ATOM   30   C  C    . ARG A 1 6   ? 2.369   -6.819  13.591  1.00 23.43 ? 6    ARG A C    1 
ATOM   31   O  O    . ARG A 1 6   ? 1.359   -6.212  13.946  1.00 21.42 ? 6    ARG A O    1 
ATOM   32   C  CB   . ARG A 1 6   ? 2.209   -8.988  12.279  1.00 15.92 ? 6    ARG A CB   1 
ATOM   33   C  CG   . ARG A 1 6   ? 2.481   -10.515 12.284  1.00 17.25 ? 6    ARG A CG   1 
ATOM   34   C  CD   . ARG A 1 6   ? 3.922   -10.804 12.701  1.00 11.56 ? 6    ARG A CD   1 
ATOM   35   N  NE   . ARG A 1 6   ? 4.341   -12.209 12.563  1.00 26.47 ? 6    ARG A NE   1 
ATOM   36   C  CZ   . ARG A 1 6   ? 4.470   -13.073 13.575  1.00 19.68 ? 6    ARG A CZ   1 
ATOM   37   N  NH1  . ARG A 1 6   ? 4.879   -14.306 13.363  1.00 13.11 ? 6    ARG A NH1  1 
ATOM   38   N  NH2  . ARG A 1 6   ? 4.089   -12.740 14.792  1.00 24.50 ? 6    ARG A NH2  1 
ATOM   39   N  N    . TYR A 1 7   ? 3.498   -6.216  13.238  1.00 21.61 ? 7    TYR A N    1 
ATOM   40   C  CA   . TYR A 1 7   ? 3.617   -4.766  13.169  1.00 19.87 ? 7    TYR A CA   1 
ATOM   41   C  C    . TYR A 1 7   ? 4.339   -4.275  11.927  1.00 22.03 ? 7    TYR A C    1 
ATOM   42   O  O    . TYR A 1 7   ? 5.479   -4.657  11.699  1.00 29.43 ? 7    TYR A O    1 
ATOM   43   C  CB   . TYR A 1 7   ? 4.443   -4.288  14.335  1.00 25.47 ? 7    TYR A CB   1 
ATOM   44   C  CG   . TYR A 1 7   ? 3.939   -4.777  15.627  1.00 26.54 ? 7    TYR A CG   1 
ATOM   45   C  CD1  . TYR A 1 7   ? 4.345   -6.002  16.124  1.00 28.65 ? 7    TYR A CD1  1 
ATOM   46   C  CD2  . TYR A 1 7   ? 3.026   -4.030  16.345  1.00 31.64 ? 7    TYR A CD2  1 
ATOM   47   C  CE1  . TYR A 1 7   ? 3.854   -6.476  17.306  1.00 25.25 ? 7    TYR A CE1  1 
ATOM   48   C  CE2  . TYR A 1 7   ? 2.521   -4.489  17.523  1.00 38.80 ? 7    TYR A CE2  1 
ATOM   49   C  CZ   . TYR A 1 7   ? 2.936   -5.718  18.009  1.00 38.40 ? 7    TYR A CZ   1 
ATOM   50   O  OH   . TYR A 1 7   ? 2.414   -6.183  19.210  1.00 47.65 ? 7    TYR A OH   1 
ATOM   51   N  N    . ILE A 1 8   ? 3.730   -3.363  11.182  1.00 19.10 ? 8    ILE A N    1 
ATOM   52   C  CA   . ILE A 1 8   ? 4.383   -2.831  10.001  1.00 19.86 ? 8    ILE A CA   1 
ATOM   53   C  C    . ILE A 1 8   ? 4.764   -1.364  10.189  1.00 17.07 ? 8    ILE A C    1 
ATOM   54   O  O    . ILE A 1 8   ? 3.933   -0.569  10.608  1.00 21.92 ? 8    ILE A O    1 
ATOM   55   C  CB   . ILE A 1 8   ? 3.454   -2.937  8.781   1.00 18.48 ? 8    ILE A CB   1 
ATOM   56   C  CG1  . ILE A 1 8   ? 3.046   -4.387  8.541   1.00 9.46  ? 8    ILE A CG1  1 
ATOM   57   C  CG2  . ILE A 1 8   ? 4.098   -2.309  7.552   1.00 3.76  ? 8    ILE A CG2  1 
ATOM   58   C  CD1  . ILE A 1 8   ? 1.871   -4.539  7.539   1.00 20.15 ? 8    ILE A CD1  1 
ATOM   59   N  N    . GLU A 1 9   ? 6.028   -1.026  9.975   1.00 18.98 ? 9    GLU A N    1 
ATOM   60   C  CA   . GLU A 1 9   ? 6.472   0.372   10.034  1.00 16.28 ? 9    GLU A CA   1 
ATOM   61   C  C    . GLU A 1 9   ? 6.340   0.781   8.577   1.00 16.26 ? 9    GLU A C    1 
ATOM   62   O  O    . GLU A 1 9   ? 7.101   0.313   7.733   1.00 14.44 ? 9    GLU A O    1 
ATOM   63   C  CB   . GLU A 1 9   ? 7.934   0.482   10.448  1.00 24.20 ? 9    GLU A CB   1 
ATOM   64   C  CG   . GLU A 1 9   ? 8.224   0.194   11.921  1.00 40.11 ? 9    GLU A CG   1 
ATOM   65   C  CD   . GLU A 1 9   ? 7.463   1.105   12.869  1.00 56.60 ? 9    GLU A CD   1 
ATOM   66   O  OE1  . GLU A 1 9   ? 6.906   0.579   13.860  1.00 69.95 ? 9    GLU A OE1  1 
ATOM   67   O  OE2  . GLU A 1 9   ? 7.426   2.344   12.649  1.00 60.56 ? 9    GLU A OE2  1 
ATOM   68   N  N    . LEU A 1 10  ? 5.368   1.626   8.261   1.00 16.01 ? 10   LEU A N    1 
ATOM   69   C  CA   . LEU A 1 10  ? 5.136   1.993   6.885   1.00 13.79 ? 10   LEU A CA   1 
ATOM   70   C  C    . LEU A 1 10  ? 5.533   3.408   6.556   1.00 17.23 ? 10   LEU A C    1 
ATOM   71   O  O    . LEU A 1 10  ? 5.181   4.328   7.273   1.00 21.95 ? 10   LEU A O    1 
ATOM   72   C  CB   . LEU A 1 10  ? 3.648   1.780   6.547   1.00 19.86 ? 10   LEU A CB   1 
ATOM   73   C  CG   . LEU A 1 10  ? 3.120   2.104   5.140   1.00 22.50 ? 10   LEU A CG   1 
ATOM   74   C  CD1  . LEU A 1 10  ? 3.458   0.982   4.164   1.00 30.29 ? 10   LEU A CD1  1 
ATOM   75   C  CD2  . LEU A 1 10  ? 1.630   2.365   5.125   1.00 20.97 ? 10   LEU A CD2  1 
ATOM   76   N  N    . ALA A 1 11  ? 6.256   3.576   5.449   1.00 21.27 ? 11   ALA A N    1 
ATOM   77   C  CA   . ALA A 1 11  ? 6.668   4.891   4.979   1.00 16.97 ? 11   ALA A CA   1 
ATOM   78   C  C    . ALA A 1 11  ? 5.753   5.202   3.813   1.00 17.09 ? 11   ALA A C    1 
ATOM   79   O  O    . ALA A 1 11  ? 5.514   4.338   2.985   1.00 22.87 ? 11   ALA A O    1 
ATOM   80   C  CB   . ALA A 1 11  ? 8.125   4.868   4.504   1.00 21.53 ? 11   ALA A CB   1 
ATOM   81   N  N    . ILE A 1 12  ? 5.197   6.405   3.770   1.00 18.53 ? 12   ILE A N    1 
ATOM   82   C  CA   . ILE A 1 12  ? 4.323   6.814   2.675   1.00 19.63 ? 12   ILE A CA   1 
ATOM   83   C  C    . ILE A 1 12  ? 5.019   8.026   2.078   1.00 20.14 ? 12   ILE A C    1 
ATOM   84   O  O    . ILE A 1 12  ? 5.472   8.903   2.817   1.00 21.63 ? 12   ILE A O    1 
ATOM   85   C  CB   . ILE A 1 12  ? 2.874   7.190   3.155   1.00 16.54 ? 12   ILE A CB   1 
ATOM   86   C  CG1  . ILE A 1 12  ? 2.126   5.953   3.635   1.00 18.59 ? 12   ILE A CG1  1 
ATOM   87   C  CG2  . ILE A 1 12  ? 2.065   7.846   2.030   1.00 22.38 ? 12   ILE A CG2  1 
ATOM   88   C  CD1  . ILE A 1 12  ? 0.673   6.264   3.986   1.00 21.86 ? 12   ILE A CD1  1 
ATOM   89   N  N    . VAL A 1 13  ? 5.192   8.022   0.760   1.00 19.96 ? 13   VAL A N    1 
ATOM   90   C  CA   . VAL A 1 13  ? 5.843   9.123   0.080   1.00 14.18 ? 13   VAL A CA   1 
ATOM   91   C  C    . VAL A 1 13  ? 4.906   9.588   -0.992  1.00 15.94 ? 13   VAL A C    1 
ATOM   92   O  O    . VAL A 1 13  ? 4.202   8.787   -1.602  1.00 19.12 ? 13   VAL A O    1 
ATOM   93   C  CB   . VAL A 1 13  ? 7.338   8.793   -0.361  1.00 20.39 ? 13   VAL A CB   1 
ATOM   94   C  CG1  . VAL A 1 13  ? 7.547   7.341   -0.540  1.00 20.43 ? 13   VAL A CG1  1 
ATOM   95   C  CG2  . VAL A 1 13  ? 7.776   9.571   -1.576  1.00 9.27  ? 13   VAL A CG2  1 
ATOM   96   N  N    . VAL A 1 14  ? 4.756   10.906  -1.052  1.00 17.42 ? 14   VAL A N    1 
ATOM   97   C  CA   . VAL A 1 14  ? 3.842   11.579  -1.967  1.00 17.75 ? 14   VAL A CA   1 
ATOM   98   C  C    . VAL A 1 14  ? 4.663   12.271  -2.995  1.00 14.54 ? 14   VAL A C    1 
ATOM   99   O  O    . VAL A 1 14  ? 5.577   12.998  -2.655  1.00 16.55 ? 14   VAL A O    1 
ATOM   100  C  CB   . VAL A 1 14  ? 2.999   12.634  -1.199  1.00 24.51 ? 14   VAL A CB   1 
ATOM   101  C  CG1  . VAL A 1 14  ? 2.148   13.441  -2.143  1.00 22.26 ? 14   VAL A CG1  1 
ATOM   102  C  CG2  . VAL A 1 14  ? 2.156   11.959  -0.113  1.00 13.05 ? 14   VAL A CG2  1 
ATOM   103  N  N    . ASP A 1 15  ? 4.343   12.039  -4.253  1.00 14.28 ? 15   ASP A N    1 
ATOM   104  C  CA   . ASP A 1 15  ? 5.116   12.652  -5.312  1.00 21.63 ? 15   ASP A CA   1 
ATOM   105  C  C    . ASP A 1 15  ? 4.719   14.101  -5.540  1.00 22.13 ? 15   ASP A C    1 
ATOM   106  O  O    . ASP A 1 15  ? 3.759   14.608  -4.958  1.00 23.17 ? 15   ASP A O    1 
ATOM   107  C  CB   . ASP A 1 15  ? 5.074   11.821  -6.618  1.00 14.60 ? 15   ASP A CB   1 
ATOM   108  C  CG   . ASP A 1 15  ? 3.747   11.886  -7.313  1.00 19.99 ? 15   ASP A CG   1 
ATOM   109  O  OD1  . ASP A 1 15  ? 3.618   11.341  -8.420  1.00 20.76 ? 15   ASP A OD1  1 
ATOM   110  O  OD2  . ASP A 1 15  ? 2.810   12.492  -6.767  1.00 28.36 ? 15   ASP A OD2  1 
ATOM   111  N  N    . HIS A 1 16  ? 5.511   14.765  -6.362  1.00 21.91 ? 16   HIS A N    1 
ATOM   112  C  CA   . HIS A 1 16  ? 5.337   16.162  -6.693  1.00 21.17 ? 16   HIS A CA   1 
ATOM   113  C  C    . HIS A 1 16  ? 3.999   16.435  -7.376  1.00 21.53 ? 16   HIS A C    1 
ATOM   114  O  O    . HIS A 1 16  ? 3.328   17.415  -7.064  1.00 25.29 ? 16   HIS A O    1 
ATOM   115  C  CB   . HIS A 1 16  ? 6.492   16.580  -7.570  1.00 17.73 ? 16   HIS A CB   1 
ATOM   116  C  CG   . HIS A 1 16  ? 6.630   18.047  -7.698  1.00 22.31 ? 16   HIS A CG   1 
ATOM   117  N  ND1  . HIS A 1 16  ? 6.475   18.703  -8.898  1.00 26.49 ? 16   HIS A ND1  1 
ATOM   118  C  CD2  . HIS A 1 16  ? 6.874   18.997  -6.771  1.00 31.78 ? 16   HIS A CD2  1 
ATOM   119  C  CE1  . HIS A 1 16  ? 6.615   20.002  -8.704  1.00 28.81 ? 16   HIS A CE1  1 
ATOM   120  N  NE2  . HIS A 1 16  ? 6.858   20.208  -7.422  1.00 36.21 ? 16   HIS A NE2  1 
ATOM   121  N  N    . GLY A 1 17  ? 3.628   15.581  -8.323  1.00 20.74 ? 17   GLY A N    1 
ATOM   122  C  CA   . GLY A 1 17  ? 2.345   15.714  -8.993  1.00 22.10 ? 17   GLY A CA   1 
ATOM   123  C  C    . GLY A 1 17  ? 1.208   15.810  -7.983  1.00 22.43 ? 17   GLY A C    1 
ATOM   124  O  O    . GLY A 1 17  ? 0.323   16.642  -8.121  1.00 23.49 ? 17   GLY A O    1 
ATOM   125  N  N    . MET A 1 18  ? 1.221   14.968  -6.953  1.00 25.96 ? 18   MET A N    1 
ATOM   126  C  CA   . MET A 1 18  ? 0.181   15.044  -5.938  1.00 23.71 ? 18   MET A CA   1 
ATOM   127  C  C    . MET A 1 18  ? 0.359   16.295  -5.053  1.00 25.04 ? 18   MET A C    1 
ATOM   128  O  O    . MET A 1 18  ? -0.621  16.884  -4.569  1.00 26.36 ? 18   MET A O    1 
ATOM   129  C  CB   . MET A 1 18  ? 0.093   13.781  -5.098  1.00 24.68 ? 18   MET A CB   1 
ATOM   130  C  CG   . MET A 1 18  ? -1.142  13.820  -4.269  1.00 15.39 ? 18   MET A CG   1 
ATOM   131  S  SD   . MET A 1 18  ? -1.478  12.258  -3.781  1.00 27.64 ? 18   MET A SD   1 
ATOM   132  C  CE   . MET A 1 18  ? -1.939  12.553  -2.178  1.00 13.15 ? 18   MET A CE   1 
ATOM   133  N  N    . TYR A 1 19  ? 1.596   16.746  -4.899  1.00 23.16 ? 19   TYR A N    1 
ATOM   134  C  CA   . TYR A 1 19  ? 1.837   17.945  -4.148  1.00 17.93 ? 19   TYR A CA   1 
ATOM   135  C  C    . TYR A 1 19  ? 1.160   19.148  -4.823  1.00 22.72 ? 19   TYR A C    1 
ATOM   136  O  O    . TYR A 1 19  ? 0.522   19.964  -4.149  1.00 21.47 ? 19   TYR A O    1 
ATOM   137  C  CB   . TYR A 1 19  ? 3.297   18.203  -4.056  1.00 11.81 ? 19   TYR A CB   1 
ATOM   138  C  CG   . TYR A 1 19  ? 3.567   19.433  -3.277  1.00 17.93 ? 19   TYR A CG   1 
ATOM   139  C  CD1  . TYR A 1 19  ? 3.199   19.521  -1.942  1.00 16.25 ? 19   TYR A CD1  1 
ATOM   140  C  CD2  . TYR A 1 19  ? 4.287   20.469  -3.835  1.00 19.35 ? 19   TYR A CD2  1 
ATOM   141  C  CE1  . TYR A 1 19  ? 3.560   20.599  -1.182  1.00 22.57 ? 19   TYR A CE1  1 
ATOM   142  C  CE2  . TYR A 1 19  ? 4.665   21.563  -3.074  1.00 20.03 ? 19   TYR A CE2  1 
ATOM   143  C  CZ   . TYR A 1 19  ? 4.307   21.621  -1.757  1.00 24.69 ? 19   TYR A CZ   1 
ATOM   144  O  OH   . TYR A 1 19  ? 4.759   22.680  -1.005  1.00 33.92 ? 19   TYR A OH   1 
ATOM   145  N  N    . LYS A 1 20  ? 1.301   19.274  -6.140  1.00 20.68 ? 20   LYS A N    1 
ATOM   146  C  CA   . LYS A 1 20  ? 0.681   20.383  -6.860  1.00 19.75 ? 20   LYS A CA   1 
ATOM   147  C  C    . LYS A 1 20  ? -0.837  20.290  -6.935  1.00 18.86 ? 20   LYS A C    1 
ATOM   148  O  O    . LYS A 1 20  ? -1.523  21.319  -6.987  1.00 18.94 ? 20   LYS A O    1 
ATOM   149  C  CB   . LYS A 1 20  ? 1.197   20.471  -8.282  1.00 28.28 ? 20   LYS A CB   1 
ATOM   150  C  CG   . LYS A 1 20  ? 2.645   20.148  -8.455  1.00 37.22 ? 20   LYS A CG   1 
ATOM   151  C  CD   . LYS A 1 20  ? 3.104   20.474  -9.875  1.00 46.96 ? 20   LYS A CD   1 
ATOM   152  C  CE   . LYS A 1 20  ? 2.222   19.824  -10.945 1.00 56.61 ? 20   LYS A CE   1 
ATOM   153  N  NZ   . LYS A 1 20  ? 2.863   19.845  -12.304 1.00 64.35 ? 20   LYS A NZ   1 
ATOM   154  N  N    . LYS A 1 21  ? -1.349  19.065  -7.046  1.00 18.25 ? 21   LYS A N    1 
ATOM   155  C  CA   . LYS A 1 21  ? -2.792  18.806  -7.125  1.00 19.17 ? 21   LYS A CA   1 
ATOM   156  C  C    . LYS A 1 21  ? -3.527  19.408  -5.924  1.00 26.69 ? 21   LYS A C    1 
ATOM   157  O  O    . LYS A 1 21  ? -4.567  20.049  -6.069  1.00 33.07 ? 21   LYS A O    1 
ATOM   158  C  CB   . LYS A 1 21  ? -3.054  17.301  -7.186  1.00 22.34 ? 21   LYS A CB   1 
ATOM   159  C  CG   . LYS A 1 21  ? -4.491  16.917  -6.925  1.00 16.59 ? 21   LYS A CG   1 
ATOM   160  C  CD   . LYS A 1 21  ? -4.672  15.441  -6.949  1.00 17.25 ? 21   LYS A CD   1 
ATOM   161  C  CE   . LYS A 1 21  ? -6.126  15.075  -6.861  1.00 16.19 ? 21   LYS A CE   1 
ATOM   162  N  NZ   . LYS A 1 21  ? -6.188  13.599  -6.741  1.00 26.47 ? 21   LYS A NZ   1 
ATOM   163  N  N    . TYR A 1 22  ? -2.992  19.165  -4.730  1.00 30.16 ? 22   TYR A N    1 
ATOM   164  C  CA   . TYR A 1 22  ? -3.548  19.703  -3.500  1.00 26.14 ? 22   TYR A CA   1 
ATOM   165  C  C    . TYR A 1 22  ? -3.068  21.137  -3.247  1.00 28.29 ? 22   TYR A C    1 
ATOM   166  O  O    . TYR A 1 22  ? -2.897  21.586  -2.120  1.00 29.62 ? 22   TYR A O    1 
ATOM   167  C  CB   . TYR A 1 22  ? -3.259  18.757  -2.345  1.00 20.60 ? 22   TYR A CB   1 
ATOM   168  C  CG   . TYR A 1 22  ? -4.135  17.554  -2.485  1.00 19.83 ? 22   TYR A CG   1 
ATOM   169  C  CD1  . TYR A 1 22  ? -5.430  17.567  -1.994  1.00 15.90 ? 22   TYR A CD1  1 
ATOM   170  C  CD2  . TYR A 1 22  ? -3.693  16.425  -3.156  1.00 19.32 ? 22   TYR A CD2  1 
ATOM   171  C  CE1  . TYR A 1 22  ? -6.260  16.488  -2.161  1.00 19.66 ? 22   TYR A CE1  1 
ATOM   172  C  CE2  . TYR A 1 22  ? -4.508  15.348  -3.331  1.00 19.01 ? 22   TYR A CE2  1 
ATOM   173  C  CZ   . TYR A 1 22  ? -5.791  15.379  -2.828  1.00 21.74 ? 22   TYR A CZ   1 
ATOM   174  O  OH   . TYR A 1 22  ? -6.602  14.286  -2.973  1.00 25.76 ? 22   TYR A OH   1 
ATOM   175  N  N    . ASN A 1 23  ? -2.810  21.826  -4.351  1.00 32.00 ? 23   ASN A N    1 
ATOM   176  C  CA   . ASN A 1 23  ? -2.407  23.205  -4.355  1.00 32.03 ? 23   ASN A CA   1 
ATOM   177  C  C    . ASN A 1 23  ? -1.236  23.500  -3.427  1.00 33.13 ? 23   ASN A C    1 
ATOM   178  O  O    . ASN A 1 23  ? -1.243  24.489  -2.701  1.00 38.45 ? 23   ASN A O    1 
ATOM   179  C  CB   . ASN A 1 23  ? -3.632  24.047  -3.999  1.00 38.20 ? 23   ASN A CB   1 
ATOM   180  C  CG   . ASN A 1 23  ? -3.550  25.418  -4.568  1.00 45.11 ? 23   ASN A CG   1 
ATOM   181  O  OD1  . ASN A 1 23  ? -2.909  25.631  -5.598  1.00 60.48 ? 23   ASN A OD1  1 
ATOM   182  N  ND2  . ASN A 1 23  ? -4.168  26.377  -3.897  1.00 56.40 ? 23   ASN A ND2  1 
ATOM   183  N  N    . GLN A 1 24  ? -0.204  22.669  -3.490  1.00 30.79 ? 24   GLN A N    1 
ATOM   184  C  CA   . GLN A 1 24  ? 0.981   22.824  -2.643  1.00 33.92 ? 24   GLN A CA   1 
ATOM   185  C  C    . GLN A 1 24  ? 0.657   22.957  -1.169  1.00 33.68 ? 24   GLN A C    1 
ATOM   186  O  O    . GLN A 1 24  ? 1.350   23.672  -0.461  1.00 38.99 ? 24   GLN A O    1 
ATOM   187  C  CB   . GLN A 1 24  ? 1.842   24.042  -3.015  1.00 38.28 ? 24   GLN A CB   1 
ATOM   188  C  CG   . GLN A 1 24  ? 1.442   24.860  -4.223  1.00 45.67 ? 24   GLN A CG   1 
ATOM   189  C  CD   . GLN A 1 24  ? 2.108   24.371  -5.467  1.00 46.23 ? 24   GLN A CD   1 
ATOM   190  O  OE1  . GLN A 1 24  ? 3.320   24.523  -5.628  1.00 39.58 ? 24   GLN A OE1  1 
ATOM   191  N  NE2  . GLN A 1 24  ? 1.323   23.763  -6.366  1.00 54.73 ? 24   GLN A NE2  1 
ATOM   192  N  N    . ASN A 1 25  ? -0.388  22.297  -0.696  1.00 32.64 ? 25   ASN A N    1 
ATOM   193  C  CA   . ASN A 1 25  ? -0.737  22.399  0.708   1.00 30.09 ? 25   ASN A CA   1 
ATOM   194  C  C    . ASN A 1 25  ? -0.383  21.120  1.455   1.00 30.82 ? 25   ASN A C    1 
ATOM   195  O  O    . ASN A 1 25  ? -1.116  20.137  1.379   1.00 32.22 ? 25   ASN A O    1 
ATOM   196  C  CB   . ASN A 1 25  ? -2.225  22.672  0.849   1.00 32.02 ? 25   ASN A CB   1 
ATOM   197  C  CG   . ASN A 1 25  ? -2.618  23.043  2.258   1.00 35.66 ? 25   ASN A CG   1 
ATOM   198  O  OD1  . ASN A 1 25  ? -2.314  22.330  3.225   1.00 33.49 ? 25   ASN A OD1  1 
ATOM   199  N  ND2  . ASN A 1 25  ? -3.312  24.159  2.386   1.00 32.17 ? 25   ASN A ND2  1 
ATOM   200  N  N    . SER A 1 26  ? 0.710   21.139  2.213   1.00 26.36 ? 26   SER A N    1 
ATOM   201  C  CA   . SER A 1 26  ? 1.116   19.956  2.957   1.00 25.88 ? 26   SER A CA   1 
ATOM   202  C  C    . SER A 1 26  ? 0.094   19.518  3.975   1.00 22.60 ? 26   SER A C    1 
ATOM   203  O  O    . SER A 1 26  ? -0.135  18.317  4.140   1.00 27.01 ? 26   SER A O    1 
ATOM   204  C  CB   . SER A 1 26  ? 2.442   20.180  3.632   1.00 24.17 ? 26   SER A CB   1 
ATOM   205  O  OG   . SER A 1 26  ? 3.409   20.455  2.646   1.00 48.18 ? 26   SER A OG   1 
ATOM   206  N  N    . ASP A 1 27  ? -0.532  20.481  4.643   1.00 22.69 ? 27   ASP A N    1 
ATOM   207  C  CA   . ASP A 1 27  ? -1.562  20.177  5.644   1.00 23.45 ? 27   ASP A CA   1 
ATOM   208  C  C    . ASP A 1 27  ? -2.669  19.318  5.063   1.00 27.23 ? 27   ASP A C    1 
ATOM   209  O  O    . ASP A 1 27  ? -3.106  18.335  5.672   1.00 31.03 ? 27   ASP A O    1 
ATOM   210  C  CB   . ASP A 1 27  ? -2.190  21.464  6.163   1.00 28.90 ? 27   ASP A CB   1 
ATOM   211  C  CG   . ASP A 1 27  ? -1.237  22.257  6.980   1.00 28.05 ? 27   ASP A CG   1 
ATOM   212  O  OD1  . ASP A 1 27  ? -0.409  21.610  7.657   1.00 23.47 ? 27   ASP A OD1  1 
ATOM   213  O  OD2  . ASP A 1 27  ? -1.301  23.506  6.938   1.00 28.43 ? 27   ASP A OD2  1 
ATOM   214  N  N    . LYS A 1 28  ? -3.164  19.735  3.905   1.00 27.97 ? 28   LYS A N    1 
ATOM   215  C  CA   . LYS A 1 28  ? -4.215  19.009  3.228   1.00 25.27 ? 28   LYS A CA   1 
ATOM   216  C  C    . LYS A 1 28  ? -3.734  17.605  2.907   1.00 21.52 ? 28   LYS A C    1 
ATOM   217  O  O    . LYS A 1 28  ? -4.483  16.654  3.064   1.00 22.80 ? 28   LYS A O    1 
ATOM   218  C  CB   . LYS A 1 28  ? -4.645  19.760  1.970   1.00 29.67 ? 28   LYS A CB   1 
ATOM   219  C  CG   . LYS A 1 28  ? -5.345  21.080  2.285   1.00 34.75 ? 28   LYS A CG   1 
ATOM   220  C  CD   . LYS A 1 28  ? -6.215  21.561  1.129   1.00 46.46 ? 28   LYS A CD   1 
ATOM   221  C  CE   . LYS A 1 28  ? -7.301  22.516  1.610   1.00 49.96 ? 28   LYS A CE   1 
ATOM   222  N  NZ   . LYS A 1 28  ? -6.721  23.758  2.193   1.00 60.90 ? 28   LYS A NZ   1 
ATOM   223  N  N    . ILE A 1 29  ? -2.472  17.467  2.520   1.00 18.08 ? 29   ILE A N    1 
ATOM   224  C  CA   . ILE A 1 29  ? -1.937  16.143  2.208   1.00 21.27 ? 29   ILE A CA   1 
ATOM   225  C  C    . ILE A 1 29  ? -1.889  15.276  3.460   1.00 20.75 ? 29   ILE A C    1 
ATOM   226  O  O    . ILE A 1 29  ? -2.363  14.134  3.455   1.00 25.60 ? 29   ILE A O    1 
ATOM   227  C  CB   . ILE A 1 29  ? -0.542  16.228  1.471   1.00 17.94 ? 29   ILE A CB   1 
ATOM   228  C  CG1  . ILE A 1 29  ? -0.775  16.623  -0.002  1.00 22.06 ? 29   ILE A CG1  1 
ATOM   229  C  CG2  . ILE A 1 29  ? 0.205   14.892  1.533   1.00 14.58 ? 29   ILE A CG2  1 
ATOM   230  C  CD1  . ILE A 1 29  ? 0.452   17.154  -0.746  1.00 22.45 ? 29   ILE A CD1  1 
ATOM   231  N  N    . LYS A 1 30  ? -1.392  15.858  4.547   1.00 23.10 ? 30   LYS A N    1 
ATOM   232  C  CA   . LYS A 1 30  ? -1.282  15.178  5.842   1.00 23.60 ? 30   LYS A CA   1 
ATOM   233  C  C    . LYS A 1 30  ? -2.596  14.677  6.468   1.00 19.42 ? 30   LYS A C    1 
ATOM   234  O  O    . LYS A 1 30  ? -2.601  13.634  7.124   1.00 23.86 ? 30   LYS A O    1 
ATOM   235  C  CB   . LYS A 1 30  ? -0.575  16.076  6.840   1.00 21.13 ? 30   LYS A CB   1 
ATOM   236  C  CG   . LYS A 1 30  ? 0.825   16.411  6.490   1.00 23.04 ? 30   LYS A CG   1 
ATOM   237  C  CD   . LYS A 1 30  ? 1.336   17.239  7.627   1.00 30.05 ? 30   LYS A CD   1 
ATOM   238  C  CE   . LYS A 1 30  ? 2.370   18.236  7.190   1.00 33.79 ? 30   LYS A CE   1 
ATOM   239  N  NZ   . LYS A 1 30  ? 3.528   17.546  6.600   1.00 40.02 ? 30   LYS A NZ   1 
ATOM   240  N  N    . VAL A 1 31  ? -3.685  15.437  6.326   1.00 23.22 ? 31   VAL A N    1 
ATOM   241  C  CA   . VAL A 1 31  ? -5.002  15.031  6.849   1.00 22.92 ? 31   VAL A CA   1 
ATOM   242  C  C    . VAL A 1 31  ? -5.438  13.784  6.069   1.00 25.11 ? 31   VAL A C    1 
ATOM   243  O  O    . VAL A 1 31  ? -5.985  12.846  6.648   1.00 25.95 ? 31   VAL A O    1 
ATOM   244  C  CB   . VAL A 1 31  ? -6.104  16.169  6.665   1.00 23.86 ? 31   VAL A CB   1 
ATOM   245  C  CG1  . VAL A 1 31  ? -7.483  15.699  7.161   1.00 17.66 ? 31   VAL A CG1  1 
ATOM   246  C  CG2  . VAL A 1 31  ? -5.712  17.426  7.429   1.00 14.05 ? 31   VAL A CG2  1 
ATOM   247  N  N    . ARG A 1 32  ? -5.233  13.808  4.748   1.00 23.47 ? 32   ARG A N    1 
ATOM   248  C  CA   . ARG A 1 32  ? -5.586  12.690  3.896   1.00 19.77 ? 32   ARG A CA   1 
ATOM   249  C  C    . ARG A 1 32  ? -4.786  11.515  4.340   1.00 16.63 ? 32   ARG A C    1 
ATOM   250  O  O    . ARG A 1 32  ? -5.363  10.537  4.756   1.00 26.55 ? 32   ARG A O    1 
ATOM   251  C  CB   . ARG A 1 32  ? -5.299  12.965  2.424   1.00 15.61 ? 32   ARG A CB   1 
ATOM   252  C  CG   . ARG A 1 32  ? -6.361  13.788  1.790   1.00 24.03 ? 32   ARG A CG   1 
ATOM   253  C  CD   . ARG A 1 32  ? -6.196  13.893  0.293   1.00 32.36 ? 32   ARG A CD   1 
ATOM   254  N  NE   . ARG A 1 32  ? -6.642  12.694  -0.429  1.00 37.04 ? 32   ARG A NE   1 
ATOM   255  C  CZ   . ARG A 1 32  ? -7.904  12.435  -0.783  1.00 31.62 ? 32   ARG A CZ   1 
ATOM   256  N  NH1  . ARG A 1 32  ? -8.873  13.282  -0.469  1.00 22.74 ? 32   ARG A NH1  1 
ATOM   257  N  NH2  . ARG A 1 32  ? -8.178  11.384  -1.564  1.00 16.40 ? 32   ARG A NH2  1 
ATOM   258  N  N    . VAL A 1 33  ? -3.465  11.632  4.355   1.00 14.03 ? 33   VAL A N    1 
ATOM   259  C  CA   . VAL A 1 33  ? -2.636  10.501  4.771   1.00 14.92 ? 33   VAL A CA   1 
ATOM   260  C  C    . VAL A 1 33  ? -2.916  9.882   6.171   1.00 19.54 ? 33   VAL A C    1 
ATOM   261  O  O    . VAL A 1 33  ? -2.842  8.660   6.325   1.00 23.20 ? 33   VAL A O    1 
ATOM   262  C  CB   . VAL A 1 33  ? -1.123  10.813  4.571   1.00 19.06 ? 33   VAL A CB   1 
ATOM   263  C  CG1  . VAL A 1 33  ? -0.291  9.707   5.148   1.00 23.33 ? 33   VAL A CG1  1 
ATOM   264  C  CG2  . VAL A 1 33  ? -0.805  10.953  3.093   1.00 9.71  ? 33   VAL A CG2  1 
ATOM   265  N  N    . HIS A 1 34  ? -3.210  10.697  7.196   1.00 22.65 ? 34   HIS A N    1 
ATOM   266  C  CA   . HIS A 1 34  ? -3.500  10.164  8.552   1.00 15.83 ? 34   HIS A CA   1 
ATOM   267  C  C    . HIS A 1 34  ? -4.846  9.465   8.637   1.00 15.77 ? 34   HIS A C    1 
ATOM   268  O  O    . HIS A 1 34  ? -5.007  8.506   9.367   1.00 17.04 ? 34   HIS A O    1 
ATOM   269  C  CB   . HIS A 1 34  ? -3.418  11.252  9.613   1.00 23.16 ? 34   HIS A CB   1 
ATOM   270  C  CG   . HIS A 1 34  ? -2.026  11.693  9.886   1.00 18.86 ? 34   HIS A CG   1 
ATOM   271  N  ND1  . HIS A 1 34  ? -1.093  10.855  10.462  1.00 25.09 ? 34   HIS A ND1  1 
ATOM   272  C  CD2  . HIS A 1 34  ? -1.361  12.818  9.535   1.00 19.34 ? 34   HIS A CD2  1 
ATOM   273  C  CE1  . HIS A 1 34  ? 0.093   11.440  10.442  1.00 21.25 ? 34   HIS A CE1  1 
ATOM   274  N  NE2  . HIS A 1 34  ? -0.044  12.634  9.885   1.00 23.99 ? 34   HIS A NE2  1 
ATOM   275  N  N    . GLN A 1 35  ? -5.811  9.938   7.864   1.00 17.20 ? 35   GLN A N    1 
ATOM   276  C  CA   . GLN A 1 35  ? -7.121  9.320   7.837   1.00 19.31 ? 35   GLN A CA   1 
ATOM   277  C  C    . GLN A 1 35  ? -6.954  7.948   7.207   1.00 19.49 ? 35   GLN A C    1 
ATOM   278  O  O    . GLN A 1 35  ? -7.548  6.966   7.669   1.00 16.53 ? 35   GLN A O    1 
ATOM   279  C  CB   . GLN A 1 35  ? -8.089  10.170  7.008   1.00 21.52 ? 35   GLN A CB   1 
ATOM   280  C  CG   . GLN A 1 35  ? -8.531  11.452  7.669   1.00 24.74 ? 35   GLN A CG   1 
ATOM   281  C  CD   . GLN A 1 35  ? -9.359  12.341  6.759   1.00 28.02 ? 35   GLN A CD   1 
ATOM   282  O  OE1  . GLN A 1 35  ? -10.572 12.426  6.891   1.00 27.97 ? 35   GLN A OE1  1 
ATOM   283  N  NE2  . GLN A 1 35  ? -8.698  13.024  5.845   1.00 38.20 ? 35   GLN A NE2  1 
ATOM   284  N  N    . MET A 1 36  ? -6.147  7.897   6.142   1.00 26.54 ? 36   MET A N    1 
ATOM   285  C  CA   . MET A 1 36  ? -5.861  6.666   5.399   1.00 20.05 ? 36   MET A CA   1 
ATOM   286  C  C    . MET A 1 36  ? -5.259  5.643   6.314   1.00 20.50 ? 36   MET A C    1 
ATOM   287  O  O    . MET A 1 36  ? -5.748  4.522   6.357   1.00 27.32 ? 36   MET A O    1 
ATOM   288  C  CB   . MET A 1 36  ? -4.893  6.907   4.248   1.00 20.62 ? 36   MET A CB   1 
ATOM   289  C  CG   . MET A 1 36  ? -5.541  7.354   2.962   1.00 19.13 ? 36   MET A CG   1 
ATOM   290  S  SD   . MET A 1 36  ? -4.362  7.394   1.605   1.00 27.18 ? 36   MET A SD   1 
ATOM   291  C  CE   . MET A 1 36  ? -3.791  5.717   1.582   1.00 10.51 ? 36   MET A CE   1 
ATOM   292  N  N    . VAL A 1 37  ? -4.220  6.027   7.058   1.00 20.33 ? 37   VAL A N    1 
ATOM   293  C  CA   . VAL A 1 37  ? -3.565  5.107   8.001   1.00 23.71 ? 37   VAL A CA   1 
ATOM   294  C  C    . VAL A 1 37  ? -4.595  4.579   9.017   1.00 25.27 ? 37   VAL A C    1 
ATOM   295  O  O    . VAL A 1 37  ? -4.546  3.404   9.418   1.00 27.80 ? 37   VAL A O    1 
ATOM   296  C  CB   . VAL A 1 37  ? -2.352  5.778   8.757   1.00 25.89 ? 37   VAL A CB   1 
ATOM   297  C  CG1  . VAL A 1 37  ? -1.731  4.787   9.751   1.00 15.64 ? 37   VAL A CG1  1 
ATOM   298  C  CG2  . VAL A 1 37  ? -1.272  6.248   7.752   1.00 16.01 ? 37   VAL A CG2  1 
ATOM   299  N  N    . ASN A 1 38  ? -5.527  5.444   9.432   1.00 26.11 ? 38   ASN A N    1 
ATOM   300  C  CA   . ASN A 1 38  ? -6.580  5.051   10.370  1.00 24.27 ? 38   ASN A CA   1 
ATOM   301  C  C    . ASN A 1 38  ? -7.476  3.972   9.713   1.00 24.50 ? 38   ASN A C    1 
ATOM   302  O  O    . ASN A 1 38  ? -7.772  2.939   10.323  1.00 20.99 ? 38   ASN A O    1 
ATOM   303  C  CB   . ASN A 1 38  ? -7.400  6.275   10.824  1.00 31.26 ? 38   ASN A CB   1 
ATOM   304  C  CG   . ASN A 1 38  ? -6.813  6.959   12.079  1.00 39.22 ? 38   ASN A CG   1 
ATOM   305  O  OD1  . ASN A 1 38  ? -6.728  8.192   12.183  1.00 38.44 ? 38   ASN A OD1  1 
ATOM   306  N  ND2  . ASN A 1 38  ? -6.484  6.155   13.061  1.00 49.69 ? 38   ASN A ND2  1 
ATOM   307  N  N    . HIS A 1 39  ? -7.873  4.193   8.455   1.00 25.80 ? 39   HIS A N    1 
ATOM   308  C  CA   . HIS A 1 39  ? -8.680  3.221   7.702   1.00 23.36 ? 39   HIS A CA   1 
ATOM   309  C  C    . HIS A 1 39  ? -7.987  1.871   7.514   1.00 20.00 ? 39   HIS A C    1 
ATOM   310  O  O    . HIS A 1 39  ? -8.607  0.834   7.672   1.00 21.77 ? 39   HIS A O    1 
ATOM   311  C  CB   . HIS A 1 39  ? -9.016  3.777   6.333   1.00 25.61 ? 39   HIS A CB   1 
ATOM   312  C  CG   . HIS A 1 39  ? -10.133 4.754   6.362   1.00 26.28 ? 39   HIS A CG   1 
ATOM   313  N  ND1  . HIS A 1 39  ? -11.398 4.413   6.789   1.00 32.57 ? 39   HIS A ND1  1 
ATOM   314  C  CD2  . HIS A 1 39  ? -10.169 6.076   6.082   1.00 30.87 ? 39   HIS A CD2  1 
ATOM   315  C  CE1  . HIS A 1 39  ? -12.165 5.486   6.779   1.00 32.03 ? 39   HIS A CE1  1 
ATOM   316  N  NE2  . HIS A 1 39  ? -11.444 6.508   6.354   1.00 31.05 ? 39   HIS A NE2  1 
ATOM   317  N  N    . ILE A 1 40  ? -6.697  1.911   7.178   1.00 25.01 ? 40   ILE A N    1 
ATOM   318  C  CA   . ILE A 1 40  ? -5.871  0.715   6.951   1.00 22.56 ? 40   ILE A CA   1 
ATOM   319  C  C    . ILE A 1 40  ? -5.822  -0.122  8.231   1.00 19.26 ? 40   ILE A C    1 
ATOM   320  O  O    . ILE A 1 40  ? -6.158  -1.318  8.227   1.00 21.42 ? 40   ILE A O    1 
ATOM   321  C  CB   . ILE A 1 40  ? -4.447  1.134   6.413   1.00 17.72 ? 40   ILE A CB   1 
ATOM   322  C  CG1  . ILE A 1 40  ? -4.590  1.706   4.990   1.00 19.73 ? 40   ILE A CG1  1 
ATOM   323  C  CG2  . ILE A 1 40  ? -3.502  -0.034  6.349   1.00 17.05 ? 40   ILE A CG2  1 
ATOM   324  C  CD1  . ILE A 1 40  ? -3.409  2.507   4.513   1.00 14.59 ? 40   ILE A CD1  1 
ATOM   325  N  N    . ASN A 1 41  ? -5.503  0.533   9.339   1.00 15.82 ? 41   ASN A N    1 
ATOM   326  C  CA   . ASN A 1 41  ? -5.457  -0.149  10.615  1.00 18.70 ? 41   ASN A CA   1 
ATOM   327  C  C    . ASN A 1 41  ? -6.803  -0.742  10.902  1.00 16.70 ? 41   ASN A C    1 
ATOM   328  O  O    . ASN A 1 41  ? -6.891  -1.847  11.404  1.00 19.92 ? 41   ASN A O    1 
ATOM   329  C  CB   . ASN A 1 41  ? -5.099  0.810   11.728  1.00 14.68 ? 41   ASN A CB   1 
ATOM   330  C  CG   . ASN A 1 41  ? -3.644  0.757   12.067  1.00 21.41 ? 41   ASN A CG   1 
ATOM   331  O  OD1  . ASN A 1 41  ? -3.103  -0.304  12.409  1.00 20.57 ? 41   ASN A OD1  1 
ATOM   332  N  ND2  . ASN A 1 41  ? -2.978  1.890   11.944  1.00 21.84 ? 41   ASN A ND2  1 
ATOM   333  N  N    . GLU A 1 42  ? -7.860  -0.022  10.560  1.00 12.23 ? 42   GLU A N    1 
ATOM   334  C  CA   . GLU A 1 42  ? -9.189  -0.547  10.802  1.00 18.09 ? 42   GLU A CA   1 
ATOM   335  C  C    . GLU A 1 42  ? -9.401  -1.836  10.015  1.00 20.32 ? 42   GLU A C    1 
ATOM   336  O  O    . GLU A 1 42  ? -9.943  -2.808  10.551  1.00 16.42 ? 42   GLU A O    1 
ATOM   337  C  CB   . GLU A 1 42  ? -10.259 0.476   10.441  1.00 22.15 ? 42   GLU A CB   1 
ATOM   338  C  CG   . GLU A 1 42  ? -11.695 -0.024  10.596  1.00 37.87 ? 42   GLU A CG   1 
ATOM   339  C  CD   . GLU A 1 42  ? -12.727 0.749   9.730   1.00 49.23 ? 42   GLU A CD   1 
ATOM   340  O  OE1  . GLU A 1 42  ? -13.917 0.777   10.139  1.00 53.45 ? 42   GLU A OE1  1 
ATOM   341  O  OE2  . GLU A 1 42  ? -12.374 1.298   8.640   1.00 48.67 ? 42   GLU A OE2  1 
ATOM   342  N  N    . MET A 1 43  ? -8.966  -1.857  8.751   1.00 20.55 ? 43   MET A N    1 
ATOM   343  C  CA   . MET A 1 43  ? -9.139  -3.037  7.919   1.00 15.39 ? 43   MET A CA   1 
ATOM   344  C  C    . MET A 1 43  ? -8.211  -4.184  8.268   1.00 15.72 ? 43   MET A C    1 
ATOM   345  O  O    . MET A 1 43  ? -8.550  -5.347  8.051   1.00 20.10 ? 43   MET A O    1 
ATOM   346  C  CB   . MET A 1 43  ? -9.076  -2.657  6.437   1.00 17.53 ? 43   MET A CB   1 
ATOM   347  C  CG   . MET A 1 43  ? -10.298 -1.840  6.028   1.00 14.65 ? 43   MET A CG   1 
ATOM   348  S  SD   . MET A 1 43  ? -10.396 -1.210  4.376   1.00 20.35 ? 43   MET A SD   1 
ATOM   349  C  CE   . MET A 1 43  ? -9.632  0.324   4.593   1.00 12.02 ? 43   MET A CE   1 
ATOM   350  N  N    . TYR A 1 44  ? -7.065  -3.884  8.861   1.00 16.42 ? 44   TYR A N    1 
ATOM   351  C  CA   . TYR A 1 44  ? -6.138  -4.943  9.245   1.00 16.75 ? 44   TYR A CA   1 
ATOM   352  C  C    . TYR A 1 44  ? -6.298  -5.495  10.642  1.00 19.07 ? 44   TYR A C    1 
ATOM   353  O  O    . TYR A 1 44  ? -5.608  -6.428  11.023  1.00 23.55 ? 44   TYR A O    1 
ATOM   354  C  CB   . TYR A 1 44  ? -4.692  -4.507  9.015   1.00 19.31 ? 44   TYR A CB   1 
ATOM   355  C  CG   . TYR A 1 44  ? -4.233  -4.812  7.584   1.00 17.84 ? 44   TYR A CG   1 
ATOM   356  C  CD1  . TYR A 1 44  ? -4.043  -6.122  7.162   1.00 13.92 ? 44   TYR A CD1  1 
ATOM   357  C  CD2  . TYR A 1 44  ? -4.079  -3.801  6.650   1.00 17.94 ? 44   TYR A CD2  1 
ATOM   358  C  CE1  . TYR A 1 44  ? -3.723  -6.412  5.836   1.00 21.77 ? 44   TYR A CE1  1 
ATOM   359  C  CE2  . TYR A 1 44  ? -3.758  -4.084  5.345   1.00 19.36 ? 44   TYR A CE2  1 
ATOM   360  C  CZ   . TYR A 1 44  ? -3.587  -5.381  4.937   1.00 17.96 ? 44   TYR A CZ   1 
ATOM   361  O  OH   . TYR A 1 44  ? -3.321  -5.648  3.617   1.00 20.36 ? 44   TYR A OH   1 
ATOM   362  N  N    . ARG A 1 45  ? -7.224  -4.930  11.401  1.00 23.66 ? 45   ARG A N    1 
ATOM   363  C  CA   . ARG A 1 45  ? -7.476  -5.336  12.779  1.00 22.34 ? 45   ARG A CA   1 
ATOM   364  C  C    . ARG A 1 45  ? -7.860  -6.821  12.906  1.00 21.44 ? 45   ARG A C    1 
ATOM   365  O  O    . ARG A 1 45  ? -7.400  -7.507  13.813  1.00 25.69 ? 45   ARG A O    1 
ATOM   366  C  CB   . ARG A 1 45  ? -8.529  -4.410  13.410  1.00 23.95 ? 45   ARG A CB   1 
ATOM   367  C  CG   . ARG A 1 45  ? -8.857  -4.724  14.864  1.00 31.62 ? 45   ARG A CG   1 
ATOM   368  C  CD   . ARG A 1 45  ? -9.779  -3.699  15.489  1.00 28.52 ? 45   ARG A CD   1 
ATOM   369  N  NE   . ARG A 1 45  ? -9.200  -2.356  15.456  1.00 30.31 ? 45   ARG A NE   1 
ATOM   370  C  CZ   . ARG A 1 45  ? -8.348  -1.861  16.359  1.00 36.12 ? 45   ARG A CZ   1 
ATOM   371  N  NH1  . ARG A 1 45  ? -7.950  -2.602  17.400  1.00 27.66 ? 45   ARG A NH1  1 
ATOM   372  N  NH2  . ARG A 1 45  ? -7.911  -0.599  16.230  1.00 33.51 ? 45   ARG A NH2  1 
ATOM   373  N  N    . PRO A 1 46  ? -8.735  -7.335  12.021  1.00 18.47 ? 46   PRO A N    1 
ATOM   374  C  CA   . PRO A 1 46  ? -9.085  -8.750  12.133  1.00 11.35 ? 46   PRO A CA   1 
ATOM   375  C  C    . PRO A 1 46  ? -7.892  -9.690  11.841  1.00 15.38 ? 46   PRO A C    1 
ATOM   376  O  O    . PRO A 1 46  ? -7.934  -10.870 12.126  1.00 26.69 ? 46   PRO A O    1 
ATOM   377  C  CB   . PRO A 1 46  ? -10.177 -8.885  11.083  1.00 8.03  ? 46   PRO A CB   1 
ATOM   378  C  CG   . PRO A 1 46  ? -10.811 -7.586  11.105  1.00 11.51 ? 46   PRO A CG   1 
ATOM   379  C  CD   . PRO A 1 46  ? -9.658  -6.663  11.095  1.00 13.49 ? 46   PRO A CD   1 
ATOM   380  N  N    . LEU A 1 47  ? -6.844  -9.185  11.224  1.00 15.68 ? 47   LEU A N    1 
ATOM   381  C  CA   . LEU A 1 47  ? -5.691  -10.020 10.952  1.00 18.22 ? 47   LEU A CA   1 
ATOM   382  C  C    . LEU A 1 47  ? -4.628  -9.801  12.020  1.00 19.51 ? 47   LEU A C    1 
ATOM   383  O  O    . LEU A 1 47  ? -3.547  -10.380 11.969  1.00 21.99 ? 47   LEU A O    1 
ATOM   384  C  CB   . LEU A 1 47  ? -5.107  -9.712  9.573   1.00 17.31 ? 47   LEU A CB   1 
ATOM   385  C  CG   . LEU A 1 47  ? -5.733  -10.378 8.358   1.00 15.89 ? 47   LEU A CG   1 
ATOM   386  C  CD1  . LEU A 1 47  ? -7.184  -10.048 8.298   1.00 17.94 ? 47   LEU A CD1  1 
ATOM   387  C  CD2  . LEU A 1 47  ? -5.056  -9.849  7.106   1.00 21.00 ? 47   LEU A CD2  1 
ATOM   388  N  N    . ASN A 1 48  ? -4.902  -8.900  12.949  1.00 15.31 ? 48   ASN A N    1 
ATOM   389  C  CA   . ASN A 1 48  ? -3.975  -8.634  14.037  1.00 20.45 ? 48   ASN A CA   1 
ATOM   390  C  C    . ASN A 1 48  ? -2.690  -7.960  13.589  1.00 20.30 ? 48   ASN A C    1 
ATOM   391  O  O    . ASN A 1 48  ? -1.634  -8.151  14.206  1.00 20.10 ? 48   ASN A O    1 
ATOM   392  C  CB   . ASN A 1 48  ? -3.659  -9.933  14.805  1.00 25.52 ? 48   ASN A CB   1 
ATOM   393  C  CG   . ASN A 1 48  ? -3.445  -9.719  16.297  1.00 35.02 ? 48   ASN A CG   1 
ATOM   394  O  OD1  . ASN A 1 48  ? -3.160  -10.675 17.018  1.00 40.50 ? 48   ASN A OD1  1 
ATOM   395  N  ND2  . ASN A 1 48  ? -3.569  -8.480  16.770  1.00 38.57 ? 48   ASN A ND2  1 
ATOM   396  N  N    . ILE A 1 49  ? -2.792  -7.119  12.559  1.00 20.63 ? 49   ILE A N    1 
ATOM   397  C  CA   . ILE A 1 49  ? -1.632  -6.379  12.053  1.00 21.53 ? 49   ILE A CA   1 
ATOM   398  C  C    . ILE A 1 49  ? -1.795  -4.901  12.386  1.00 20.05 ? 49   ILE A C    1 
ATOM   399  O  O    . ILE A 1 49  ? -2.827  -4.293  12.091  1.00 24.47 ? 49   ILE A O    1 
ATOM   400  C  CB   . ILE A 1 49  ? -1.443  -6.533  10.501  1.00 22.98 ? 49   ILE A CB   1 
ATOM   401  C  CG1  . ILE A 1 49  ? -1.392  -8.007  10.111  1.00 14.08 ? 49   ILE A CG1  1 
ATOM   402  C  CG2  . ILE A 1 49  ? -0.138  -5.871  10.050  1.00 23.53 ? 49   ILE A CG2  1 
ATOM   403  C  CD1  . ILE A 1 49  ? -1.223  -8.209  8.654   1.00 23.04 ? 49   ILE A CD1  1 
ATOM   404  N  N    . ALA A 1 50  ? -0.770  -4.339  13.010  1.00 25.16 ? 50   ALA A N    1 
ATOM   405  C  CA   . ALA A 1 50  ? -0.740  -2.939  13.391  1.00 20.66 ? 50   ALA A CA   1 
ATOM   406  C  C    . ALA A 1 50  ? 0.112   -2.143  12.416  1.00 24.62 ? 50   ALA A C    1 
ATOM   407  O  O    . ALA A 1 50  ? 1.303   -2.391  12.278  1.00 26.96 ? 50   ALA A O    1 
ATOM   408  C  CB   . ALA A 1 50  ? -0.163  -2.825  14.759  1.00 27.07 ? 50   ALA A CB   1 
ATOM   409  N  N    . ILE A 1 51  ? -0.487  -1.198  11.720  1.00 24.44 ? 51   ILE A N    1 
ATOM   410  C  CA   . ILE A 1 51  ? 0.283   -0.400  10.776  1.00 30.99 ? 51   ILE A CA   1 
ATOM   411  C  C    . ILE A 1 51  ? 0.673   0.917   11.451  1.00 29.39 ? 51   ILE A C    1 
ATOM   412  O  O    . ILE A 1 51  ? -0.187  1.602   12.014  1.00 38.26 ? 51   ILE A O    1 
ATOM   413  C  CB   . ILE A 1 51  ? -0.523  -0.129  9.422   1.00 34.83 ? 51   ILE A CB   1 
ATOM   414  C  CG1  . ILE A 1 51  ? -0.372  -1.295  8.435   1.00 29.02 ? 51   ILE A CG1  1 
ATOM   415  C  CG2  . ILE A 1 51  ? -0.031  1.120   8.722   1.00 34.88 ? 51   ILE A CG2  1 
ATOM   416  C  CD1  . ILE A 1 51  ? -1.306  -2.449  8.677   1.00 27.79 ? 51   ILE A CD1  1 
ATOM   417  N  N    . SER A 1 52  ? 1.967   1.230   11.486  1.00 28.37 ? 52   SER A N    1 
ATOM   418  C  CA   . SER A 1 52  ? 2.402   2.498   12.060  1.00 26.35 ? 52   SER A CA   1 
ATOM   419  C  C    . SER A 1 52  ? 3.095   3.337   10.974  1.00 20.61 ? 52   SER A C    1 
ATOM   420  O  O    . SER A 1 52  ? 3.924   2.845   10.203  1.00 27.90 ? 52   SER A O    1 
ATOM   421  C  CB   . SER A 1 52  ? 3.282   2.300   13.305  1.00 14.58 ? 52   SER A CB   1 
ATOM   422  O  OG   . SER A 1 52  ? 4.588   1.922   12.957  1.00 27.45 ? 52   SER A OG   1 
ATOM   423  N  N    . LEU A 1 53  ? 2.633   4.565   10.817  1.00 18.10 ? 53   LEU A N    1 
ATOM   424  C  CA   . LEU A 1 53  ? 3.186   5.452   9.816   1.00 18.92 ? 53   LEU A CA   1 
ATOM   425  C  C    . LEU A 1 53  ? 4.493   5.899   10.357  1.00 20.95 ? 53   LEU A C    1 
ATOM   426  O  O    . LEU A 1 53  ? 4.545   6.823   11.143  1.00 33.75 ? 53   LEU A O    1 
ATOM   427  C  CB   . LEU A 1 53  ? 2.301   6.673   9.620   1.00 16.16 ? 53   LEU A CB   1 
ATOM   428  C  CG   . LEU A 1 53  ? 2.788   7.602   8.528   1.00 12.91 ? 53   LEU A CG   1 
ATOM   429  C  CD1  . LEU A 1 53  ? 2.868   6.837   7.230   1.00 13.68 ? 53   LEU A CD1  1 
ATOM   430  C  CD2  . LEU A 1 53  ? 1.824   8.733   8.387   1.00 19.02 ? 53   LEU A CD2  1 
ATOM   431  N  N    . ASN A 1 54  ? 5.553   5.258   9.907   1.00 27.85 ? 54   ASN A N    1 
ATOM   432  C  CA   . ASN A 1 54  ? 6.901   5.562   10.348  1.00 26.83 ? 54   ASN A CA   1 
ATOM   433  C  C    . ASN A 1 54  ? 7.517   6.817   9.682   1.00 31.35 ? 54   ASN A C    1 
ATOM   434  O  O    . ASN A 1 54  ? 8.440   7.427   10.240  1.00 33.07 ? 54   ASN A O    1 
ATOM   435  C  CB   . ASN A 1 54  ? 7.725   4.277   10.179  1.00 31.16 ? 54   ASN A CB   1 
ATOM   436  C  CG   . ASN A 1 54  ? 9.144   4.518   9.770   1.00 34.02 ? 54   ASN A CG   1 
ATOM   437  O  OD1  . ASN A 1 54  ? 9.427   4.764   8.599   1.00 28.08 ? 54   ASN A OD1  1 
ATOM   438  N  ND2  . ASN A 1 54  ? 10.058  4.399   10.721  1.00 43.55 ? 54   ASN A ND2  1 
ATOM   439  N  N    . ARG A 1 55  ? 6.956   7.254   8.549   1.00 30.78 ? 55   ARG A N    1 
ATOM   440  C  CA   . ARG A 1 55  ? 7.451   8.438   7.838   1.00 22.84 ? 55   ARG A CA   1 
ATOM   441  C  C    . ARG A 1 55  ? 6.565   8.893   6.688   1.00 24.03 ? 55   ARG A C    1 
ATOM   442  O  O    . ARG A 1 55  ? 6.118   8.087   5.888   1.00 26.78 ? 55   ARG A O    1 
ATOM   443  C  CB   . ARG A 1 55  ? 8.822   8.152   7.234   1.00 24.11 ? 55   ARG A CB   1 
ATOM   444  C  CG   . ARG A 1 55  ? 9.383   9.335   6.467   1.00 31.00 ? 55   ARG A CG   1 
ATOM   445  C  CD   . ARG A 1 55  ? 10.288  8.909   5.350   1.00 38.89 ? 55   ARG A CD   1 
ATOM   446  N  NE   . ARG A 1 55  ? 11.697  8.970   5.723   1.00 46.45 ? 55   ARG A NE   1 
ATOM   447  C  CZ   . ARG A 1 55  ? 12.494  10.002  5.462   1.00 49.84 ? 55   ARG A CZ   1 
ATOM   448  N  NH1  . ARG A 1 55  ? 13.767  9.971   5.833   1.00 47.79 ? 55   ARG A NH1  1 
ATOM   449  N  NH2  . ARG A 1 55  ? 12.018  11.074  4.840   1.00 54.15 ? 55   ARG A NH2  1 
ATOM   450  N  N    . LEU A 1 56  ? 6.381   10.198  6.553   1.00 25.23 ? 56   LEU A N    1 
ATOM   451  C  CA   . LEU A 1 56  ? 5.613   10.741  5.424   1.00 27.60 ? 56   LEU A CA   1 
ATOM   452  C  C    . LEU A 1 56  ? 6.558   11.720  4.707   1.00 32.36 ? 56   LEU A C    1 
ATOM   453  O  O    . LEU A 1 56  ? 6.929   12.752  5.267   1.00 32.62 ? 56   LEU A O    1 
ATOM   454  C  CB   . LEU A 1 56  ? 4.374   11.499  5.914   1.00 28.96 ? 56   LEU A CB   1 
ATOM   455  C  CG   . LEU A 1 56  ? 3.171   11.696  4.991   1.00 29.61 ? 56   LEU A CG   1 
ATOM   456  C  CD1  . LEU A 1 56  ? 2.188   12.638  5.709   1.00 35.36 ? 56   LEU A CD1  1 
ATOM   457  C  CD2  . LEU A 1 56  ? 3.568   12.260  3.646   1.00 29.57 ? 56   LEU A CD2  1 
ATOM   458  N  N    . GLN A 1 57  ? 6.984   11.386  3.493   1.00 29.79 ? 57   GLN A N    1 
ATOM   459  C  CA   . GLN A 1 57  ? 7.880   12.257  2.755   1.00 24.97 ? 57   GLN A CA   1 
ATOM   460  C  C    . GLN A 1 57  ? 7.068   12.846  1.592   1.00 25.35 ? 57   GLN A C    1 
ATOM   461  O  O    . GLN A 1 57  ? 6.462   12.125  0.821   1.00 30.03 ? 57   GLN A O    1 
ATOM   462  C  CB   . GLN A 1 57  ? 9.090   11.438  2.268   1.00 25.38 ? 57   GLN A CB   1 
ATOM   463  C  CG   . GLN A 1 57  ? 10.323  12.212  1.753   1.00 27.07 ? 57   GLN A CG   1 
ATOM   464  C  CD   . GLN A 1 57  ? 11.488  11.289  1.288   1.00 27.58 ? 57   GLN A CD   1 
ATOM   465  O  OE1  . GLN A 1 57  ? 11.499  10.103  1.574   1.00 40.79 ? 57   GLN A OE1  1 
ATOM   466  N  NE2  . GLN A 1 57  ? 12.458  11.847  0.587   1.00 30.03 ? 57   GLN A NE2  1 
ATOM   467  N  N    . ILE A 1 58  ? 6.984   14.158  1.506   1.00 23.57 ? 58   ILE A N    1 
ATOM   468  C  CA   . ILE A 1 58  ? 6.242   14.783  0.412   1.00 22.88 ? 58   ILE A CA   1 
ATOM   469  C  C    . ILE A 1 58  ? 7.276   15.378  -0.581  1.00 27.27 ? 58   ILE A C    1 
ATOM   470  O  O    . ILE A 1 58  ? 8.090   16.205  -0.193  1.00 28.78 ? 58   ILE A O    1 
ATOM   471  C  CB   . ILE A 1 58  ? 5.295   15.890  0.989   1.00 26.82 ? 58   ILE A CB   1 
ATOM   472  C  CG1  . ILE A 1 58  ? 4.282   15.260  1.958   1.00 25.86 ? 58   ILE A CG1  1 
ATOM   473  C  CG2  . ILE A 1 58  ? 4.574   16.635  -0.114  1.00 23.96 ? 58   ILE A CG2  1 
ATOM   474  C  CD1  . ILE A 1 58  ? 3.413   16.242  2.706   1.00 22.50 ? 58   ILE A CD1  1 
ATOM   475  N  N    . TRP A 1 59  ? 7.313   14.907  -1.830  1.00 29.50 ? 59   TRP A N    1 
ATOM   476  C  CA   . TRP A 1 59  ? 8.260   15.444  -2.828  1.00 21.85 ? 59   TRP A CA   1 
ATOM   477  C  C    . TRP A 1 59  ? 7.821   16.815  -3.381  1.00 29.67 ? 59   TRP A C    1 
ATOM   478  O  O    . TRP A 1 59  ? 7.356   16.929  -4.532  1.00 25.05 ? 59   TRP A O    1 
ATOM   479  C  CB   . TRP A 1 59  ? 8.437   14.463  -3.981  1.00 20.25 ? 59   TRP A CB   1 
ATOM   480  C  CG   . TRP A 1 59  ? 9.190   13.216  -3.634  1.00 17.08 ? 59   TRP A CG   1 
ATOM   481  C  CD1  . TRP A 1 59  ? 9.931   12.983  -2.498  1.00 21.95 ? 59   TRP A CD1  1 
ATOM   482  C  CD2  . TRP A 1 59  ? 9.300   12.027  -4.433  1.00 14.49 ? 59   TRP A CD2  1 
ATOM   483  N  NE1  . TRP A 1 59  ? 10.499  11.724  -2.555  1.00 21.29 ? 59   TRP A NE1  1 
ATOM   484  C  CE2  . TRP A 1 59  ? 10.126  11.117  -3.728  1.00 16.92 ? 59   TRP A CE2  1 
ATOM   485  C  CE3  . TRP A 1 59  ? 8.779   11.636  -5.671  1.00 14.28 ? 59   TRP A CE3  1 
ATOM   486  C  CZ2  . TRP A 1 59  ? 10.439  9.844   -4.226  1.00 20.11 ? 59   TRP A CZ2  1 
ATOM   487  C  CZ3  . TRP A 1 59  ? 9.098   10.368  -6.157  1.00 10.95 ? 59   TRP A CZ3  1 
ATOM   488  C  CH2  . TRP A 1 59  ? 9.917   9.493   -5.437  1.00 11.25 ? 59   TRP A CH2  1 
ATOM   489  N  N    . SER A 1 60  ? 8.011   17.859  -2.566  1.00 33.68 ? 60   SER A N    1 
ATOM   490  C  CA   . SER A 1 60  ? 7.630   19.242  -2.903  1.00 37.50 ? 60   SER A CA   1 
ATOM   491  C  C    . SER A 1 60  ? 8.536   20.041  -3.859  1.00 39.75 ? 60   SER A C    1 
ATOM   492  O  O    . SER A 1 60  ? 8.079   20.941  -4.587  1.00 35.68 ? 60   SER A O    1 
ATOM   493  C  CB   . SER A 1 60  ? 7.428   20.029  -1.614  1.00 38.49 ? 60   SER A CB   1 
ATOM   494  O  OG   . SER A 1 60  ? 8.460   19.755  -0.696  1.00 37.78 ? 60   SER A OG   1 
ATOM   495  N  N    . LYS A 1 61  ? 9.826   19.740  -3.824  1.00 44.28 ? 61   LYS A N    1 
ATOM   496  C  CA   . LYS A 1 61  ? 10.762  20.420  -4.696  1.00 45.24 ? 61   LYS A CA   1 
ATOM   497  C  C    . LYS A 1 61  ? 10.620  19.777  -6.057  1.00 42.05 ? 61   LYS A C    1 
ATOM   498  O  O    . LYS A 1 61  ? 10.303  20.449  -7.044  1.00 45.80 ? 61   LYS A O    1 
ATOM   499  C  CB   . LYS A 1 61  ? 12.205  20.261  -4.206  1.00 49.54 ? 61   LYS A CB   1 
ATOM   500  C  CG   . LYS A 1 61  ? 13.184  21.054  -5.082  1.00 64.08 ? 61   LYS A CG   1 
ATOM   501  C  CD   . LYS A 1 61  ? 14.651  20.704  -4.855  1.00 73.14 ? 61   LYS A CD   1 
ATOM   502  C  CE   . LYS A 1 61  ? 15.559  21.648  -5.659  1.00 78.23 ? 61   LYS A CE   1 
ATOM   503  N  NZ   . LYS A 1 61  ? 15.247  21.673  -7.130  1.00 82.03 ? 61   LYS A NZ   1 
ATOM   504  N  N    . LYS A 1 62  ? 10.793  18.456  -6.082  1.00 39.07 ? 62   LYS A N    1 
ATOM   505  C  CA   . LYS A 1 62  ? 10.707  17.685  -7.315  1.00 34.07 ? 62   LYS A CA   1 
ATOM   506  C  C    . LYS A 1 62  ? 10.600  16.197  -7.025  1.00 30.80 ? 62   LYS A C    1 
ATOM   507  O  O    . LYS A 1 62  ? 10.905  15.740  -5.915  1.00 33.77 ? 62   LYS A O    1 
ATOM   508  C  CB   . LYS A 1 62  ? 11.968  17.923  -8.135  1.00 37.33 ? 62   LYS A CB   1 
ATOM   509  C  CG   . LYS A 1 62  ? 13.237  17.522  -7.384  1.00 48.71 ? 62   LYS A CG   1 
ATOM   510  C  CD   . LYS A 1 62  ? 14.482  17.627  -8.242  1.00 59.40 ? 62   LYS A CD   1 
ATOM   511  C  CE   . LYS A 1 62  ? 15.681  17.053  -7.507  1.00 67.55 ? 62   LYS A CE   1 
ATOM   512  N  NZ   . LYS A 1 62  ? 15.828  17.687  -6.158  1.00 73.38 ? 62   LYS A NZ   1 
ATOM   513  N  N    . ASP A 1 63  ? 10.179  15.447  -8.037  1.00 27.67 ? 63   ASP A N    1 
ATOM   514  C  CA   . ASP A 1 63  ? 10.057  13.993  -7.933  1.00 33.43 ? 63   ASP A CA   1 
ATOM   515  C  C    . ASP A 1 63  ? 11.471  13.416  -7.882  1.00 33.85 ? 63   ASP A C    1 
ATOM   516  O  O    . ASP A 1 63  ? 12.336  13.838  -8.646  1.00 42.22 ? 63   ASP A O    1 
ATOM   517  C  CB   . ASP A 1 63  ? 9.326   13.416  -9.174  1.00 33.89 ? 63   ASP A CB   1 
ATOM   518  C  CG   . ASP A 1 63  ? 7.804   13.560  -9.109  1.00 28.61 ? 63   ASP A CG   1 
ATOM   519  O  OD1  . ASP A 1 63  ? 7.261   13.536  -7.996  1.00 29.77 ? 63   ASP A OD1  1 
ATOM   520  O  OD2  . ASP A 1 63  ? 7.145   13.669  -10.166 1.00 27.66 ? 63   ASP A OD2  1 
ATOM   521  N  N    . LEU A 1 64  ? 11.732  12.451  -7.013  1.00 31.13 ? 64   LEU A N    1 
ATOM   522  C  CA   . LEU A 1 64  ? 13.087  11.896  -6.981  1.00 30.38 ? 64   LEU A CA   1 
ATOM   523  C  C    . LEU A 1 64  ? 13.289  10.688  -7.883  1.00 30.34 ? 64   LEU A C    1 
ATOM   524  O  O    . LEU A 1 64  ? 14.336  10.051  -7.835  1.00 39.35 ? 64   LEU A O    1 
ATOM   525  C  CB   . LEU A 1 64  ? 13.546  11.575  -5.560  1.00 23.23 ? 64   LEU A CB   1 
ATOM   526  C  CG   . LEU A 1 64  ? 13.266  12.705  -4.574  1.00 24.62 ? 64   LEU A CG   1 
ATOM   527  C  CD1  . LEU A 1 64  ? 13.742  12.277  -3.202  1.00 27.71 ? 64   LEU A CD1  1 
ATOM   528  C  CD2  . LEU A 1 64  ? 13.881  14.029  -5.006  1.00 21.35 ? 64   LEU A CD2  1 
ATOM   529  N  N    . ILE A 1 65  ? 12.274  10.337  -8.657  1.00 24.29 ? 65   ILE A N    1 
ATOM   530  C  CA   . ILE A 1 65  ? 12.355  9.234   -9.610  1.00 20.94 ? 65   ILE A CA   1 
ATOM   531  C  C    . ILE A 1 65  ? 11.385  9.692   -10.702 1.00 22.26 ? 65   ILE A C    1 
ATOM   532  O  O    . ILE A 1 65  ? 10.516  10.511  -10.421 1.00 32.85 ? 65   ILE A O    1 
ATOM   533  C  CB   . ILE A 1 65  ? 11.891  7.854   -8.995  1.00 21.03 ? 65   ILE A CB   1 
ATOM   534  C  CG1  . ILE A 1 65  ? 10.410  7.879   -8.618  1.00 23.02 ? 65   ILE A CG1  1 
ATOM   535  C  CG2  . ILE A 1 65  ? 12.675  7.529   -7.747  1.00 18.42 ? 65   ILE A CG2  1 
ATOM   536  C  CD1  . ILE A 1 65  ? 9.743   6.535   -8.732  1.00 19.80 ? 65   ILE A CD1  1 
ATOM   537  N  N    . THR A 1 66  ? 11.523  9.238   -11.942 1.00 26.88 ? 66   THR A N    1 
ATOM   538  C  CA   . THR A 1 66  ? 10.566  9.666   -12.951 1.00 26.16 ? 66   THR A CA   1 
ATOM   539  C  C    . THR A 1 66  ? 9.325   8.799   -12.837 1.00 26.28 ? 66   THR A C    1 
ATOM   540  O  O    . THR A 1 66  ? 9.402   7.566   -12.949 1.00 20.86 ? 66   THR A O    1 
ATOM   541  C  CB   . THR A 1 66  ? 11.126  9.604   -14.385 1.00 34.68 ? 66   THR A CB   1 
ATOM   542  O  OG1  . THR A 1 66  ? 12.301  10.413  -14.470 1.00 43.39 ? 66   THR A OG1  1 
ATOM   543  C  CG2  . THR A 1 66  ? 10.126  10.184  -15.365 1.00 28.78 ? 66   THR A CG2  1 
ATOM   544  N  N    . VAL A 1 67  ? 8.197   9.448   -12.536 1.00 24.10 ? 67   VAL A N    1 
ATOM   545  C  CA   . VAL A 1 67  ? 6.932   8.733   -12.392 1.00 28.02 ? 67   VAL A CA   1 
ATOM   546  C  C    . VAL A 1 67  ? 6.348   8.559   -13.782 1.00 25.18 ? 67   VAL A C    1 
ATOM   547  O  O    . VAL A 1 67  ? 5.996   9.523   -14.462 1.00 33.70 ? 67   VAL A O    1 
ATOM   548  C  CB   . VAL A 1 67  ? 5.907   9.460   -11.413 1.00 27.55 ? 67   VAL A CB   1 
ATOM   549  C  CG1  . VAL A 1 67  ? 4.568   8.667   -11.314 1.00 24.10 ? 67   VAL A CG1  1 
ATOM   550  C  CG2  . VAL A 1 67  ? 6.524   9.628   -9.995  1.00 26.44 ? 67   VAL A CG2  1 
ATOM   551  N  N    . LYS A 1 68  ? 6.288   7.322   -14.229 1.00 23.39 ? 68   LYS A N    1 
ATOM   552  C  CA   . LYS A 1 68  ? 5.770   7.074   -15.547 1.00 25.52 ? 68   LYS A CA   1 
ATOM   553  C  C    . LYS A 1 68  ? 4.411   6.426   -15.480 1.00 26.13 ? 68   LYS A C    1 
ATOM   554  O  O    . LYS A 1 68  ? 4.085   5.766   -14.496 1.00 27.94 ? 68   LYS A O    1 
ATOM   555  C  CB   . LYS A 1 68  ? 6.756   6.213   -16.344 1.00 24.95 ? 68   LYS A CB   1 
ATOM   556  C  CG   . LYS A 1 68  ? 8.076   6.912   -16.548 1.00 25.70 ? 68   LYS A CG   1 
ATOM   557  C  CD   . LYS A 1 68  ? 8.846   6.328   -17.710 1.00 43.49 ? 68   LYS A CD   1 
ATOM   558  C  CE   . LYS A 1 68  ? 10.098  7.170   -18.034 1.00 53.88 ? 68   LYS A CE   1 
ATOM   559  N  NZ   . LYS A 1 68  ? 11.261  6.925   -17.102 1.00 55.98 ? 68   LYS A NZ   1 
ATOM   560  N  N    . SER A 1 69  ? 3.643   6.605   -16.552 1.00 21.95 ? 69   SER A N    1 
ATOM   561  C  CA   . SER A 1 69  ? 2.313   6.045   -16.676 1.00 24.92 ? 69   SER A CA   1 
ATOM   562  C  C    . SER A 1 69  ? 2.384   4.543   -16.553 1.00 20.66 ? 69   SER A C    1 
ATOM   563  O  O    . SER A 1 69  ? 1.420   3.934   -16.147 1.00 22.76 ? 69   SER A O    1 
ATOM   564  C  CB   . SER A 1 69  ? 1.678   6.400   -18.034 1.00 29.49 ? 69   SER A CB   1 
ATOM   565  O  OG   . SER A 1 69  ? 1.469   7.795   -18.195 1.00 41.39 ? 69   SER A OG   1 
ATOM   566  N  N    . ALA A 1 70  ? 3.494   3.930   -16.953 1.00 22.69 ? 70   ALA A N    1 
ATOM   567  C  CA   . ALA A 1 70  ? 3.605   2.480   -16.856 1.00 26.33 ? 70   ALA A CA   1 
ATOM   568  C  C    . ALA A 1 70  ? 3.853   2.133   -15.393 1.00 31.07 ? 70   ALA A C    1 
ATOM   569  O  O    . ALA A 1 70  ? 4.996   2.205   -14.917 1.00 25.33 ? 70   ALA A O    1 
ATOM   570  C  CB   . ALA A 1 70  ? 4.737   1.966   -17.744 1.00 28.33 ? 70   ALA A CB   1 
ATOM   571  N  N    . SER A 1 71  ? 2.782   1.751   -14.685 1.00 30.11 ? 71   SER A N    1 
ATOM   572  C  CA   . SER A 1 71  ? 2.875   1.428   -13.260 1.00 29.12 ? 71   SER A CA   1 
ATOM   573  C  C    . SER A 1 71  ? 4.001   0.455   -12.847 1.00 31.05 ? 71   SER A C    1 
ATOM   574  O  O    . SER A 1 71  ? 4.656   0.666   -11.812 1.00 28.44 ? 71   SER A O    1 
ATOM   575  C  CB   . SER A 1 71  ? 1.520   0.982   -12.721 1.00 19.64 ? 71   SER A CB   1 
ATOM   576  O  OG   . SER A 1 71  ? 1.016   -0.100  -13.464 1.00 19.47 ? 71   SER A OG   1 
ATOM   577  N  N    . ASN A 1 72  ? 4.271   -0.577  -13.647 1.00 29.07 ? 72   ASN A N    1 
ATOM   578  C  CA   . ASN A 1 72  ? 5.349   -1.506  -13.282 1.00 31.70 ? 72   ASN A CA   1 
ATOM   579  C  C    . ASN A 1 72  ? 6.739   -0.932  -13.421 1.00 31.41 ? 72   ASN A C    1 
ATOM   580  O  O    . ASN A 1 72  ? 7.658   -1.392  -12.740 1.00 32.38 ? 72   ASN A O    1 
ATOM   581  C  CB   . ASN A 1 72  ? 5.270   -2.830  -14.019 1.00 37.35 ? 72   ASN A CB   1 
ATOM   582  C  CG   . ASN A 1 72  ? 4.544   -2.721  -15.298 1.00 48.86 ? 72   ASN A CG   1 
ATOM   583  O  OD1  . ASN A 1 72  ? 4.752   -1.776  -16.074 1.00 46.40 ? 72   ASN A OD1  1 
ATOM   584  N  ND2  . ASN A 1 72  ? 3.626   -3.654  -15.519 1.00 58.29 ? 72   ASN A ND2  1 
ATOM   585  N  N    . VAL A 1 73  ? 6.900   0.071   -14.281 1.00 28.16 ? 73   VAL A N    1 
ATOM   586  C  CA   . VAL A 1 73  ? 8.198   0.711   -14.444 1.00 22.12 ? 73   VAL A CA   1 
ATOM   587  C  C    . VAL A 1 73  ? 8.371   1.682   -13.284 1.00 22.94 ? 73   VAL A C    1 
ATOM   588  O  O    . VAL A 1 73  ? 9.463   1.800   -12.740 1.00 30.04 ? 73   VAL A O    1 
ATOM   589  C  CB   . VAL A 1 73  ? 8.327   1.461   -15.798 1.00 25.51 ? 73   VAL A CB   1 
ATOM   590  C  CG1  . VAL A 1 73  ? 9.710   2.062   -15.942 1.00 17.20 ? 73   VAL A CG1  1 
ATOM   591  C  CG2  . VAL A 1 73  ? 8.046   0.518   -16.951 1.00 21.00 ? 73   VAL A CG2  1 
ATOM   592  N  N    . THR A 1 74  ? 7.308   2.399   -12.909 1.00 27.98 ? 74   THR A N    1 
ATOM   593  C  CA   . THR A 1 74  ? 7.383   3.337   -11.771 1.00 23.13 ? 74   THR A CA   1 
ATOM   594  C  C    . THR A 1 74  ? 7.652   2.546   -10.464 1.00 17.87 ? 74   THR A C    1 
ATOM   595  O  O    . THR A 1 74  ? 8.531   2.885   -9.674  1.00 26.34 ? 74   THR A O    1 
ATOM   596  C  CB   . THR A 1 74  ? 6.079   4.204   -11.649 1.00 20.05 ? 74   THR A CB   1 
ATOM   597  O  OG1  . THR A 1 74  ? 5.859   4.936   -12.859 1.00 19.34 ? 74   THR A OG1  1 
ATOM   598  C  CG2  . THR A 1 74  ? 6.192   5.195   -10.525 1.00 12.95 ? 74   THR A CG2  1 
ATOM   599  N  N    . LEU A 1 75  ? 6.953   1.441   -10.277 1.00 16.79 ? 75   LEU A N    1 
ATOM   600  C  CA   . LEU A 1 75  ? 7.124   0.640   -9.080  1.00 19.63 ? 75   LEU A CA   1 
ATOM   601  C  C    . LEU A 1 75  ? 8.556   0.148   -8.913  1.00 21.54 ? 75   LEU A C    1 
ATOM   602  O  O    . LEU A 1 75  ? 9.136   0.212   -7.827  1.00 23.00 ? 75   LEU A O    1 
ATOM   603  C  CB   . LEU A 1 75  ? 6.148   -0.542  -9.086  1.00 19.14 ? 75   LEU A CB   1 
ATOM   604  C  CG   . LEU A 1 75  ? 6.217   -1.371  -7.794  1.00 23.84 ? 75   LEU A CG   1 
ATOM   605  C  CD1  . LEU A 1 75  ? 5.794   -0.559  -6.612  1.00 9.88  ? 75   LEU A CD1  1 
ATOM   606  C  CD2  . LEU A 1 75  ? 5.344   -2.561  -7.918  1.00 25.57 ? 75   LEU A CD2  1 
ATOM   607  N  N    . GLU A 1 76  ? 9.134   -0.337  -9.997  1.00 23.77 ? 76   GLU A N    1 
ATOM   608  C  CA   . GLU A 1 76  ? 10.494  -0.811  -9.950  1.00 26.64 ? 76   GLU A CA   1 
ATOM   609  C  C    . GLU A 1 76  ? 11.492  0.313   -9.681  1.00 26.75 ? 76   GLU A C    1 
ATOM   610  O  O    . GLU A 1 76  ? 12.477  0.107   -8.967  1.00 29.11 ? 76   GLU A O    1 
ATOM   611  C  CB   . GLU A 1 76  ? 10.828  -1.501  -11.240 1.00 34.73 ? 76   GLU A CB   1 
ATOM   612  C  CG   . GLU A 1 76  ? 12.188  -2.122  -11.238 1.00 48.92 ? 76   GLU A CG   1 
ATOM   613  C  CD   . GLU A 1 76  ? 12.537  -2.655  -12.586 1.00 53.33 ? 76   GLU A CD   1 
ATOM   614  O  OE1  . GLU A 1 76  ? 11.809  -3.545  -13.092 1.00 62.17 ? 76   GLU A OE1  1 
ATOM   615  O  OE2  . GLU A 1 76  ? 13.520  -2.153  -13.155 1.00 65.81 ? 76   GLU A OE2  1 
ATOM   616  N  N    . SER A 1 77  ? 11.248  1.506   -10.223 1.00 24.67 ? 77   SER A N    1 
ATOM   617  C  CA   . SER A 1 77  ? 12.158  2.634   -9.981  1.00 23.41 ? 77   SER A CA   1 
ATOM   618  C  C    . SER A 1 77  ? 12.090  3.023   -8.514  1.00 24.78 ? 77   SER A C    1 
ATOM   619  O  O    . SER A 1 77  ? 13.104  3.339   -7.883  1.00 25.20 ? 77   SER A O    1 
ATOM   620  C  CB   . SER A 1 77  ? 11.781  3.872   -10.815 1.00 19.56 ? 77   SER A CB   1 
ATOM   621  O  OG   . SER A 1 77  ? 11.753  3.603   -12.209 1.00 27.60 ? 77   SER A OG   1 
ATOM   622  N  N    . PHE A 1 78  ? 10.878  3.002   -7.977  1.00 23.40 ? 78   PHE A N    1 
ATOM   623  C  CA   . PHE A 1 78  ? 10.645  3.377   -6.585  1.00 21.77 ? 78   PHE A CA   1 
ATOM   624  C  C    . PHE A 1 78  ? 11.334  2.375   -5.676  1.00 18.38 ? 78   PHE A C    1 
ATOM   625  O  O    . PHE A 1 78  ? 11.973  2.770   -4.706  1.00 29.66 ? 78   PHE A O    1 
ATOM   626  C  CB   . PHE A 1 78  ? 9.119   3.443   -6.307  1.00 28.03 ? 78   PHE A CB   1 
ATOM   627  C  CG   . PHE A 1 78  ? 8.765   3.903   -4.923  1.00 19.70 ? 78   PHE A CG   1 
ATOM   628  C  CD1  . PHE A 1 78  ? 9.133   5.159   -4.481  1.00 17.45 ? 78   PHE A CD1  1 
ATOM   629  C  CD2  . PHE A 1 78  ? 8.104   3.063   -4.051  1.00 19.80 ? 78   PHE A CD2  1 
ATOM   630  C  CE1  . PHE A 1 78  ? 8.849   5.562   -3.181  1.00 17.98 ? 78   PHE A CE1  1 
ATOM   631  C  CE2  . PHE A 1 78  ? 7.820   3.458   -2.759  1.00 16.06 ? 78   PHE A CE2  1 
ATOM   632  C  CZ   . PHE A 1 78  ? 8.195   4.703   -2.326  1.00 19.99 ? 78   PHE A CZ   1 
ATOM   633  N  N    . GLY A 1 79  ? 11.195  1.084   -5.992  1.00 23.09 ? 79   GLY A N    1 
ATOM   634  C  CA   . GLY A 1 79  ? 11.818  0.019   -5.217  1.00 22.12 ? 79   GLY A CA   1 
ATOM   635  C  C    . GLY A 1 79  ? 13.315  0.216   -5.072  1.00 24.73 ? 79   GLY A C    1 
ATOM   636  O  O    . GLY A 1 79  ? 13.882  0.053   -3.984  1.00 31.89 ? 79   GLY A O    1 
ATOM   637  N  N    . ASN A 1 80  ? 13.973  0.566   -6.168  1.00 28.77 ? 80   ASN A N    1 
ATOM   638  C  CA   . ASN A 1 80  ? 15.416  0.797   -6.124  1.00 35.00 ? 80   ASN A CA   1 
ATOM   639  C  C    . ASN A 1 80  ? 15.753  2.027   -5.324  1.00 30.63 ? 80   ASN A C    1 
ATOM   640  O  O    . ASN A 1 80  ? 16.684  2.006   -4.548  1.00 37.32 ? 80   ASN A O    1 
ATOM   641  C  CB   . ASN A 1 80  ? 16.025  0.892   -7.522  1.00 39.66 ? 80   ASN A CB   1 
ATOM   642  C  CG   . ASN A 1 80  ? 16.330  -0.470  -8.110  1.00 46.97 ? 80   ASN A CG   1 
ATOM   643  O  OD1  . ASN A 1 80  ? 16.141  -0.696  -9.308  1.00 55.13 ? 80   ASN A OD1  1 
ATOM   644  N  ND2  . ASN A 1 80  ? 16.800  -1.393  -7.269  1.00 51.73 ? 80   ASN A ND2  1 
ATOM   645  N  N    . TRP A 1 81  ? 14.959  3.078   -5.478  1.00 29.81 ? 81   TRP A N    1 
ATOM   646  C  CA   . TRP A 1 81  ? 15.162  4.319   -4.746  1.00 27.39 ? 81   TRP A CA   1 
ATOM   647  C  C    . TRP A 1 81  ? 15.001  4.081   -3.231  1.00 32.54 ? 81   TRP A C    1 
ATOM   648  O  O    . TRP A 1 81  ? 15.655  4.739   -2.415  1.00 36.37 ? 81   TRP A O    1 
ATOM   649  C  CB   . TRP A 1 81  ? 14.179  5.391   -5.244  1.00 22.17 ? 81   TRP A CB   1 
ATOM   650  C  CG   . TRP A 1 81  ? 14.225  6.662   -4.449  1.00 25.85 ? 81   TRP A CG   1 
ATOM   651  C  CD1  . TRP A 1 81  ? 15.056  7.725   -4.645  1.00 28.01 ? 81   TRP A CD1  1 
ATOM   652  C  CD2  . TRP A 1 81  ? 13.443  6.978   -3.287  1.00 26.30 ? 81   TRP A CD2  1 
ATOM   653  N  NE1  . TRP A 1 81  ? 14.853  8.678   -3.667  1.00 28.53 ? 81   TRP A NE1  1 
ATOM   654  C  CE2  . TRP A 1 81  ? 13.868  8.239   -2.823  1.00 23.40 ? 81   TRP A CE2  1 
ATOM   655  C  CE3  . TRP A 1 81  ? 12.431  6.315   -2.594  1.00 23.94 ? 81   TRP A CE3  1 
ATOM   656  C  CZ2  . TRP A 1 81  ? 13.313  8.843   -1.696  1.00 25.13 ? 81   TRP A CZ2  1 
ATOM   657  C  CZ3  . TRP A 1 81  ? 11.887  6.922   -1.478  1.00 21.15 ? 81   TRP A CZ3  1 
ATOM   658  C  CH2  . TRP A 1 81  ? 12.326  8.166   -1.043  1.00 19.87 ? 81   TRP A CH2  1 
ATOM   659  N  N    . ARG A 1 82  ? 14.118  3.162   -2.847  1.00 35.11 ? 82   ARG A N    1 
ATOM   660  C  CA   . ARG A 1 82  ? 13.916  2.853   -1.427  1.00 31.36 ? 82   ARG A CA   1 
ATOM   661  C  C    . ARG A 1 82  ? 15.159  2.156   -0.897  1.00 32.00 ? 82   ARG A C    1 
ATOM   662  O  O    . ARG A 1 82  ? 15.726  2.556   0.115   1.00 32.90 ? 82   ARG A O    1 
ATOM   663  C  CB   . ARG A 1 82  ? 12.698  1.926   -1.214  1.00 32.64 ? 82   ARG A CB   1 
ATOM   664  C  CG   . ARG A 1 82  ? 12.451  1.547   0.271   1.00 24.70 ? 82   ARG A CG   1 
ATOM   665  C  CD   . ARG A 1 82  ? 11.403  0.453   0.422   1.00 26.91 ? 82   ARG A CD   1 
ATOM   666  N  NE   . ARG A 1 82  ? 11.345  -0.117  1.779   1.00 27.22 ? 82   ARG A NE   1 
ATOM   667  C  CZ   . ARG A 1 82  ? 11.650  -1.379  2.091   1.00 22.63 ? 82   ARG A CZ   1 
ATOM   668  N  NH1  . ARG A 1 82  ? 12.049  -2.232  1.164   1.00 30.48 ? 82   ARG A NH1  1 
ATOM   669  N  NH2  . ARG A 1 82  ? 11.542  -1.803  3.330   1.00 21.87 ? 82   ARG A NH2  1 
ATOM   670  N  N    . GLU A 1 83  ? 15.566  1.104   -1.602  1.00 35.25 ? 83   GLU A N    1 
ATOM   671  C  CA   . GLU A 1 83  ? 16.725  0.316   -1.232  1.00 33.81 ? 83   GLU A CA   1 
ATOM   672  C  C    . GLU A 1 83  ? 17.959  1.177   -1.215  1.00 34.53 ? 83   GLU A C    1 
ATOM   673  O  O    . GLU A 1 83  ? 18.733  1.216   -0.254  1.00 31.74 ? 83   GLU A O    1 
ATOM   674  C  CB   . GLU A 1 83  ? 16.940  -0.781  -2.255  1.00 34.38 ? 83   GLU A CB   1 
ATOM   675  C  CG   . GLU A 1 83  ? 18.149  -1.635  -1.948  1.00 41.68 ? 83   GLU A CG   1 
ATOM   676  C  CD   . GLU A 1 83  ? 18.317  -2.783  -2.922  1.00 51.24 ? 83   GLU A CD   1 
ATOM   677  O  OE1  . GLU A 1 83  ? 18.217  -2.548  -4.155  1.00 55.91 ? 83   GLU A OE1  1 
ATOM   678  O  OE2  . GLU A 1 83  ? 18.553  -3.922  -2.449  1.00 55.56 ? 83   GLU A OE2  1 
ATOM   679  N  N    . THR A 1 84  ? 18.085  1.918   -2.292  1.00 37.33 ? 84   THR A N    1 
ATOM   680  C  CA   . THR A 1 84  ? 19.218  2.777   -2.527  1.00 41.86 ? 84   THR A CA   1 
ATOM   681  C  C    . THR A 1 84  ? 19.320  4.071   -1.736  1.00 41.11 ? 84   THR A C    1 
ATOM   682  O  O    . THR A 1 84  ? 20.417  4.434   -1.302  1.00 43.46 ? 84   THR A O    1 
ATOM   683  C  CB   . THR A 1 84  ? 19.357  2.998   -4.050  1.00 39.66 ? 84   THR A CB   1 
ATOM   684  O  OG1  . THR A 1 84  ? 20.113  1.906   -4.590  1.00 37.52 ? 84   THR A OG1  1 
ATOM   685  C  CG2  . THR A 1 84  ? 19.985  4.325   -4.398  1.00 40.46 ? 84   THR A CG2  1 
ATOM   686  N  N    . VAL A 1 85  ? 18.201  4.750   -1.503  1.00 40.56 ? 85   VAL A N    1 
ATOM   687  C  CA   . VAL A 1 85  ? 18.266  6.019   -0.786  1.00 38.02 ? 85   VAL A CA   1 
ATOM   688  C  C    . VAL A 1 85  ? 17.494  6.072   0.512   1.00 39.26 ? 85   VAL A C    1 
ATOM   689  O  O    . VAL A 1 85  ? 18.060  6.427   1.557   1.00 41.84 ? 85   VAL A O    1 
ATOM   690  C  CB   . VAL A 1 85  ? 17.799  7.182   -1.668  1.00 30.12 ? 85   VAL A CB   1 
ATOM   691  C  CG1  . VAL A 1 85  ? 18.052  8.485   -0.977  1.00 30.99 ? 85   VAL A CG1  1 
ATOM   692  C  CG2  . VAL A 1 85  ? 18.511  7.145   -2.964  1.00 18.89 ? 85   VAL A CG2  1 
ATOM   693  N  N    . LEU A 1 86  ? 16.217  5.701   0.450   1.00 36.01 ? 86   LEU A N    1 
ATOM   694  C  CA   . LEU A 1 86  ? 15.361  5.766   1.621   1.00 32.44 ? 86   LEU A CA   1 
ATOM   695  C  C    . LEU A 1 86  ? 15.797  4.920   2.804   1.00 32.16 ? 86   LEU A C    1 
ATOM   696  O  O    . LEU A 1 86  ? 15.857  5.419   3.922   1.00 35.31 ? 86   LEU A O    1 
ATOM   697  C  CB   . LEU A 1 86  ? 13.916  5.467   1.256   1.00 27.26 ? 86   LEU A CB   1 
ATOM   698  C  CG   . LEU A 1 86  ? 12.996  5.747   2.426   1.00 31.43 ? 86   LEU A CG   1 
ATOM   699  C  CD1  . LEU A 1 86  ? 13.047  7.235   2.725   1.00 38.51 ? 86   LEU A CD1  1 
ATOM   700  C  CD2  . LEU A 1 86  ? 11.571  5.291   2.133   1.00 34.14 ? 86   LEU A CD2  1 
ATOM   701  N  N    . LEU A 1 87  ? 16.160  3.670   2.568   1.00 32.79 ? 87   LEU A N    1 
ATOM   702  C  CA   . LEU A 1 87  ? 16.570  2.798   3.659   1.00 33.82 ? 87   LEU A CA   1 
ATOM   703  C  C    . LEU A 1 87  ? 17.873  3.210   4.319   1.00 40.37 ? 87   LEU A C    1 
ATOM   704  O  O    . LEU A 1 87  ? 18.219  2.705   5.387   1.00 43.61 ? 87   LEU A O    1 
ATOM   705  C  CB   . LEU A 1 87  ? 16.662  1.360   3.175   1.00 26.35 ? 87   LEU A CB   1 
ATOM   706  C  CG   . LEU A 1 87  ? 15.295  0.697   3.070   1.00 23.75 ? 87   LEU A CG   1 
ATOM   707  C  CD1  . LEU A 1 87  ? 15.449  -0.721  2.612   1.00 29.20 ? 87   LEU A CD1  1 
ATOM   708  C  CD2  . LEU A 1 87  ? 14.581  0.763   4.403   1.00 29.74 ? 87   LEU A CD2  1 
ATOM   709  N  N    . LYS A 1 88  ? 18.607  4.105   3.666   1.00 43.31 ? 88   LYS A N    1 
ATOM   710  C  CA   . LYS A 1 88  ? 19.872  4.589   4.195   1.00 44.58 ? 88   LYS A CA   1 
ATOM   711  C  C    . LYS A 1 88  ? 19.687  5.675   5.257   1.00 49.04 ? 88   LYS A C    1 
ATOM   712  O  O    . LYS A 1 88  ? 20.513  5.808   6.157   1.00 54.83 ? 88   LYS A O    1 
ATOM   713  C  CB   . LYS A 1 88  ? 20.739  5.102   3.055   1.00 46.59 ? 88   LYS A CB   1 
ATOM   714  C  CG   . LYS A 1 88  ? 21.049  4.025   2.028   1.00 56.10 ? 88   LYS A CG   1 
ATOM   715  C  CD   . LYS A 1 88  ? 22.046  2.969   2.538   1.00 67.43 ? 88   LYS A CD   1 
ATOM   716  C  CE   . LYS A 1 88  ? 23.511  3.497   2.498   1.00 80.90 ? 88   LYS A CE   1 
ATOM   717  N  NZ   . LYS A 1 88  ? 24.618  2.544   2.940   1.00 80.85 ? 88   LYS A NZ   1 
ATOM   718  N  N    . GLN A 1 89  ? 18.595  6.432   5.163   1.00 50.98 ? 89   GLN A N    1 
ATOM   719  C  CA   . GLN A 1 89  ? 18.305  7.513   6.112   1.00 49.37 ? 89   GLN A CA   1 
ATOM   720  C  C    . GLN A 1 89  ? 17.406  7.102   7.302   1.00 51.52 ? 89   GLN A C    1 
ATOM   721  O  O    . GLN A 1 89  ? 17.665  7.477   8.456   1.00 52.53 ? 89   GLN A O    1 
ATOM   722  C  CB   . GLN A 1 89  ? 17.658  8.678   5.381   1.00 50.28 ? 89   GLN A CB   1 
ATOM   723  C  CG   . GLN A 1 89  ? 17.880  8.682   3.889   1.00 53.27 ? 89   GLN A CG   1 
ATOM   724  C  CD   . GLN A 1 89  ? 17.447  9.991   3.275   1.00 58.31 ? 89   GLN A CD   1 
ATOM   725  O  OE1  . GLN A 1 89  ? 16.249  10.283  3.160   1.00 53.87 ? 89   GLN A OE1  1 
ATOM   726  N  NE2  . GLN A 1 89  ? 18.429  10.815  2.909   1.00 60.36 ? 89   GLN A NE2  1 
ATOM   727  H  HE21 . GLN A 1 89  ? 19.359  10.546  3.040   1.00 0.00  ? 89   GLN A HE21 1 
ATOM   728  H  HE22 . GLN A 1 89  ? 18.146  11.663  2.515   1.00 0.00  ? 89   GLN A HE22 1 
ATOM   729  N  N    . GLN A 1 90  ? 16.302  6.420   7.002   1.00 47.53 ? 90   GLN A N    1 
ATOM   730  C  CA   . GLN A 1 90  ? 15.386  5.945   8.022   1.00 41.26 ? 90   GLN A CA   1 
ATOM   731  C  C    . GLN A 1 90  ? 14.876  4.581   7.581   1.00 42.10 ? 90   GLN A C    1 
ATOM   732  O  O    . GLN A 1 90  ? 14.435  4.392   6.449   1.00 44.15 ? 90   GLN A O    1 
ATOM   733  C  CB   . GLN A 1 90  ? 14.215  6.892   8.211   1.00 38.63 ? 90   GLN A CB   1 
ATOM   734  C  CG   . GLN A 1 90  ? 13.358  6.464   9.388   1.00 47.40 ? 90   GLN A CG   1 
ATOM   735  C  CD   . GLN A 1 90  ? 12.184  7.385   9.651   1.00 56.41 ? 90   GLN A CD   1 
ATOM   736  O  OE1  . GLN A 1 90  ? 11.805  8.197   8.802   1.00 62.69 ? 90   GLN A OE1  1 
ATOM   737  N  NE2  . GLN A 1 90  ? 11.593  7.260   10.832  1.00 57.98 ? 90   GLN A NE2  1 
ATOM   738  H  HE21 . GLN A 1 90  ? 11.929  6.631   11.494  1.00 0.00  ? 90   GLN A HE21 1 
ATOM   739  H  HE22 . GLN A 1 90  ? 10.798  7.826   10.954  1.00 0.00  ? 90   GLN A HE22 1 
ATOM   740  N  N    . ASN A 1 91  ? 14.971  3.611   8.468   1.00 38.87 ? 91   ASN A N    1 
ATOM   741  C  CA   . ASN A 1 91  ? 14.526  2.279   8.131   1.00 33.29 ? 91   ASN A CA   1 
ATOM   742  C  C    . ASN A 1 91  ? 13.006  2.101   8.220   1.00 31.26 ? 91   ASN A C    1 
ATOM   743  O  O    . ASN A 1 91  ? 12.345  2.694   9.067   1.00 31.83 ? 91   ASN A O    1 
ATOM   744  C  CB   . ASN A 1 91  ? 15.214  1.267   9.037   1.00 35.61 ? 91   ASN A CB   1 
ATOM   745  C  CG   . ASN A 1 91  ? 14.791  -0.139  8.725   1.00 44.01 ? 91   ASN A CG   1 
ATOM   746  O  OD1  . ASN A 1 91  ? 15.136  -0.680  7.673   1.00 44.99 ? 91   ASN A OD1  1 
ATOM   747  N  ND2  . ASN A 1 91  ? 13.967  -0.715  9.593   1.00 53.27 ? 91   ASN A ND2  1 
ATOM   748  N  N    . ASN A 1 92  ? 12.468  1.217   7.395   1.00 30.43 ? 92   ASN A N    1 
ATOM   749  C  CA   . ASN A 1 92  ? 11.044  0.963   7.394   1.00 20.46 ? 92   ASN A CA   1 
ATOM   750  C  C    . ASN A 1 92  ? 10.869  -0.416  6.831   1.00 19.53 ? 92   ASN A C    1 
ATOM   751  O  O    . ASN A 1 92  ? 11.757  -0.919  6.159   1.00 17.65 ? 92   ASN A O    1 
ATOM   752  C  CB   . ASN A 1 92  ? 10.293  2.020   6.537   1.00 25.80 ? 92   ASN A CB   1 
ATOM   753  C  CG   . ASN A 1 92  ? 10.766  2.084   5.068   1.00 26.12 ? 92   ASN A CG   1 
ATOM   754  O  OD1  . ASN A 1 92  ? 10.454  1.203   4.260   1.00 27.46 ? 92   ASN A OD1  1 
ATOM   755  N  ND2  . ASN A 1 92  ? 11.473  3.157   4.716   1.00 21.72 ? 92   ASN A ND2  1 
ATOM   756  N  N    . ASP A 1 93  ? 9.728   -1.030  7.108   1.00 16.58 ? 93   ASP A N    1 
ATOM   757  C  CA   . ASP A 1 93  ? 9.447   -2.370  6.626   1.00 17.89 ? 93   ASP A CA   1 
ATOM   758  C  C    . ASP A 1 93  ? 8.792   -2.392  5.263   1.00 23.05 ? 93   ASP A C    1 
ATOM   759  O  O    . ASP A 1 93  ? 8.815   -3.435  4.588   1.00 20.60 ? 93   ASP A O    1 
ATOM   760  C  CB   . ASP A 1 93  ? 8.501   -3.089  7.575   1.00 16.45 ? 93   ASP A CB   1 
ATOM   761  C  CG   . ASP A 1 93  ? 8.950   -3.024  9.007   1.00 20.62 ? 93   ASP A CG   1 
ATOM   762  O  OD1  . ASP A 1 93  ? 8.075   -3.145  9.899   1.00 28.24 ? 93   ASP A OD1  1 
ATOM   763  O  OD2  . ASP A 1 93  ? 10.165  -2.849  9.255   1.00 27.11 ? 93   ASP A OD2  1 
ATOM   764  N  N    . CYS A 1 94  ? 8.195   -1.261  4.869   1.00 19.57 ? 94   CYS A N    1 
ATOM   765  C  CA   . CYS A 1 94  ? 7.465   -1.164  3.606   1.00 16.57 ? 94   CYS A CA   1 
ATOM   766  C  C    . CYS A 1 94  ? 7.260   0.290   3.243   1.00 17.62 ? 94   CYS A C    1 
ATOM   767  O  O    . CYS A 1 94  ? 7.131   1.123   4.132   1.00 24.87 ? 94   CYS A O    1 
ATOM   768  C  CB   . CYS A 1 94  ? 6.103   -1.809  3.805   1.00 11.60 ? 94   CYS A CB   1 
ATOM   769  S  SG   . CYS A 1 94  ? 5.097   -1.975  2.385   1.00 22.10 ? 94   CYS A SG   1 
ATOM   770  N  N    . ALA A 1 95  ? 7.219   0.594   1.946   1.00 15.74 ? 95   ALA A N    1 
ATOM   771  C  CA   . ALA A 1 95  ? 7.000   1.959   1.465   1.00 9.41  ? 95   ALA A CA   1 
ATOM   772  C  C    . ALA A 1 95  ? 6.077   1.939   0.259   1.00 14.97 ? 95   ALA A C    1 
ATOM   773  O  O    . ALA A 1 95  ? 6.203   1.116   -0.628  1.00 16.08 ? 95   ALA A O    1 
ATOM   774  C  CB   . ALA A 1 95  ? 8.323   2.652   1.099   1.00 10.61 ? 95   ALA A CB   1 
ATOM   775  N  N    . HIS A 1 96  ? 5.100   2.823   0.264   1.00 17.45 ? 96   HIS A N    1 
ATOM   776  C  CA   . HIS A 1 96  ? 4.151   2.927   -0.822  1.00 16.85 ? 96   HIS A CA   1 
ATOM   777  C  C    . HIS A 1 96  ? 4.218   4.345   -1.359  1.00 17.39 ? 96   HIS A C    1 
ATOM   778  O  O    . HIS A 1 96  ? 4.311   5.285   -0.583  1.00 20.72 ? 96   HIS A O    1 
ATOM   779  C  CB   . HIS A 1 96  ? 2.743   2.646   -0.292  1.00 15.38 ? 96   HIS A CB   1 
ATOM   780  C  CG   . HIS A 1 96  ? 2.386   1.192   -0.269  1.00 13.24 ? 96   HIS A CG   1 
ATOM   781  N  ND1  . HIS A 1 96  ? 1.159   0.721   -0.692  1.00 16.95 ? 96   HIS A ND1  1 
ATOM   782  C  CD2  . HIS A 1 96  ? 3.099   0.102   0.096   1.00 11.95 ? 96   HIS A CD2  1 
ATOM   783  C  CE1  . HIS A 1 96  ? 1.137   -0.597  -0.587  1.00 22.10 ? 96   HIS A CE1  1 
ATOM   784  N  NE2  . HIS A 1 96  ? 2.302   -0.998  -0.112  1.00 19.25 ? 96   HIS A NE2  1 
ATOM   785  N  N    . LEU A 1 97  ? 4.226   4.503   -2.677  1.00 16.24 ? 97   LEU A N    1 
ATOM   786  C  CA   . LEU A 1 97  ? 4.249   5.832   -3.294  1.00 17.46 ? 97   LEU A CA   1 
ATOM   787  C  C    . LEU A 1 97  ? 2.815   6.239   -3.632  1.00 18.10 ? 97   LEU A C    1 
ATOM   788  O  O    . LEU A 1 97  ? 2.128   5.504   -4.352  1.00 21.67 ? 97   LEU A O    1 
ATOM   789  C  CB   . LEU A 1 97  ? 4.989   5.762   -4.619  1.00 16.31 ? 97   LEU A CB   1 
ATOM   790  C  CG   . LEU A 1 97  ? 5.828   6.945   -5.094  1.00 19.95 ? 97   LEU A CG   1 
ATOM   791  C  CD1  . LEU A 1 97  ? 5.828   6.911   -6.618  1.00 21.00 ? 97   LEU A CD1  1 
ATOM   792  C  CD2  . LEU A 1 97  ? 5.352   8.256   -4.582  1.00 10.13 ? 97   LEU A CD2  1 
ATOM   793  N  N    . LEU A 1 98  ? 2.386   7.418   -3.196  1.00 15.31 ? 98   LEU A N    1 
ATOM   794  C  CA   . LEU A 1 98  ? 1.038   7.901   -3.504  1.00 21.02 ? 98   LEU A CA   1 
ATOM   795  C  C    . LEU A 1 98  ? 1.229   8.883   -4.658  1.00 22.83 ? 98   LEU A C    1 
ATOM   796  O  O    . LEU A 1 98  ? 1.924   9.894   -4.510  1.00 21.69 ? 98   LEU A O    1 
ATOM   797  C  CB   . LEU A 1 98  ? 0.435   8.642   -2.304  1.00 17.05 ? 98   LEU A CB   1 
ATOM   798  C  CG   . LEU A 1 98  ? -0.778  8.134   -1.544  1.00 20.02 ? 98   LEU A CG   1 
ATOM   799  C  CD1  . LEU A 1 98  ? -0.992  9.050   -0.336  1.00 17.04 ? 98   LEU A CD1  1 
ATOM   800  C  CD2  . LEU A 1 98  ? -1.989  8.173   -2.435  1.00 13.53 ? 98   LEU A CD2  1 
ATOM   801  N  N    . THR A 1 99  ? 0.594   8.610   -5.788  1.00 19.55 ? 99   THR A N    1 
ATOM   802  C  CA   . THR A 1 99  ? 0.745   9.464   -6.938  1.00 17.73 ? 99   THR A CA   1 
ATOM   803  C  C    . THR A 1 99  ? -0.578  9.994   -7.469  1.00 21.76 ? 99   THR A C    1 
ATOM   804  O  O    . THR A 1 99  ? -1.619  9.360   -7.312  1.00 25.77 ? 99   THR A O    1 
ATOM   805  C  CB   . THR A 1 99  ? 1.457   8.670   -8.092  1.00 13.91 ? 99   THR A CB   1 
ATOM   806  O  OG1  . THR A 1 99  ? 1.591   9.500   -9.254  1.00 15.29 ? 99   THR A OG1  1 
ATOM   807  C  CG2  . THR A 1 99  ? 0.660   7.462   -8.477  1.00 11.82 ? 99   THR A CG2  1 
ATOM   808  N  N    . ALA A 1 100 ? -0.544  11.175  -8.073  1.00 20.24 ? 100  ALA A N    1 
ATOM   809  C  CA   . ALA A 1 100 ? -1.737  11.718  -8.702  1.00 22.91 ? 100  ALA A CA   1 
ATOM   810  C  C    . ALA A 1 100 ? -1.687  11.334  -10.197 1.00 28.12 ? 100  ALA A C    1 
ATOM   811  O  O    . ALA A 1 100 ? -2.589  11.668  -10.967 1.00 37.46 ? 100  ALA A O    1 
ATOM   812  C  CB   . ALA A 1 100 ? -1.777  13.217  -8.562  1.00 22.42 ? 100  ALA A CB   1 
ATOM   813  N  N    . THR A 1 101 ? -0.618  10.655  -10.608 1.00 33.16 ? 101  THR A N    1 
ATOM   814  C  CA   . THR A 1 101 ? -0.440  10.255  -12.010 1.00 30.56 ? 101  THR A CA   1 
ATOM   815  C  C    . THR A 1 101 ? -1.375  9.156   -12.502 1.00 26.04 ? 101  THR A C    1 
ATOM   816  O  O    . THR A 1 101 ? -1.540  8.108   -11.882 1.00 26.96 ? 101  THR A O    1 
ATOM   817  C  CB   . THR A 1 101 ? 1.035   9.831   -12.336 1.00 26.48 ? 101  THR A CB   1 
ATOM   818  O  OG1  . THR A 1 101 ? 1.934   10.920  -12.073 1.00 35.50 ? 101  THR A OG1  1 
ATOM   819  C  CG2  . THR A 1 101 ? 1.159   9.472   -13.792 1.00 27.05 ? 101  THR A CG2  1 
ATOM   820  N  N    . ASN A 1 102 ? -1.968  9.416   -13.653 1.00 27.66 ? 102  ASN A N    1 
ATOM   821  C  CA   . ASN A 1 102 ? -2.864  8.482   -14.307 1.00 25.07 ? 102  ASN A CA   1 
ATOM   822  C  C    . ASN A 1 102 ? -2.032  7.341   -14.866 1.00 23.82 ? 102  ASN A C    1 
ATOM   823  O  O    . ASN A 1 102 ? -1.167  7.539   -15.717 1.00 27.64 ? 102  ASN A O    1 
ATOM   824  C  CB   . ASN A 1 102 ? -3.564  9.200   -15.440 1.00 29.80 ? 102  ASN A CB   1 
ATOM   825  C  CG   . ASN A 1 102 ? -5.021  9.319   -15.215 1.00 29.40 ? 102  ASN A CG   1 
ATOM   826  O  OD1  . ASN A 1 102 ? -5.759  8.389   -15.492 1.00 40.92 ? 102  ASN A OD1  1 
ATOM   827  N  ND2  . ASN A 1 102 ? -5.455  10.454  -14.694 1.00 35.61 ? 102  ASN A ND2  1 
ATOM   828  N  N    . LEU A 1 103 ? -2.228  6.165   -14.313 1.00 25.44 ? 103  LEU A N    1 
ATOM   829  C  CA   . LEU A 1 103 ? -1.490  5.012   -14.758 1.00 21.74 ? 103  LEU A CA   1 
ATOM   830  C  C    . LEU A 1 103 ? -2.207  4.338   -15.954 1.00 25.92 ? 103  LEU A C    1 
ATOM   831  O  O    . LEU A 1 103 ? -3.440  4.399   -16.080 1.00 26.67 ? 103  LEU A O    1 
ATOM   832  C  CB   . LEU A 1 103 ? -1.345  4.063   -13.575 1.00 24.01 ? 103  LEU A CB   1 
ATOM   833  C  CG   . LEU A 1 103 ? -0.738  4.680   -12.320 1.00 21.62 ? 103  LEU A CG   1 
ATOM   834  C  CD1  . LEU A 1 103 ? -0.839  3.677   -11.170 1.00 18.18 ? 103  LEU A CD1  1 
ATOM   835  C  CD2  . LEU A 1 103 ? 0.710   5.051   -12.608 1.00 23.50 ? 103  LEU A CD2  1 
ATOM   836  N  N    . ASN A 1 104 ? -1.422  3.682   -16.812 1.00 28.17 ? 104  ASN A N    1 
ATOM   837  C  CA   . ASN A 1 104 ? -1.918  3.011   -18.010 1.00 26.87 ? 104  ASN A CA   1 
ATOM   838  C  C    . ASN A 1 104 ? -2.891  1.907   -17.692 1.00 28.42 ? 104  ASN A C    1 
ATOM   839  O  O    . ASN A 1 104 ? -2.747  1.204   -16.686 1.00 32.55 ? 104  ASN A O    1 
ATOM   840  C  CB   . ASN A 1 104 ? -0.757  2.413   -18.816 1.00 22.84 ? 104  ASN A CB   1 
ATOM   841  C  CG   . ASN A 1 104 ? 0.151   3.466   -19.406 1.00 26.15 ? 104  ASN A CG   1 
ATOM   842  O  OD1  . ASN A 1 104 ? -0.186  4.647   -19.413 1.00 32.18 ? 104  ASN A OD1  1 
ATOM   843  N  ND2  . ASN A 1 104 ? 1.308   3.045   -19.916 1.00 25.03 ? 104  ASN A ND2  1 
ATOM   844  N  N    . ASP A 1 105 ? -3.863  1.746   -18.580 1.00 28.28 ? 105  ASP A N    1 
ATOM   845  C  CA   . ASP A 1 105 ? -4.896  0.721   -18.477 1.00 26.31 ? 105  ASP A CA   1 
ATOM   846  C  C    . ASP A 1 105 ? -5.776  0.654   -17.219 1.00 32.36 ? 105  ASP A C    1 
ATOM   847  O  O    . ASP A 1 105 ? -6.098  -0.445  -16.734 1.00 33.40 ? 105  ASP A O    1 
ATOM   848  C  CB   . ASP A 1 105 ? -4.300  -0.649  -18.775 1.00 26.84 ? 105  ASP A CB   1 
ATOM   849  C  CG   . ASP A 1 105 ? -3.634  -0.703  -20.121 1.00 26.57 ? 105  ASP A CG   1 
ATOM   850  O  OD1  . ASP A 1 105 ? -2.464  -1.103  -20.170 1.00 31.78 ? 105  ASP A OD1  1 
ATOM   851  O  OD2  . ASP A 1 105 ? -4.272  -0.340  -21.127 1.00 29.10 ? 105  ASP A OD2  1 
ATOM   852  N  N    . ASN A 1 106 ? -6.196  1.817   -16.715 1.00 29.64 ? 106  ASN A N    1 
ATOM   853  C  CA   . ASN A 1 106 ? -7.093  1.900   -15.554 1.00 29.70 ? 106  ASN A CA   1 
ATOM   854  C  C    . ASN A 1 106 ? -6.615  1.218   -14.303 1.00 25.84 ? 106  ASN A C    1 
ATOM   855  O  O    . ASN A 1 106 ? -7.431  0.672   -13.554 1.00 25.80 ? 106  ASN A O    1 
ATOM   856  C  CB   . ASN A 1 106 ? -8.456  1.325   -15.894 1.00 33.74 ? 106  ASN A CB   1 
ATOM   857  C  CG   . ASN A 1 106 ? -8.928  1.754   -17.238 1.00 49.22 ? 106  ASN A CG   1 
ATOM   858  O  OD1  . ASN A 1 106 ? -9.180  2.946   -17.461 1.00 57.15 ? 106  ASN A OD1  1 
ATOM   859  N  ND2  . ASN A 1 106 ? -8.982  0.801   -18.190 1.00 56.10 ? 106  ASN A ND2  1 
ATOM   860  N  N    . THR A 1 107 ? -5.302  1.193   -14.126 1.00 20.21 ? 107  THR A N    1 
ATOM   861  C  CA   . THR A 1 107 ? -4.662  0.615   -12.970 1.00 25.93 ? 107  THR A CA   1 
ATOM   862  C  C    . THR A 1 107 ? -4.583  1.776   -11.951 1.00 28.88 ? 107  THR A C    1 
ATOM   863  O  O    . THR A 1 107 ? -4.236  2.906   -12.312 1.00 35.98 ? 107  THR A O    1 
ATOM   864  C  CB   . THR A 1 107 ? -3.234  0.099   -13.349 1.00 26.61 ? 107  THR A CB   1 
ATOM   865  O  OG1  . THR A 1 107 ? -3.322  -0.782  -14.474 1.00 29.73 ? 107  THR A OG1  1 
ATOM   866  C  CG2  . THR A 1 107 ? -2.609  -0.684  -12.222 1.00 32.12 ? 107  THR A CG2  1 
ATOM   867  N  N    . ILE A 1 108 ? -5.010  1.527   -10.716 1.00 23.86 ? 108  ILE A N    1 
ATOM   868  C  CA   . ILE A 1 108 ? -4.965  2.548   -9.670  1.00 22.28 ? 108  ILE A CA   1 
ATOM   869  C  C    . ILE A 1 108 ? -4.028  2.127   -8.545  1.00 19.25 ? 108  ILE A C    1 
ATOM   870  O  O    . ILE A 1 108 ? -3.811  2.874   -7.616  1.00 20.72 ? 108  ILE A O    1 
ATOM   871  C  CB   . ILE A 1 108 ? -6.352  2.845   -9.101  1.00 17.23 ? 108  ILE A CB   1 
ATOM   872  C  CG1  . ILE A 1 108 ? -7.009  1.523   -8.690  1.00 21.98 ? 108  ILE A CG1  1 
ATOM   873  C  CG2  . ILE A 1 108 ? -7.187  3.579   -10.135 1.00 14.09 ? 108  ILE A CG2  1 
ATOM   874  C  CD1  . ILE A 1 108 ? -8.349  1.659   -7.997  1.00 20.96 ? 108  ILE A CD1  1 
ATOM   875  N  N    . GLY A 1 109 ? -3.437  0.947   -8.663  1.00 13.40 ? 109  GLY A N    1 
ATOM   876  C  CA   . GLY A 1 109 ? -2.512  0.494   -7.661  1.00 8.12  ? 109  GLY A CA   1 
ATOM   877  C  C    . GLY A 1 109 ? -1.745  -0.714  -8.155  1.00 15.44 ? 109  GLY A C    1 
ATOM   878  O  O    . GLY A 1 109 ? -2.258  -1.491  -8.974  1.00 14.09 ? 109  GLY A O    1 
ATOM   879  N  N    . LEU A 1 110 ? -0.530  -0.882  -7.638  1.00 13.89 ? 110  LEU A N    1 
ATOM   880  C  CA   . LEU A 1 110 ? 0.344   -2.008  -7.982  1.00 18.36 ? 110  LEU A CA   1 
ATOM   881  C  C    . LEU A 1 110 ? 1.269   -2.250  -6.795  1.00 18.09 ? 110  LEU A C    1 
ATOM   882  O  O    . LEU A 1 110 ? 1.634   -1.297  -6.114  1.00 18.81 ? 110  LEU A O    1 
ATOM   883  C  CB   . LEU A 1 110 ? 1.199   -1.668  -9.222  1.00 17.65 ? 110  LEU A CB   1 
ATOM   884  C  CG   . LEU A 1 110 ? 2.105   -2.751  -9.827  1.00 20.24 ? 110  LEU A CG   1 
ATOM   885  C  CD1  . LEU A 1 110 ? 1.300   -3.899  -10.316 1.00 12.75 ? 110  LEU A CD1  1 
ATOM   886  C  CD2  . LEU A 1 110 ? 2.889   -2.201  -10.955 1.00 21.42 ? 110  LEU A CD2  1 
ATOM   887  N  N    . ALA A 1 111 ? 1.625   -3.512  -6.537  1.00 17.53 ? 111  ALA A N    1 
ATOM   888  C  CA   . ALA A 1 111 ? 2.552   -3.876  -5.453  1.00 20.29 ? 111  ALA A CA   1 
ATOM   889  C  C    . ALA A 1 111 ? 3.199   -5.224  -5.733  1.00 21.05 ? 111  ALA A C    1 
ATOM   890  O  O    . ALA A 1 111 ? 2.647   -6.027  -6.487  1.00 23.44 ? 111  ALA A O    1 
ATOM   891  C  CB   . ALA A 1 111 ? 1.837   -3.942  -4.105  1.00 15.49 ? 111  ALA A CB   1 
ATOM   892  N  N    . TYR A 1 112 ? 4.325   -5.490  -5.069  1.00 22.79 ? 112  TYR A N    1 
ATOM   893  C  CA   . TYR A 1 112 ? 5.040   -6.764  -5.200  1.00 15.19 ? 112  TYR A CA   1 
ATOM   894  C  C    . TYR A 1 112 ? 4.508   -7.810  -4.251  1.00 16.63 ? 112  TYR A C    1 
ATOM   895  O  O    . TYR A 1 112 ? 4.541   -7.630  -3.024  1.00 16.30 ? 112  TYR A O    1 
ATOM   896  C  CB   . TYR A 1 112 ? 6.526   -6.593  -4.897  1.00 20.89 ? 112  TYR A CB   1 
ATOM   897  C  CG   . TYR A 1 112 ? 7.285   -5.860  -5.959  1.00 24.53 ? 112  TYR A CG   1 
ATOM   898  C  CD1  . TYR A 1 112 ? 7.221   -6.270  -7.286  1.00 21.67 ? 112  TYR A CD1  1 
ATOM   899  C  CD2  . TYR A 1 112 ? 8.067   -4.742  -5.644  1.00 24.95 ? 112  TYR A CD2  1 
ATOM   900  C  CE1  . TYR A 1 112 ? 7.925   -5.575  -8.294  1.00 26.80 ? 112  TYR A CE1  1 
ATOM   901  C  CE2  . TYR A 1 112 ? 8.779   -4.041  -6.642  1.00 28.17 ? 112  TYR A CE2  1 
ATOM   902  C  CZ   . TYR A 1 112 ? 8.701   -4.465  -7.969  1.00 22.57 ? 112  TYR A CZ   1 
ATOM   903  O  OH   . TYR A 1 112 ? 9.378   -3.779  -8.965  1.00 35.31 ? 112  TYR A OH   1 
ATOM   904  N  N    . LYS A 1 113 ? 4.067   -8.918  -4.830  1.00 17.35 ? 113  LYS A N    1 
ATOM   905  C  CA   . LYS A 1 113 ? 3.535   -10.075 -4.122  1.00 21.33 ? 113  LYS A CA   1 
ATOM   906  C  C    . LYS A 1 113 ? 4.625   -10.638 -3.211  1.00 25.47 ? 113  LYS A C    1 
ATOM   907  O  O    . LYS A 1 113 ? 5.779   -10.741 -3.599  1.00 29.07 ? 113  LYS A O    1 
ATOM   908  C  CB   . LYS A 1 113 ? 3.118   -11.131 -5.141  1.00 29.66 ? 113  LYS A CB   1 
ATOM   909  C  CG   . LYS A 1 113 ? 2.010   -12.070 -4.711  1.00 43.52 ? 113  LYS A CG   1 
ATOM   910  C  CD   . LYS A 1 113 ? 0.637   -11.613 -5.232  1.00 51.69 ? 113  LYS A CD   1 
ATOM   911  C  CE   . LYS A 1 113 ? 0.502   -11.762 -6.760  1.00 54.97 ? 113  LYS A CE   1 
ATOM   912  N  NZ   . LYS A 1 113 ? -0.897  -11.494 -7.287  1.00 56.37 ? 113  LYS A NZ   1 
ATOM   913  N  N    . LYS A 1 114 ? 4.258   -10.946 -1.977  1.00 26.59 ? 114  LYS A N    1 
ATOM   914  C  CA   . LYS A 1 114 ? 5.188   -11.481 -0.998  1.00 24.31 ? 114  LYS A CA   1 
ATOM   915  C  C    . LYS A 1 114 ? 6.439   -10.644 -0.808  1.00 22.91 ? 114  LYS A C    1 
ATOM   916  O  O    . LYS A 1 114 ? 7.460   -11.162 -0.355  1.00 27.64 ? 114  LYS A O    1 
ATOM   917  C  CB   . LYS A 1 114 ? 5.604   -12.898 -1.360  1.00 23.86 ? 114  LYS A CB   1 
ATOM   918  C  CG   . LYS A 1 114 ? 4.471   -13.826 -1.623  1.00 27.25 ? 114  LYS A CG   1 
ATOM   919  C  CD   . LYS A 1 114 ? 4.971   -15.240 -1.843  1.00 40.04 ? 114  LYS A CD   1 
ATOM   920  C  CE   . LYS A 1 114 ? 3.854   -16.142 -2.381  1.00 47.12 ? 114  LYS A CE   1 
ATOM   921  N  NZ   . LYS A 1 114 ? 4.204   -17.607 -2.451  1.00 59.34 ? 114  LYS A NZ   1 
ATOM   922  N  N    . GLY A 1 115 ? 6.362   -9.352  -1.100  1.00 28.19 ? 115  GLY A N    1 
ATOM   923  C  CA   . GLY A 1 115 ? 7.532   -8.505  -0.943  1.00 24.71 ? 115  GLY A CA   1 
ATOM   924  C  C    . GLY A 1 115 ? 7.818   -7.946  0.435   1.00 22.89 ? 115  GLY A C    1 
ATOM   925  O  O    . GLY A 1 115 ? 8.844   -7.289  0.641   1.00 23.79 ? 115  GLY A O    1 
ATOM   926  N  N    . MET A 1 116 ? 6.928   -8.196  1.385   1.00 23.11 ? 116  MET A N    1 
ATOM   927  C  CA   . MET A 1 116 ? 7.072   -7.670  2.748   1.00 23.45 ? 116  MET A CA   1 
ATOM   928  C  C    . MET A 1 116 ? 8.442   -7.917  3.386   1.00 23.37 ? 116  MET A C    1 
ATOM   929  O  O    . MET A 1 116 ? 8.911   -9.049  3.434   1.00 23.61 ? 116  MET A O    1 
ATOM   930  C  CB   . MET A 1 116 ? 5.960   -8.231  3.654   1.00 22.04 ? 116  MET A CB   1 
ATOM   931  C  CG   . MET A 1 116 ? 5.951   -7.656  5.075   1.00 15.92 ? 116  MET A CG   1 
ATOM   932  S  SD   . MET A 1 116 ? 5.870   -5.857  5.153   1.00 20.32 ? 116  MET A SD   1 
ATOM   933  C  CE   . MET A 1 116 ? 4.403   -5.529  4.140   1.00 14.56 ? 116  MET A CE   1 
ATOM   934  N  N    . CYS A 1 117 ? 9.079   -6.841  3.844   1.00 20.70 ? 117  CYS A N    1 
ATOM   935  C  CA   . CYS A 1 117 ? 10.382  -6.879  4.510   1.00 23.72 ? 117  CYS A CA   1 
ATOM   936  C  C    . CYS A 1 117 ? 11.610  -6.783  3.573   1.00 31.52 ? 117  CYS A C    1 
ATOM   937  O  O    . CYS A 1 117 ? 12.677  -6.319  4.005   1.00 31.66 ? 117  CYS A O    1 
ATOM   938  C  CB   . CYS A 1 117 ? 10.486  -8.086  5.464   1.00 24.93 ? 117  CYS A CB   1 
ATOM   939  S  SG   . CYS A 1 117 ? 9.403   -8.027  6.944   1.00 22.28 ? 117  CYS A SG   1 
ATOM   940  N  N    . ASN A 1 118 ? 11.441  -7.143  2.291   1.00 29.77 ? 118  ASN A N    1 
ATOM   941  C  CA   . ASN A 1 118 ? 12.522  -7.102  1.296   1.00 24.49 ? 118  ASN A CA   1 
ATOM   942  C  C    . ASN A 1 118 ? 12.932  -5.678  1.010   1.00 27.05 ? 118  ASN A C    1 
ATOM   943  O  O    . ASN A 1 118 ? 12.072  -4.840  0.757   1.00 31.75 ? 118  ASN A O    1 
ATOM   944  C  CB   . ASN A 1 118 ? 12.074  -7.731  -0.014  1.00 28.31 ? 118  ASN A CB   1 
ATOM   945  C  CG   . ASN A 1 118 ? 13.223  -7.910  -0.997  1.00 34.84 ? 118  ASN A CG   1 
ATOM   946  O  OD1  . ASN A 1 118 ? 13.793  -6.941  -1.530  1.00 37.66 ? 118  ASN A OD1  1 
ATOM   947  N  ND2  . ASN A 1 118 ? 13.578  -9.158  -1.233  1.00 33.69 ? 118  ASN A ND2  1 
ATOM   948  N  N    . PRO A 1 119 ? 14.252  -5.399  0.977   1.00 26.60 ? 119  PRO A N    1 
ATOM   949  C  CA   . PRO A 1 119 ? 14.835  -4.077  0.721   1.00 26.03 ? 119  PRO A CA   1 
ATOM   950  C  C    . PRO A 1 119 ? 14.472  -3.521  -0.631  1.00 31.10 ? 119  PRO A C    1 
ATOM   951  O  O    . PRO A 1 119 ? 14.439  -2.300  -0.814  1.00 36.35 ? 119  PRO A O    1 
ATOM   952  C  CB   . PRO A 1 119 ? 16.317  -4.339  0.809   1.00 21.16 ? 119  PRO A CB   1 
ATOM   953  C  CG   . PRO A 1 119 ? 16.382  -5.461  1.760   1.00 24.38 ? 119  PRO A CG   1 
ATOM   954  C  CD   . PRO A 1 119 ? 15.319  -6.365  1.256   1.00 17.83 ? 119  PRO A CD   1 
ATOM   955  N  N    . LYS A 1 120 ? 14.234  -4.408  -1.593  1.00 33.40 ? 120  LYS A N    1 
ATOM   956  C  CA   . LYS A 1 120 ? 13.837  -3.950  -2.909  1.00 35.86 ? 120  LYS A CA   1 
ATOM   957  C  C    . LYS A 1 120 ? 12.352  -4.138  -3.181  1.00 30.81 ? 120  LYS A C    1 
ATOM   958  O  O    . LYS A 1 120 ? 11.684  -3.261  -3.744  1.00 27.49 ? 120  LYS A O    1 
ATOM   959  C  CB   . LYS A 1 120 ? 14.664  -4.648  -3.981  1.00 44.37 ? 120  LYS A CB   1 
ATOM   960  C  CG   . LYS A 1 120 ? 14.715  -3.896  -5.321  1.00 52.89 ? 120  LYS A CG   1 
ATOM   961  C  CD   . LYS A 1 120 ? 13.429  -4.084  -6.134  1.00 62.41 ? 120  LYS A CD   1 
ATOM   962  C  CE   . LYS A 1 120 ? 13.446  -3.311  -7.457  1.00 64.36 ? 120  LYS A CE   1 
ATOM   963  N  NZ   . LYS A 1 120 ? 12.270  -3.677  -8.309  1.00 69.33 ? 120  LYS A NZ   1 
ATOM   964  N  N    . LEU A 1 121 ? 11.819  -5.248  -2.710  1.00 27.46 ? 121  LEU A N    1 
ATOM   965  C  CA   . LEU A 1 121 ? 10.431  -5.580  -2.971  1.00 28.22 ? 121  LEU A CA   1 
ATOM   966  C  C    . LEU A 1 121 ? 9.330   -5.107  -2.053  1.00 26.40 ? 121  LEU A C    1 
ATOM   967  O  O    . LEU A 1 121 ? 8.167   -5.138  -2.445  1.00 25.87 ? 121  LEU A O    1 
ATOM   968  C  CB   . LEU A 1 121 ? 10.297  -7.091  -3.150  1.00 31.85 ? 121  LEU A CB   1 
ATOM   969  C  CG   . LEU A 1 121 ? 11.231  -7.720  -4.175  1.00 34.99 ? 121  LEU A CG   1 
ATOM   970  C  CD1  . LEU A 1 121 ? 10.922  -9.196  -4.311  1.00 33.40 ? 121  LEU A CD1  1 
ATOM   971  C  CD2  . LEU A 1 121 ? 11.054  -7.015  -5.493  1.00 34.97 ? 121  LEU A CD2  1 
ATOM   972  N  N    . SER A 1 122 ? 9.648   -4.757  -0.820  1.00 27.56 ? 122  SER A N    1 
ATOM   973  C  CA   . SER A 1 122 ? 8.590   -4.328  0.082   1.00 24.62 ? 122  SER A CA   1 
ATOM   974  C  C    . SER A 1 122 ? 8.208   -2.936  -0.333  1.00 24.22 ? 122  SER A C    1 
ATOM   975  O  O    . SER A 1 122 ? 8.396   -1.972  0.412   1.00 25.98 ? 122  SER A O    1 
ATOM   976  C  CB   . SER A 1 122 ? 9.057   -4.339  1.529   1.00 28.31 ? 122  SER A CB   1 
ATOM   977  O  OG   . SER A 1 122 ? 7.961   -4.381  2.425   1.00 25.30 ? 122  SER A OG   1 
ATOM   978  N  N    . VAL A 1 123 ? 7.562   -2.848  -1.487  1.00 25.05 ? 123  VAL A N    1 
ATOM   979  C  CA   . VAL A 1 123 ? 7.176   -1.561  -2.043  1.00 25.04 ? 123  VAL A CA   1 
ATOM   980  C  C    . VAL A 1 123 ? 5.782   -1.665  -2.731  1.00 24.27 ? 123  VAL A C    1 
ATOM   981  O  O    . VAL A 1 123 ? 5.324   -2.767  -3.067  1.00 21.60 ? 123  VAL A O    1 
ATOM   982  C  CB   . VAL A 1 123 ? 8.345   -1.100  -2.982  1.00 21.98 ? 123  VAL A CB   1 
ATOM   983  C  CG1  . VAL A 1 123 ? 7.909   -0.912  -4.379  1.00 21.74 ? 123  VAL A CG1  1 
ATOM   984  C  CG2  . VAL A 1 123 ? 9.044   0.098   -2.424  1.00 17.07 ? 123  VAL A CG2  1 
ATOM   985  N  N    . GLY A 1 124 ? 5.069   -0.539  -2.826  1.00 23.94 ? 124  GLY A N    1 
ATOM   986  C  CA   . GLY A 1 124 ? 3.757   -0.518  -3.456  1.00 12.39 ? 124  GLY A CA   1 
ATOM   987  C  C    . GLY A 1 124 ? 3.452   0.835   -4.092  1.00 15.25 ? 124  GLY A C    1 
ATOM   988  O  O    . GLY A 1 124 ? 4.077   1.844   -3.760  1.00 14.64 ? 124  GLY A O    1 
ATOM   989  N  N    . LEU A 1 125 ? 2.398   0.887   -4.898  1.00 15.06 ? 125  LEU A N    1 
ATOM   990  C  CA   . LEU A 1 125 ? 2.025   2.115   -5.576  1.00 18.19 ? 125  LEU A CA   1 
ATOM   991  C  C    . LEU A 1 125 ? 0.512   2.253   -5.630  1.00 15.80 ? 125  LEU A C    1 
ATOM   992  O  O    . LEU A 1 125 ? -0.190  1.321   -6.012  1.00 15.41 ? 125  LEU A O    1 
ATOM   993  C  CB   . LEU A 1 125 ? 2.567   2.066   -7.010  1.00 26.68 ? 125  LEU A CB   1 
ATOM   994  C  CG   . LEU A 1 125 ? 2.106   3.092   -8.049  1.00 27.89 ? 125  LEU A CG   1 
ATOM   995  C  CD1  . LEU A 1 125 ? 2.721   4.459   -7.759  1.00 34.95 ? 125  LEU A CD1  1 
ATOM   996  C  CD2  . LEU A 1 125 ? 2.550   2.629   -9.401  1.00 25.17 ? 125  LEU A CD2  1 
ATOM   997  N  N    . VAL A 1 126 ? -0.001  3.417   -5.255  1.00 16.57 ? 126  VAL A N    1 
ATOM   998  C  CA   . VAL A 1 126 ? -1.435  3.617   -5.324  1.00 16.61 ? 126  VAL A CA   1 
ATOM   999  C  C    . VAL A 1 126 ? -1.744  5.013   -5.852  1.00 16.24 ? 126  VAL A C    1 
ATOM   1000 O  O    . VAL A 1 126 ? -0.986  5.935   -5.635  1.00 20.43 ? 126  VAL A O    1 
ATOM   1001 C  CB   . VAL A 1 126 ? -2.184  3.197   -3.976  1.00 19.25 ? 126  VAL A CB   1 
ATOM   1002 C  CG1  . VAL A 1 126 ? -1.227  3.019   -2.852  1.00 16.84 ? 126  VAL A CG1  1 
ATOM   1003 C  CG2  . VAL A 1 126 ? -3.335  4.154   -3.621  1.00 18.68 ? 126  VAL A CG2  1 
ATOM   1004 N  N    . GLN A 1 127 ? -2.774  5.124   -6.682  1.00 20.27 ? 127  GLN A N    1 
ATOM   1005 C  CA   . GLN A 1 127 ? -3.160  6.406   -7.249  1.00 16.80 ? 127  GLN A CA   1 
ATOM   1006 C  C    . GLN A 1 127 ? -4.261  7.078   -6.407  1.00 20.39 ? 127  GLN A C    1 
ATOM   1007 O  O    . GLN A 1 127 ? -5.235  6.430   -5.997  1.00 22.25 ? 127  GLN A O    1 
ATOM   1008 C  CB   . GLN A 1 127 ? -3.681  6.219   -8.661  1.00 16.91 ? 127  GLN A CB   1 
ATOM   1009 C  CG   . GLN A 1 127 ? -3.634  7.505   -9.437  1.00 19.70 ? 127  GLN A CG   1 
ATOM   1010 C  CD   . GLN A 1 127 ? -4.608  7.590   -10.569 1.00 18.23 ? 127  GLN A CD   1 
ATOM   1011 O  OE1  . GLN A 1 127 ? -5.114  8.676   -10.863 1.00 32.24 ? 127  GLN A OE1  1 
ATOM   1012 N  NE2  . GLN A 1 127 ? -4.832  6.488   -11.264 1.00 20.93 ? 127  GLN A NE2  1 
ATOM   1013 H  HE21 . GLN A 1 127 ? -4.357  5.664   -11.033 1.00 0.00  ? 127  GLN A HE21 1 
ATOM   1014 H  HE22 . GLN A 1 127 ? -5.477  6.554   -11.999 1.00 0.00  ? 127  GLN A HE22 1 
ATOM   1015 N  N    . ASP A 1 128 ? -4.106  8.378   -6.177  1.00 20.34 ? 128  ASP A N    1 
ATOM   1016 C  CA   . ASP A 1 128 ? -5.075  9.176   -5.432  1.00 23.60 ? 128  ASP A CA   1 
ATOM   1017 C  C    . ASP A 1 128 ? -6.164  9.485   -6.446  1.00 19.59 ? 128  ASP A C    1 
ATOM   1018 O  O    . ASP A 1 128 ? -6.300  10.609  -6.905  1.00 21.74 ? 128  ASP A O    1 
ATOM   1019 C  CB   . ASP A 1 128 ? -4.400  10.463  -4.965  1.00 20.24 ? 128  ASP A CB   1 
ATOM   1020 C  CG   . ASP A 1 128 ? -5.241  11.237  -3.988  1.00 21.35 ? 128  ASP A CG   1 
ATOM   1021 O  OD1  . ASP A 1 128 ? -5.306  12.478  -4.090  1.00 22.94 ? 128  ASP A OD1  1 
ATOM   1022 O  OD2  . ASP A 1 128 ? -5.826  10.602  -3.097  1.00 31.10 ? 128  ASP A OD2  1 
ATOM   1023 N  N    . TYR A 1 129 ? -6.929  8.462   -6.799  1.00 24.06 ? 129  TYR A N    1 
ATOM   1024 C  CA   . TYR A 1 129 ? -7.956  8.566   -7.841  1.00 27.18 ? 129  TYR A CA   1 
ATOM   1025 C  C    . TYR A 1 129 ? -9.346  9.032   -7.414  1.00 25.84 ? 129  TYR A C    1 
ATOM   1026 O  O    . TYR A 1 129 ? -10.209 9.314   -8.270  1.00 18.27 ? 129  TYR A O    1 
ATOM   1027 C  CB   . TYR A 1 129 ? -8.088  7.208   -8.558  1.00 21.45 ? 129  TYR A CB   1 
ATOM   1028 C  CG   . TYR A 1 129 ? -8.802  6.182   -7.722  1.00 24.31 ? 129  TYR A CG   1 
ATOM   1029 C  CD1  . TYR A 1 129 ? -8.164  5.549   -6.668  1.00 23.27 ? 129  TYR A CD1  1 
ATOM   1030 C  CD2  . TYR A 1 129 ? -10.146 5.912   -7.933  1.00 22.20 ? 129  TYR A CD2  1 
ATOM   1031 C  CE1  . TYR A 1 129 ? -8.841  4.692   -5.853  1.00 21.09 ? 129  TYR A CE1  1 
ATOM   1032 C  CE2  . TYR A 1 129 ? -10.834 5.050   -7.114  1.00 22.29 ? 129  TYR A CE2  1 
ATOM   1033 C  CZ   . TYR A 1 129 ? -10.179 4.447   -6.077  1.00 23.84 ? 129  TYR A CZ   1 
ATOM   1034 O  OH   . TYR A 1 129 ? -10.883 3.603   -5.251  1.00 34.97 ? 129  TYR A OH   1 
ATOM   1035 N  N    . SER A 1 130 ? -9.563  9.082   -6.106  1.00 24.15 ? 130  SER A N    1 
ATOM   1036 C  CA   . SER A 1 130 ? -10.861 9.465   -5.567  1.00 22.91 ? 130  SER A CA   1 
ATOM   1037 C  C    . SER A 1 130 ? -10.774 10.580  -4.536  1.00 20.90 ? 130  SER A C    1 
ATOM   1038 O  O    . SER A 1 130 ? -9.777  10.704  -3.831  1.00 17.38 ? 130  SER A O    1 
ATOM   1039 C  CB   . SER A 1 130 ? -11.525 8.241   -4.939  1.00 24.82 ? 130  SER A CB   1 
ATOM   1040 O  OG   . SER A 1 130 ? -12.778 8.567   -4.371  1.00 33.28 ? 130  SER A OG   1 
ATOM   1041 N  N    . PRO A 1 131 ? -11.784 11.467  -4.500  1.00 22.08 ? 131  PRO A N    1 
ATOM   1042 C  CA   . PRO A 1 131 ? -11.789 12.567  -3.525  1.00 21.13 ? 131  PRO A CA   1 
ATOM   1043 C  C    . PRO A 1 131 ? -12.004 11.991  -2.122  1.00 21.19 ? 131  PRO A C    1 
ATOM   1044 O  O    . PRO A 1 131 ? -11.578 12.566  -1.125  1.00 23.88 ? 131  PRO A O    1 
ATOM   1045 C  CB   . PRO A 1 131 ? -12.962 13.417  -3.980  1.00 23.15 ? 131  PRO A CB   1 
ATOM   1046 C  CG   . PRO A 1 131 ? -13.874 12.412  -4.646  1.00 22.15 ? 131  PRO A CG   1 
ATOM   1047 C  CD   . PRO A 1 131 ? -12.925 11.570  -5.423  1.00 21.16 ? 131  PRO A CD   1 
ATOM   1048 N  N    . ASN A 1 132 ? -12.551 10.779  -2.112  1.00 21.72 ? 132  ASN A N    1 
ATOM   1049 C  CA   . ASN A 1 132 ? -12.877 9.999   -0.935  1.00 22.74 ? 132  ASN A CA   1 
ATOM   1050 C  C    . ASN A 1 132 ? -11.691 9.173   -0.384  1.00 28.86 ? 132  ASN A C    1 
ATOM   1051 O  O    . ASN A 1 132 ? -11.299 8.134   -0.963  1.00 29.31 ? 132  ASN A O    1 
ATOM   1052 C  CB   . ASN A 1 132 ? -14.074 9.091   -1.284  1.00 24.01 ? 132  ASN A CB   1 
ATOM   1053 C  CG   . ASN A 1 132 ? -14.590 8.292   -0.089  1.00 26.51 ? 132  ASN A CG   1 
ATOM   1054 O  OD1  . ASN A 1 132 ? -13.903 8.143   0.930   1.00 38.37 ? 132  ASN A OD1  1 
ATOM   1055 N  ND2  . ASN A 1 132 ? -15.791 7.754   -0.216  1.00 22.96 ? 132  ASN A ND2  1 
ATOM   1056 N  N    . VAL A 1 133 ? -11.206 9.588   0.793   1.00 27.72 ? 133  VAL A N    1 
ATOM   1057 C  CA   . VAL A 1 133 ? -10.079 8.956   1.473   1.00 21.65 ? 133  VAL A CA   1 
ATOM   1058 C  C    . VAL A 1 133 ? -10.323 7.484   1.678   1.00 20.99 ? 133  VAL A C    1 
ATOM   1059 O  O    . VAL A 1 133 ? -9.406  6.685   1.561   1.00 27.12 ? 133  VAL A O    1 
ATOM   1060 C  CB   . VAL A 1 133 ? -9.788  9.615   2.859   1.00 17.79 ? 133  VAL A CB   1 
ATOM   1061 C  CG1  . VAL A 1 133 ? -8.737  8.865   3.590   1.00 28.13 ? 133  VAL A CG1  1 
ATOM   1062 C  CG2  . VAL A 1 133 ? -9.263  10.985  2.671   1.00 25.69 ? 133  VAL A CG2  1 
ATOM   1063 N  N    . PHE A 1 134 ? -11.552 7.106   1.986   1.00 23.20 ? 134  PHE A N    1 
ATOM   1064 C  CA   . PHE A 1 134 ? -11.820 5.699   2.211   1.00 18.38 ? 134  PHE A CA   1 
ATOM   1065 C  C    . PHE A 1 134 ? -11.483 4.819   1.000   1.00 20.58 ? 134  PHE A C    1 
ATOM   1066 O  O    . PHE A 1 134 ? -10.852 3.763   1.161   1.00 22.82 ? 134  PHE A O    1 
ATOM   1067 C  CB   . PHE A 1 134 ? -13.258 5.470   2.654   1.00 16.43 ? 134  PHE A CB   1 
ATOM   1068 C  CG   . PHE A 1 134 ? -13.571 4.026   2.863   1.00 19.31 ? 134  PHE A CG   1 
ATOM   1069 C  CD1  . PHE A 1 134 ? -12.941 3.316   3.882   1.00 21.35 ? 134  PHE A CD1  1 
ATOM   1070 C  CD2  . PHE A 1 134 ? -14.403 3.349   1.984   1.00 20.16 ? 134  PHE A CD2  1 
ATOM   1071 C  CE1  . PHE A 1 134 ? -13.121 1.965   4.024   1.00 25.50 ? 134  PHE A CE1  1 
ATOM   1072 C  CE2  . PHE A 1 134 ? -14.592 1.991   2.113   1.00 24.89 ? 134  PHE A CE2  1 
ATOM   1073 C  CZ   . PHE A 1 134 ? -13.943 1.294   3.144   1.00 27.83 ? 134  PHE A CZ   1 
ATOM   1074 N  N    . MET A 1 135 ? -11.887 5.263   -0.192  1.00 22.43 ? 135  MET A N    1 
ATOM   1075 C  CA   . MET A 1 135 ? -11.630 4.554   -1.450  1.00 23.35 ? 135  MET A CA   1 
ATOM   1076 C  C    . MET A 1 135 ? -10.131 4.382   -1.730  1.00 22.08 ? 135  MET A C    1 
ATOM   1077 O  O    . MET A 1 135 ? -9.700  3.295   -2.127  1.00 22.98 ? 135  MET A O    1 
ATOM   1078 C  CB   . MET A 1 135 ? -12.296 5.266   -2.622  1.00 15.77 ? 135  MET A CB   1 
ATOM   1079 C  CG   . MET A 1 135 ? -13.797 5.302   -2.515  1.00 26.71 ? 135  MET A CG   1 
ATOM   1080 S  SD   . MET A 1 135 ? -14.598 3.703   -2.455  1.00 32.36 ? 135  MET A SD   1 
ATOM   1081 C  CE   . MET A 1 135 ? -14.333 3.202   -4.110  1.00 29.69 ? 135  MET A CE   1 
ATOM   1082 N  N    . VAL A 1 136 ? -9.354  5.463   -1.570  1.00 23.14 ? 136  VAL A N    1 
ATOM   1083 C  CA   . VAL A 1 136 ? -7.901  5.401   -1.743  1.00 18.36 ? 136  VAL A CA   1 
ATOM   1084 C  C    . VAL A 1 136 ? -7.283  4.497   -0.638  1.00 20.89 ? 136  VAL A C    1 
ATOM   1085 O  O    . VAL A 1 136 ? -6.312  3.776   -0.903  1.00 24.18 ? 136  VAL A O    1 
ATOM   1086 C  CB   . VAL A 1 136 ? -7.251  6.807   -1.718  1.00 23.06 ? 136  VAL A CB   1 
ATOM   1087 C  CG1  . VAL A 1 136 ? -5.741  6.713   -2.060  1.00 16.76 ? 136  VAL A CG1  1 
ATOM   1088 C  CG2  . VAL A 1 136 ? -7.965  7.724   -2.697  1.00 16.20 ? 136  VAL A CG2  1 
ATOM   1089 N  N    . ALA A 1 137 ? -7.864  4.501   0.573   1.00 18.32 ? 137  ALA A N    1 
ATOM   1090 C  CA   . ALA A 1 137 ? -7.401  3.655   1.679   1.00 10.29 ? 137  ALA A CA   1 
ATOM   1091 C  C    . ALA A 1 137 ? -7.692  2.183   1.399   1.00 18.11 ? 137  ALA A C    1 
ATOM   1092 O  O    . ALA A 1 137 ? -6.953  1.333   1.894   1.00 20.99 ? 137  ALA A O    1 
ATOM   1093 C  CB   . ALA A 1 137 ? -8.048  4.063   3.022   1.00 11.25 ? 137  ALA A CB   1 
ATOM   1094 N  N    . VAL A 1 138 ? -8.796  1.860   0.699   1.00 16.17 ? 138  VAL A N    1 
ATOM   1095 C  CA   . VAL A 1 138 ? -9.105  0.452   0.349   1.00 12.22 ? 138  VAL A CA   1 
ATOM   1096 C  C    . VAL A 1 138 ? -8.069  -0.080  -0.664  1.00 16.45 ? 138  VAL A C    1 
ATOM   1097 O  O    . VAL A 1 138 ? -7.658  -1.257  -0.580  1.00 16.97 ? 138  VAL A O    1 
ATOM   1098 C  CB   . VAL A 1 138 ? -10.506 0.269   -0.268  1.00 13.02 ? 138  VAL A CB   1 
ATOM   1099 C  CG1  . VAL A 1 138 ? -10.676 -1.153  -0.765  1.00 16.91 ? 138  VAL A CG1  1 
ATOM   1100 C  CG2  . VAL A 1 138 ? -11.535 0.515   0.748   1.00 17.71 ? 138  VAL A CG2  1 
ATOM   1101 N  N    . THR A 1 139 ? -7.667  0.781   -1.616  1.00 12.06 ? 139  THR A N    1 
ATOM   1102 C  CA   . THR A 1 139 ? -6.660  0.425   -2.611  1.00 14.82 ? 139  THR A CA   1 
ATOM   1103 C  C    . THR A 1 139 ? -5.329  0.252   -1.901  1.00 16.68 ? 139  THR A C    1 
ATOM   1104 O  O    . THR A 1 139 ? -4.631  -0.707  -2.145  1.00 25.59 ? 139  THR A O    1 
ATOM   1105 C  CB   . THR A 1 139 ? -6.558  1.451   -3.762  1.00 13.55 ? 139  THR A CB   1 
ATOM   1106 O  OG1  . THR A 1 139 ? -7.839  1.584   -4.379  1.00 19.28 ? 139  THR A OG1  1 
ATOM   1107 C  CG2  . THR A 1 139 ? -5.604  0.955   -4.837  1.00 8.94  ? 139  THR A CG2  1 
ATOM   1108 N  N    . MET A 1 140 ? -4.969  1.147   -0.993  1.00 19.32 ? 140  MET A N    1 
ATOM   1109 C  CA   . MET A 1 140 ? -3.722  0.932   -0.269  1.00 16.87 ? 140  MET A CA   1 
ATOM   1110 C  C    . MET A 1 140 ? -3.729  -0.375  0.601   1.00 21.31 ? 140  MET A C    1 
ATOM   1111 O  O    . MET A 1 140 ? -2.695  -1.036  0.772   1.00 20.70 ? 140  MET A O    1 
ATOM   1112 C  CB   . MET A 1 140 ? -3.384  2.153   0.573   1.00 13.47 ? 140  MET A CB   1 
ATOM   1113 C  CG   . MET A 1 140 ? -1.964  2.087   1.099   1.00 17.36 ? 140  MET A CG   1 
ATOM   1114 S  SD   . MET A 1 140 ? -1.253  3.589   1.741   1.00 23.67 ? 140  MET A SD   1 
ATOM   1115 C  CE   . MET A 1 140 ? -0.903  4.495   0.297   1.00 17.81 ? 140  MET A CE   1 
ATOM   1116 N  N    . THR A 1 141 ? -4.881  -0.732  1.170   1.00 21.83 ? 141  THR A N    1 
ATOM   1117 C  CA   . THR A 1 141 ? -5.009  -1.941  1.989   1.00 16.72 ? 141  THR A CA   1 
ATOM   1118 C  C    . THR A 1 141 ? -4.838  -3.165  1.120   1.00 15.43 ? 141  THR A C    1 
ATOM   1119 O  O    . THR A 1 141 ? -4.132  -4.090  1.485   1.00 18.07 ? 141  THR A O    1 
ATOM   1120 C  CB   . THR A 1 141 ? -6.377  -1.966  2.697   1.00 18.34 ? 141  THR A CB   1 
ATOM   1121 O  OG1  . THR A 1 141 ? -6.372  -0.973  3.715   1.00 16.05 ? 141  THR A OG1  1 
ATOM   1122 C  CG2  . THR A 1 141 ? -6.674  -3.298  3.349   1.00 13.34 ? 141  THR A CG2  1 
ATOM   1123 N  N    . HIS A 1 142 ? -5.482  -3.135  -0.048  1.00 17.12 ? 142  HIS A N    1 
ATOM   1124 C  CA   . HIS A 1 142 ? -5.422  -4.193  -1.059  1.00 13.91 ? 142  HIS A CA   1 
ATOM   1125 C  C    . HIS A 1 142 ? -3.957  -4.460  -1.524  1.00 20.01 ? 142  HIS A C    1 
ATOM   1126 O  O    . HIS A 1 142 ? -3.493  -5.616  -1.588  1.00 21.36 ? 142  HIS A O    1 
ATOM   1127 C  CB   . HIS A 1 142 ? -6.289  -3.755  -2.247  1.00 12.80 ? 142  HIS A CB   1 
ATOM   1128 C  CG   . HIS A 1 142 ? -6.320  -4.743  -3.371  1.00 22.26 ? 142  HIS A CG   1 
ATOM   1129 N  ND1  . HIS A 1 142 ? -7.457  -5.390  -3.800  1.00 26.34 ? 142  HIS A ND1  1 
ATOM   1130 C  CD2  . HIS A 1 142 ? -5.316  -5.211  -4.153  1.00 14.66 ? 142  HIS A CD2  1 
ATOM   1131 C  CE1  . HIS A 1 142 ? -7.120  -6.218  -4.795  1.00 20.73 ? 142  HIS A CE1  1 
ATOM   1132 N  NE2  . HIS A 1 142 ? -5.828  -6.144  -5.048  1.00 24.50 ? 142  HIS A NE2  1 
ATOM   1133 N  N    . GLU A 1 143 ? -3.242  -3.384  -1.872  1.00 20.76 ? 143  GLU A N    1 
ATOM   1134 C  CA   . GLU A 1 143 ? -1.853  -3.474  -2.289  1.00 13.37 ? 143  GLU A CA   1 
ATOM   1135 C  C    . GLU A 1 143 ? -0.995  -3.982  -1.173  1.00 18.43 ? 143  GLU A C    1 
ATOM   1136 O  O    . GLU A 1 143 ? -0.061  -4.724  -1.426  1.00 25.35 ? 143  GLU A O    1 
ATOM   1137 C  CB   . GLU A 1 143 ? -1.317  -2.146  -2.808  1.00 12.23 ? 143  GLU A CB   1 
ATOM   1138 C  CG   . GLU A 1 143 ? -2.031  -1.664  -4.074  1.00 16.11 ? 143  GLU A CG   1 
ATOM   1139 C  CD   . GLU A 1 143 ? -2.222  -2.771  -5.129  1.00 15.27 ? 143  GLU A CD   1 
ATOM   1140 O  OE1  . GLU A 1 143 ? -3.195  -2.665  -5.891  1.00 26.15 ? 143  GLU A OE1  1 
ATOM   1141 O  OE2  . GLU A 1 143 ? -1.412  -3.725  -5.227  1.00 19.34 ? 143  GLU A OE2  1 
ATOM   1142 N  N    . LEU A 1 144 ? -1.274  -3.556  0.058   1.00 23.64 ? 144  LEU A N    1 
ATOM   1143 C  CA   . LEU A 1 144 ? -0.518  -4.033  1.209   1.00 18.42 ? 144  LEU A CA   1 
ATOM   1144 C  C    . LEU A 1 144 ? -0.798  -5.521  1.329   1.00 14.75 ? 144  LEU A C    1 
ATOM   1145 O  O    . LEU A 1 144 ? 0.039   -6.257  1.791   1.00 20.14 ? 144  LEU A O    1 
ATOM   1146 C  CB   . LEU A 1 144 ? -0.953  -3.325  2.486   1.00 19.62 ? 144  LEU A CB   1 
ATOM   1147 C  CG   . LEU A 1 144 ? 0.155   -2.602  3.243   1.00 26.54 ? 144  LEU A CG   1 
ATOM   1148 C  CD1  . LEU A 1 144 ? -0.349  -2.253  4.619   1.00 32.00 ? 144  LEU A CD1  1 
ATOM   1149 C  CD2  . LEU A 1 144 ? 1.341   -3.509  3.385   1.00 31.25 ? 144  LEU A CD2  1 
ATOM   1150 N  N    . GLY A 1 145 ? -2.003  -5.928  0.938   1.00 14.03 ? 145  GLY A N    1 
ATOM   1151 C  CA   . GLY A 1 145 ? -2.406  -7.321  0.950   1.00 12.79 ? 145  GLY A CA   1 
ATOM   1152 C  C    . GLY A 1 145 ? -1.479  -8.140  0.070   1.00 20.29 ? 145  GLY A C    1 
ATOM   1153 O  O    . GLY A 1 145 ? -1.070  -9.226  0.477   1.00 25.32 ? 145  GLY A O    1 
ATOM   1154 N  N    . HIS A 1 146 ? -1.146  -7.657  -1.130  1.00 16.99 ? 146  HIS A N    1 
ATOM   1155 C  CA   . HIS A 1 146 ? -0.192  -8.390  -1.992  1.00 18.86 ? 146  HIS A CA   1 
ATOM   1156 C  C    . HIS A 1 146 ? 1.226   -8.478  -1.380  1.00 20.31 ? 146  HIS A C    1 
ATOM   1157 O  O    . HIS A 1 146 ? 1.877   -9.523  -1.500  1.00 26.92 ? 146  HIS A O    1 
ATOM   1158 C  CB   . HIS A 1 146 ? -0.089  -7.786  -3.384  1.00 12.77 ? 146  HIS A CB   1 
ATOM   1159 C  CG   . HIS A 1 146 ? -1.307  -7.979  -4.213  1.00 13.14 ? 146  HIS A CG   1 
ATOM   1160 N  ND1  . HIS A 1 146 ? -1.944  -9.186  -4.361  1.00 19.56 ? 146  HIS A ND1  1 
ATOM   1161 C  CD2  . HIS A 1 146 ? -2.007  -7.096  -4.970  1.00 12.78 ? 146  HIS A CD2  1 
ATOM   1162 C  CE1  . HIS A 1 146 ? -2.993  -9.012  -5.186  1.00 18.78 ? 146  HIS A CE1  1 
ATOM   1163 N  NE2  . HIS A 1 146 ? -3.076  -7.756  -5.584  1.00 12.54 ? 146  HIS A NE2  1 
ATOM   1164 N  N    . ASN A 1 147 ? 1.720   -7.400  -0.756  1.00 18.12 ? 147  ASN A N    1 
ATOM   1165 C  CA   . ASN A 1 147 ? 3.058   -7.430  -0.102  1.00 19.22 ? 147  ASN A CA   1 
ATOM   1166 C  C    . ASN A 1 147 ? 3.108   -8.577  0.923   1.00 19.14 ? 147  ASN A C    1 
ATOM   1167 O  O    . ASN A 1 147 ? 4.164   -9.169  1.173   1.00 19.92 ? 147  ASN A O    1 
ATOM   1168 C  CB   . ASN A 1 147 ? 3.370   -6.116  0.641   1.00 15.26 ? 147  ASN A CB   1 
ATOM   1169 C  CG   . ASN A 1 147 ? 3.638   -4.943  -0.298  1.00 21.30 ? 147  ASN A CG   1 
ATOM   1170 O  OD1  . ASN A 1 147 ? 3.311   -3.801  0.009   1.00 15.89 ? 147  ASN A OD1  1 
ATOM   1171 N  ND2  . ASN A 1 147 ? 4.232   -5.229  -1.457  1.00 16.71 ? 147  ASN A ND2  1 
ATOM   1172 N  N    . LEU A 1 148 ? 1.945   -8.880  1.500   1.00 20.83 ? 148  LEU A N    1 
ATOM   1173 C  CA   . LEU A 1 148 ? 1.786   -9.921  2.501   1.00 16.63 ? 148  LEU A CA   1 
ATOM   1174 C  C    . LEU A 1 148 ? 1.316   -11.239 1.865   1.00 18.15 ? 148  LEU A C    1 
ATOM   1175 O  O    . LEU A 1 148 ? 0.615   -12.012 2.497   1.00 23.24 ? 148  LEU A O    1 
ATOM   1176 C  CB   . LEU A 1 148 ? 0.761   -9.476  3.573   1.00 18.98 ? 148  LEU A CB   1 
ATOM   1177 C  CG   . LEU A 1 148 ? 0.944   -8.662  4.873   1.00 18.16 ? 148  LEU A CG   1 
ATOM   1178 C  CD1  . LEU A 1 148 ? 2.398   -8.532  5.293   1.00 14.25 ? 148  LEU A CD1  1 
ATOM   1179 C  CD2  . LEU A 1 148 ? 0.271   -7.321  4.794   1.00 11.61 ? 148  LEU A CD2  1 
ATOM   1180 N  N    . GLY A 1 149 ? 1.613   -11.464 0.593   1.00 21.90 ? 149  GLY A N    1 
ATOM   1181 C  CA   . GLY A 1 149 ? 1.236   -12.729 -0.024  1.00 21.86 ? 149  GLY A CA   1 
ATOM   1182 C  C    . GLY A 1 149 ? -0.202  -13.070 -0.369  1.00 26.87 ? 149  GLY A C    1 
ATOM   1183 O  O    . GLY A 1 149 ? -0.507  -14.240 -0.576  1.00 32.03 ? 149  GLY A O    1 
ATOM   1184 N  N    . MET A 1 150 ? -1.085  -12.079 -0.439  1.00 24.53 ? 150  MET A N    1 
ATOM   1185 C  CA   . MET A 1 150 ? -2.478  -12.317 -0.793  1.00 22.56 ? 150  MET A CA   1 
ATOM   1186 C  C    . MET A 1 150 ? -2.742  -12.236 -2.285  1.00 28.71 ? 150  MET A C    1 
ATOM   1187 O  O    . MET A 1 150 ? -2.173  -11.382 -2.973  1.00 25.67 ? 150  MET A O    1 
ATOM   1188 C  CB   . MET A 1 150 ? -3.391  -11.324 -0.103  1.00 10.77 ? 150  MET A CB   1 
ATOM   1189 C  CG   . MET A 1 150 ? -3.588  -11.614 1.363   1.00 15.89 ? 150  MET A CG   1 
ATOM   1190 S  SD   . MET A 1 150 ? -4.496  -10.299 2.131   1.00 23.97 ? 150  MET A SD   1 
ATOM   1191 C  CE   . MET A 1 150 ? -3.925  -10.323 3.727   1.00 15.88 ? 150  MET A CE   1 
ATOM   1192 N  N    . GLU A 1 151 ? -3.616  -13.123 -2.778  1.00 31.28 ? 151  GLU A N    1 
ATOM   1193 C  CA   . GLU A 1 151 ? -4.005  -13.154 -4.201  1.00 34.56 ? 151  GLU A CA   1 
ATOM   1194 C  C    . GLU A 1 151 ? -5.391  -12.547 -4.309  1.00 29.77 ? 151  GLU A C    1 
ATOM   1195 O  O    . GLU A 1 151 ? -6.065  -12.315 -3.312  1.00 31.49 ? 151  GLU A O    1 
ATOM   1196 C  CB   . GLU A 1 151 ? -4.142  -14.604 -4.734  1.00 39.07 ? 151  GLU A CB   1 
ATOM   1197 C  CG   . GLU A 1 151 ? -2.894  -15.441 -4.802  1.00 48.40 ? 151  GLU A CG   1 
ATOM   1198 C  CD   . GLU A 1 151 ? -1.900  -14.893 -5.789  1.00 62.70 ? 151  GLU A CD   1 
ATOM   1199 O  OE1  . GLU A 1 151 ? -2.314  -14.637 -6.947  1.00 70.41 ? 151  GLU A OE1  1 
ATOM   1200 O  OE2  . GLU A 1 151 ? -0.715  -14.705 -5.400  1.00 66.41 ? 151  GLU A OE2  1 
ATOM   1201 N  N    . HIS A 1 152 ? -5.856  -12.371 -5.528  1.00 29.26 ? 152  HIS A N    1 
ATOM   1202 C  CA   . HIS A 1 152 ? -7.196  -11.879 -5.735  1.00 26.59 ? 152  HIS A CA   1 
ATOM   1203 C  C    . HIS A 1 152 ? -8.201  -12.931 -5.326  1.00 29.39 ? 152  HIS A C    1 
ATOM   1204 O  O    . HIS A 1 152 ? -7.856  -14.083 -5.074  1.00 31.27 ? 152  HIS A O    1 
ATOM   1205 C  CB   . HIS A 1 152 ? -7.394  -11.520 -7.182  1.00 25.21 ? 152  HIS A CB   1 
ATOM   1206 C  CG   . HIS A 1 152 ? -6.663  -10.289 -7.560  1.00 21.57 ? 152  HIS A CG   1 
ATOM   1207 N  ND1  . HIS A 1 152 ? -6.066  -10.084 -8.776  1.00 28.76 ? 152  HIS A ND1  1 
ATOM   1208 C  CD2  . HIS A 1 152 ? -6.386  -9.189  -6.823  1.00 25.02 ? 152  HIS A CD2  1 
ATOM   1209 C  CE1  . HIS A 1 152 ? -5.468  -8.898  -8.723  1.00 27.30 ? 152  HIS A CE1  1 
ATOM   1210 N  NE2  . HIS A 1 152 ? -5.644  -8.331  -7.546  1.00 14.13 ? 152  HIS A NE2  1 
ATOM   1211 N  N    . ASP A 1 153 ? -9.449  -12.513 -5.219  1.00 32.99 ? 153  ASP A N    1 
ATOM   1212 C  CA   . ASP A 1 153 ? -10.507 -13.417 -4.833  1.00 36.46 ? 153  ASP A CA   1 
ATOM   1213 C  C    . ASP A 1 153 ? -11.157 -14.006 -6.054  1.00 40.08 ? 153  ASP A C    1 
ATOM   1214 O  O    . ASP A 1 153 ? -11.533 -13.265 -6.977  1.00 40.42 ? 153  ASP A O    1 
ATOM   1215 C  CB   . ASP A 1 153 ? -11.599 -12.683 -4.041  1.00 34.27 ? 153  ASP A CB   1 
ATOM   1216 C  CG   . ASP A 1 153 ? -11.236 -12.474 -2.584  1.00 30.01 ? 153  ASP A CG   1 
ATOM   1217 O  OD1  . ASP A 1 153 ? -10.448 -13.277 -2.041  1.00 25.17 ? 153  ASP A OD1  1 
ATOM   1218 O  OD2  . ASP A 1 153 ? -11.743 -11.497 -1.988  1.00 24.07 ? 153  ASP A OD2  1 
ATOM   1219 N  N    . ASP A 1 154 ? -11.236 -15.333 -6.080  1.00 40.70 ? 154  ASP A N    1 
ATOM   1220 C  CA   . ASP A 1 154 ? -11.933 -16.020 -7.147  1.00 47.91 ? 154  ASP A CA   1 
ATOM   1221 C  C    . ASP A 1 154 ? -13.301 -16.048 -6.495  1.00 50.03 ? 154  ASP A C    1 
ATOM   1222 O  O    . ASP A 1 154 ? -13.663 -17.034 -5.858  1.00 54.85 ? 154  ASP A O    1 
ATOM   1223 C  CB   . ASP A 1 154 ? -11.433 -17.460 -7.348  1.00 52.97 ? 154  ASP A CB   1 
ATOM   1224 C  CG   . ASP A 1 154 ? -12.319 -18.268 -8.328  1.00 58.84 ? 154  ASP A CG   1 
ATOM   1225 O  OD1  . ASP A 1 154 ? -13.209 -17.679 -8.992  1.00 60.08 ? 154  ASP A OD1  1 
ATOM   1226 O  OD2  . ASP A 1 154 ? -12.120 -19.499 -8.445  1.00 63.28 ? 154  ASP A OD2  1 
ATOM   1227 N  N    . LYS A 1 155 ? -14.000 -14.920 -6.579  1.00 55.67 ? 155  LYS A N    1 
ATOM   1228 C  CA   . LYS A 1 155 ? -15.344 -14.718 -6.008  1.00 59.57 ? 155  LYS A CA   1 
ATOM   1229 C  C    . LYS A 1 155 ? -16.247 -15.956 -6.089  1.00 58.86 ? 155  LYS A C    1 
ATOM   1230 O  O    . LYS A 1 155 ? -17.003 -16.248 -5.157  1.00 57.42 ? 155  LYS A O    1 
ATOM   1231 C  CB   . LYS A 1 155 ? -16.017 -13.526 -6.702  1.00 62.77 ? 155  LYS A CB   1 
ATOM   1232 C  CG   . LYS A 1 155 ? -15.138 -12.262 -6.728  1.00 67.11 ? 155  LYS A CG   1 
ATOM   1233 C  CD   . LYS A 1 155 ? -15.751 -11.148 -7.563  1.00 70.40 ? 155  LYS A CD   1 
ATOM   1234 C  CE   . LYS A 1 155 ? -14.814 -9.942  -7.634  1.00 74.92 ? 155  LYS A CE   1 
ATOM   1235 N  NZ   . LYS A 1 155 ? -15.421 -8.774  -8.362  1.00 77.04 ? 155  LYS A NZ   1 
ATOM   1236 N  N    . ASP A 1 156 ? -16.112 -16.686 -7.195  1.00 58.65 ? 156  ASP A N    1 
ATOM   1237 C  CA   . ASP A 1 156 ? -16.852 -17.913 -7.477  1.00 55.43 ? 156  ASP A CA   1 
ATOM   1238 C  C    . ASP A 1 156 ? -16.707 -18.895 -6.317  1.00 47.46 ? 156  ASP A C    1 
ATOM   1239 O  O    . ASP A 1 156 ? -17.684 -19.406 -5.773  1.00 42.76 ? 156  ASP A O    1 
ATOM   1240 C  CB   . ASP A 1 156 ? -16.251 -18.558 -8.739  1.00 66.11 ? 156  ASP A CB   1 
ATOM   1241 C  CG   . ASP A 1 156 ? -17.306 -18.982 -9.764  1.00 78.85 ? 156  ASP A CG   1 
ATOM   1242 O  OD1  . ASP A 1 156 ? -17.987 -20.019 -9.540  1.00 84.83 ? 156  ASP A OD1  1 
ATOM   1243 O  OD2  . ASP A 1 156 ? -17.427 -18.297 -10.814 1.00 82.60 ? 156  ASP A OD2  1 
ATOM   1244 N  N    . LYS A 1 157 ? -15.466 -19.148 -5.942  1.00 43.93 ? 157  LYS A N    1 
ATOM   1245 C  CA   . LYS A 1 157 ? -15.194 -20.083 -4.877  1.00 46.25 ? 157  LYS A CA   1 
ATOM   1246 C  C    . LYS A 1 157 ? -14.828 -19.432 -3.544  1.00 47.76 ? 157  LYS A C    1 
ATOM   1247 O  O    . LYS A 1 157 ? -14.726 -20.140 -2.545  1.00 54.99 ? 157  LYS A O    1 
ATOM   1248 C  CB   . LYS A 1 157 ? -14.090 -21.021 -5.321  1.00 45.87 ? 157  LYS A CB   1 
ATOM   1249 C  CG   . LYS A 1 157 ? -12.783 -20.318 -5.491  1.00 49.07 ? 157  LYS A CG   1 
ATOM   1250 C  CD   . LYS A 1 157 ? -11.916 -20.492 -4.273  1.00 55.08 ? 157  LYS A CD   1 
ATOM   1251 C  CE   . LYS A 1 157 ? -11.493 -21.948 -4.112  1.00 66.75 ? 157  LYS A CE   1 
ATOM   1252 N  NZ   . LYS A 1 157 ? -10.772 -22.464 -5.331  1.00 76.60 ? 157  LYS A NZ   1 
ATOM   1253 N  N    . CYS A 1 158 ? -14.538 -18.126 -3.538  1.00 44.16 ? 158  CYS A N    1 
ATOM   1254 C  CA   . CYS A 1 158 ? -14.208 -17.401 -2.294  1.00 37.39 ? 158  CYS A CA   1 
ATOM   1255 C  C    . CYS A 1 158 ? -15.486 -16.824 -1.684  1.00 33.74 ? 158  CYS A C    1 
ATOM   1256 O  O    . CYS A 1 158 ? -15.492 -16.317 -0.564  1.00 34.60 ? 158  CYS A O    1 
ATOM   1257 C  CB   . CYS A 1 158 ? -13.200 -16.291 -2.531  1.00 25.52 ? 158  CYS A CB   1 
ATOM   1258 S  SG   . CYS A 1 158 ? -11.583 -16.958 -2.941  1.00 29.03 ? 158  CYS A SG   1 
ATOM   1259 N  N    . LYS A 1 159 ? -16.548 -16.855 -2.471  1.00 30.14 ? 159  LYS A N    1 
ATOM   1260 C  CA   . LYS A 1 159 ? -17.840 -16.420 -2.025  1.00 37.15 ? 159  LYS A CA   1 
ATOM   1261 C  C    . LYS A 1 159 ? -17.962 -14.989 -1.540  1.00 35.48 ? 159  LYS A C    1 
ATOM   1262 O  O    . LYS A 1 159 ? -18.735 -14.697 -0.616  1.00 41.84 ? 159  LYS A O    1 
ATOM   1263 C  CB   . LYS A 1 159 ? -18.340 -17.390 -0.952  1.00 46.28 ? 159  LYS A CB   1 
ATOM   1264 C  CG   . LYS A 1 159 ? -18.437 -18.816 -1.440  1.00 48.79 ? 159  LYS A CG   1 
ATOM   1265 C  CD   . LYS A 1 159 ? -19.185 -18.879 -2.770  1.00 48.14 ? 159  LYS A CD   1 
ATOM   1266 C  CE   . LYS A 1 159 ? -19.547 -20.306 -3.084  1.00 53.93 ? 159  LYS A CE   1 
ATOM   1267 N  NZ   . LYS A 1 159 ? -18.339 -21.183 -2.934  1.00 63.68 ? 159  LYS A NZ   1 
ATOM   1268 N  N    . CYS A 1 160 ? -17.183 -14.092 -2.120  1.00 30.31 ? 160  CYS A N    1 
ATOM   1269 C  CA   . CYS A 1 160 ? -17.303 -12.709 -1.731  1.00 23.45 ? 160  CYS A CA   1 
ATOM   1270 C  C    . CYS A 1 160 ? -17.214 -11.839 -2.950  1.00 20.75 ? 160  CYS A C    1 
ATOM   1271 O  O    . CYS A 1 160 ? -16.369 -12.049 -3.803  1.00 24.75 ? 160  CYS A O    1 
ATOM   1272 C  CB   . CYS A 1 160 ? -16.251 -12.299 -0.707  1.00 29.59 ? 160  CYS A CB   1 
ATOM   1273 S  SG   . CYS A 1 160 ? -16.488 -10.578 -0.175  1.00 29.50 ? 160  CYS A SG   1 
ATOM   1274 N  N    . GLU A 1 161 ? -18.118 -10.872 -3.019  1.00 23.70 ? 161  GLU A N    1 
ATOM   1275 C  CA   . GLU A 1 161 ? -18.192 -9.940  -4.115  1.00 30.58 ? 161  GLU A CA   1 
ATOM   1276 C  C    . GLU A 1 161 ? -17.319 -8.719  -3.912  1.00 31.58 ? 161  GLU A C    1 
ATOM   1277 O  O    . GLU A 1 161 ? -16.603 -8.317  -4.815  1.00 42.05 ? 161  GLU A O    1 
ATOM   1278 C  CB   . GLU A 1 161 ? -19.641 -9.487  -4.329  1.00 37.50 ? 161  GLU A CB   1 
ATOM   1279 C  CG   . GLU A 1 161 ? -20.514 -10.501 -5.019  1.00 53.25 ? 161  GLU A CG   1 
ATOM   1280 C  CD   . GLU A 1 161 ? -20.038 -10.782 -6.428  1.00 67.89 ? 161  GLU A CD   1 
ATOM   1281 O  OE1  . GLU A 1 161 ? -19.162 -11.668 -6.609  1.00 71.58 ? 161  GLU A OE1  1 
ATOM   1282 O  OE2  . GLU A 1 161 ? -20.534 -10.097 -7.355  1.00 77.75 ? 161  GLU A OE2  1 
ATOM   1283 N  N    . ALA A 1 162 ? -17.347 -8.123  -2.735  1.00 30.48 ? 162  ALA A N    1 
ATOM   1284 C  CA   . ALA A 1 162 ? -16.556 -6.920  -2.554  1.00 29.25 ? 162  ALA A CA   1 
ATOM   1285 C  C    . ALA A 1 162 ? -15.622 -6.941  -1.372  1.00 31.37 ? 162  ALA A C    1 
ATOM   1286 O  O    . ALA A 1 162 ? -15.559 -6.004  -0.577  1.00 29.00 ? 162  ALA A O    1 
ATOM   1287 C  CB   . ALA A 1 162 ? -17.436 -5.735  -2.503  1.00 30.11 ? 162  ALA A CB   1 
ATOM   1288 N  N    . CYS A 1 163 ? -14.946 -8.059  -1.208  1.00 29.95 ? 163  CYS A N    1 
ATOM   1289 C  CA   . CYS A 1 163 ? -13.977 -8.137  -0.150  1.00 30.10 ? 163  CYS A CA   1 
ATOM   1290 C  C    . CYS A 1 163 ? -12.777 -7.367  -0.657  1.00 25.64 ? 163  CYS A C    1 
ATOM   1291 O  O    . CYS A 1 163 ? -12.653 -7.117  -1.862  1.00 28.25 ? 163  CYS A O    1 
ATOM   1292 C  CB   . CYS A 1 163 ? -13.629 -9.568  0.123   1.00 27.66 ? 163  CYS A CB   1 
ATOM   1293 S  SG   . CYS A 1 163 ? -14.949 -10.302 1.093   1.00 27.45 ? 163  CYS A SG   1 
ATOM   1294 N  N    . ILE A 1 164 ? -11.901 -6.987  0.264   1.00 27.23 ? 164  ILE A N    1 
ATOM   1295 C  CA   . ILE A 1 164 ? -10.713 -6.211  -0.057  1.00 20.84 ? 164  ILE A CA   1 
ATOM   1296 C  C    . ILE A 1 164 ? -9.880  -6.726  -1.237  1.00 20.56 ? 164  ILE A C    1 
ATOM   1297 O  O    . ILE A 1 164 ? -9.429  -5.918  -2.043  1.00 14.46 ? 164  ILE A O    1 
ATOM   1298 C  CB   . ILE A 1 164 ? -9.841  -6.036  1.197   1.00 22.87 ? 164  ILE A CB   1 
ATOM   1299 C  CG1  . ILE A 1 164 ? -10.526 -5.039  2.139   1.00 18.51 ? 164  ILE A CG1  1 
ATOM   1300 C  CG2  . ILE A 1 164 ? -8.441  -5.572  0.817   1.00 16.18 ? 164  ILE A CG2  1 
ATOM   1301 C  CD1  . ILE A 1 164 ? -10.196 -5.221  3.556   1.00 19.47 ? 164  ILE A CD1  1 
ATOM   1302 N  N    . MET A 1 165 ? -9.730  -8.044  -1.392  1.00 20.38 ? 165  MET A N    1 
ATOM   1303 C  CA   . MET A 1 165 ? -8.923  -8.540  -2.494  1.00 24.85 ? 165  MET A CA   1 
ATOM   1304 C  C    . MET A 1 165 ? -9.584  -8.765  -3.873  1.00 29.50 ? 165  MET A C    1 
ATOM   1305 O  O    . MET A 1 165 ? -9.002  -9.443  -4.725  1.00 27.31 ? 165  MET A O    1 
ATOM   1306 C  CB   . MET A 1 165 ? -8.089  -9.750  -2.065  1.00 18.80 ? 165  MET A CB   1 
ATOM   1307 C  CG   . MET A 1 165 ? -7.131  -9.469  -0.936  1.00 16.70 ? 165  MET A CG   1 
ATOM   1308 S  SD   . MET A 1 165 ? -5.963  -8.097  -1.128  1.00 21.00 ? 165  MET A SD   1 
ATOM   1309 C  CE   . MET A 1 165 ? -4.986  -8.655  -2.540  1.00 10.55 ? 165  MET A CE   1 
ATOM   1310 N  N    . SER A 1 166 ? -10.774 -8.201  -4.114  1.00 30.88 ? 166  SER A N    1 
ATOM   1311 C  CA   . SER A 1 166 ? -11.397 -8.334  -5.426  1.00 29.67 ? 166  SER A CA   1 
ATOM   1312 C  C    . SER A 1 166 ? -10.519 -7.554  -6.395  1.00 30.80 ? 166  SER A C    1 
ATOM   1313 O  O    . SER A 1 166 ? -10.011 -6.489  -6.074  1.00 31.60 ? 166  SER A O    1 
ATOM   1314 C  CB   . SER A 1 166 ? -12.822 -7.777  -5.448  1.00 29.83 ? 166  SER A CB   1 
ATOM   1315 O  OG   . SER A 1 166 ? -12.867 -6.472  -4.938  1.00 34.67 ? 166  SER A OG   1 
ATOM   1316 N  N    . ASP A 1 167 ? -10.296 -8.128  -7.566  1.00 36.80 ? 167  ASP A N    1 
ATOM   1317 C  CA   . ASP A 1 167 ? -9.467  -7.519  -8.605  1.00 35.55 ? 167  ASP A CA   1 
ATOM   1318 C  C    . ASP A 1 167 ? -9.940  -6.128  -9.000  1.00 36.05 ? 167  ASP A C    1 
ATOM   1319 O  O    . ASP A 1 167 ? -9.128  -5.242  -9.309  1.00 39.17 ? 167  ASP A O    1 
ATOM   1320 C  CB   . ASP A 1 167 ? -9.470  -8.429  -9.820  1.00 38.87 ? 167  ASP A CB   1 
ATOM   1321 C  CG   . ASP A 1 167 ? -10.742 -9.238  -9.916  1.00 46.06 ? 167  ASP A CG   1 
ATOM   1322 O  OD1  . ASP A 1 167 ? -10.724 -10.438 -9.562  1.00 57.25 ? 167  ASP A OD1  1 
ATOM   1323 O  OD2  . ASP A 1 167 ? -11.780 -8.656  -10.283 1.00 57.23 ? 167  ASP A OD2  1 
ATOM   1324 N  N    . VAL A 1 168 ? -11.251 -5.939  -9.027  1.00 28.88 ? 168  VAL A N    1 
ATOM   1325 C  CA   . VAL A 1 168 ? -11.794 -4.637  -9.378  1.00 33.05 ? 168  VAL A CA   1 
ATOM   1326 C  C    . VAL A 1 168 ? -12.394 -4.002  -8.129  1.00 31.42 ? 168  VAL A C    1 
ATOM   1327 O  O    . VAL A 1 168 ? -13.160 -4.648  -7.416  1.00 42.66 ? 168  VAL A O    1 
ATOM   1328 C  CB   . VAL A 1 168 ? -12.879 -4.774  -10.449 1.00 35.55 ? 168  VAL A CB   1 
ATOM   1329 C  CG1  . VAL A 1 168 ? -13.392 -3.404  -10.870 1.00 38.28 ? 168  VAL A CG1  1 
ATOM   1330 C  CG2  . VAL A 1 168 ? -12.332 -5.519  -11.638 1.00 39.73 ? 168  VAL A CG2  1 
ATOM   1331 N  N    . ILE A 1 169 ? -12.070 -2.743  -7.868  1.00 34.17 ? 169  ILE A N    1 
ATOM   1332 C  CA   . ILE A 1 169 ? -12.588 -2.099  -6.672  1.00 38.36 ? 169  ILE A CA   1 
ATOM   1333 C  C    . ILE A 1 169 ? -14.048 -1.818  -6.885  1.00 41.36 ? 169  ILE A C    1 
ATOM   1334 O  O    . ILE A 1 169 ? -14.430 -1.297  -7.929  1.00 47.06 ? 169  ILE A O    1 
ATOM   1335 C  CB   . ILE A 1 169 ? -11.832 -0.813  -6.332  1.00 36.65 ? 169  ILE A CB   1 
ATOM   1336 C  CG1  . ILE A 1 169 ? -12.308 -0.278  -4.984  1.00 35.40 ? 169  ILE A CG1  1 
ATOM   1337 C  CG2  . ILE A 1 169 ? -11.998 0.214   -7.431  1.00 31.63 ? 169  ILE A CG2  1 
ATOM   1338 C  CD1  . ILE A 1 169 ? -11.533 0.906   -4.551  1.00 36.90 ? 169  ILE A CD1  1 
ATOM   1339 N  N    . SER A 1 170 ? -14.868 -2.225  -5.923  1.00 47.47 ? 170  SER A N    1 
ATOM   1340 C  CA   . SER A 1 170 ? -16.315 -2.041  -6.018  1.00 49.83 ? 170  SER A CA   1 
ATOM   1341 C  C    . SER A 1 170 ? -16.813 -0.609  -5.794  1.00 53.96 ? 170  SER A C    1 
ATOM   1342 O  O    . SER A 1 170 ? -16.079 0.262   -5.315  1.00 55.12 ? 170  SER A O    1 
ATOM   1343 C  CB   . SER A 1 170 ? -17.037 -3.028  -5.095  1.00 47.31 ? 170  SER A CB   1 
ATOM   1344 O  OG   . SER A 1 170 ? -16.176 -3.470  -4.056  1.00 54.03 ? 170  SER A OG   1 
ATOM   1345 N  N    . ASP A 1 171 ? -18.063 -0.373  -6.185  1.00 59.40 ? 171  ASP A N    1 
ATOM   1346 C  CA   . ASP A 1 171 ? -18.707 0.935   -6.050  1.00 59.00 ? 171  ASP A CA   1 
ATOM   1347 C  C    . ASP A 1 171 ? -18.812 1.237   -4.563  1.00 53.83 ? 171  ASP A C    1 
ATOM   1348 O  O    . ASP A 1 171 ? -18.779 2.397   -4.150  1.00 47.81 ? 171  ASP A O    1 
ATOM   1349 C  CB   . ASP A 1 171 ? -20.125 0.909   -6.649  1.00 68.47 ? 171  ASP A CB   1 
ATOM   1350 C  CG   . ASP A 1 171 ? -20.253 -0.028  -7.855  1.00 76.30 ? 171  ASP A CG   1 
ATOM   1351 O  OD1  . ASP A 1 171 ? -20.112 0.461   -9.004  1.00 77.49 ? 171  ASP A OD1  1 
ATOM   1352 O  OD2  . ASP A 1 171 ? -20.513 -1.245  -7.643  1.00 77.25 ? 171  ASP A OD2  1 
ATOM   1353 N  N    . LYS A 1 172 ? -19.041 0.173   -3.786  1.00 54.72 ? 172  LYS A N    1 
ATOM   1354 C  CA   . LYS A 1 172 ? -19.153 0.240   -2.322  1.00 51.94 ? 172  LYS A CA   1 
ATOM   1355 C  C    . LYS A 1 172 ? -18.289 -0.889  -1.709  1.00 44.50 ? 172  LYS A C    1 
ATOM   1356 O  O    . LYS A 1 172 ? -18.822 -1.929  -1.280  1.00 41.32 ? 172  LYS A O    1 
ATOM   1357 C  CB   . LYS A 1 172 ? -20.612 0.063   -1.847  1.00 51.59 ? 172  LYS A CB   1 
ATOM   1358 C  CG   . LYS A 1 172 ? -21.687 0.737   -2.681  1.00 56.07 ? 172  LYS A CG   1 
ATOM   1359 C  CD   . LYS A 1 172 ? -22.129 -0.158  -3.847  1.00 62.94 ? 172  LYS A CD   1 
ATOM   1360 C  CE   . LYS A 1 172 ? -23.318 0.440   -4.598  1.00 65.94 ? 172  LYS A CE   1 
ATOM   1361 N  NZ   . LYS A 1 172 ? -23.598 -0.293  -5.874  1.00 72.27 ? 172  LYS A NZ   1 
ATOM   1362 N  N    . PRO A 1 173 ? -16.950 -0.698  -1.662  1.00 38.33 ? 173  PRO A N    1 
ATOM   1363 C  CA   . PRO A 1 173 ? -16.118 -1.750  -1.093  1.00 31.65 ? 173  PRO A CA   1 
ATOM   1364 C  C    . PRO A 1 173 ? -16.486 -2.001  0.346   1.00 24.60 ? 173  PRO A C    1 
ATOM   1365 O  O    . PRO A 1 173 ? -16.928 -1.104  1.040   1.00 30.76 ? 173  PRO A O    1 
ATOM   1366 C  CB   . PRO A 1 173 ? -14.712 -1.167  -1.213  1.00 27.87 ? 173  PRO A CB   1 
ATOM   1367 C  CG   . PRO A 1 173 ? -14.930 0.268   -1.111  1.00 28.75 ? 173  PRO A CG   1 
ATOM   1368 C  CD   . PRO A 1 173 ? -16.114 0.468   -2.008  1.00 33.05 ? 173  PRO A CD   1 
ATOM   1369 N  N    . SER A 1 174 ? -16.418 -3.262  0.748   1.00 31.21 ? 174  SER A N    1 
ATOM   1370 C  CA   . SER A 1 174 ? -16.677 -3.635  2.129   1.00 28.47 ? 174  SER A CA   1 
ATOM   1371 C  C    . SER A 1 174 ? -15.283 -3.516  2.779   1.00 26.47 ? 174  SER A C    1 
ATOM   1372 O  O    . SER A 1 174 ? -14.271 -3.457  2.071   1.00 31.89 ? 174  SER A O    1 
ATOM   1373 C  CB   . SER A 1 174 ? -17.235 -5.064  2.217   1.00 21.87 ? 174  SER A CB   1 
ATOM   1374 O  OG   . SER A 1 174 ? -16.198 -6.014  2.237   1.00 29.96 ? 174  SER A OG   1 
ATOM   1375 N  N    . LYS A 1 175 ? -15.209 -3.406  4.095   1.00 25.78 ? 175  LYS A N    1 
ATOM   1376 C  CA   . LYS A 1 175 ? -13.916 -3.285  4.737   1.00 24.47 ? 175  LYS A CA   1 
ATOM   1377 C  C    . LYS A 1 175 ? -13.479 -4.670  5.244   1.00 24.49 ? 175  LYS A C    1 
ATOM   1378 O  O    . LYS A 1 175 ? -12.784 -4.791  6.243   1.00 26.09 ? 175  LYS A O    1 
ATOM   1379 C  CB   . LYS A 1 175 ? -13.991 -2.225  5.851   1.00 27.46 ? 175  LYS A CB   1 
ATOM   1380 C  CG   . LYS A 1 175 ? -14.929 -2.571  7.010   1.00 51.69 ? 175  LYS A CG   1 
ATOM   1381 C  CD   . LYS A 1 175 ? -14.392 -2.083  8.393   1.00 57.40 ? 175  LYS A CD   1 
ATOM   1382 C  CE   . LYS A 1 175 ? -14.635 -3.098  9.564   1.00 53.48 ? 175  LYS A CE   1 
ATOM   1383 N  NZ   . LYS A 1 175 ? -13.567 -4.159  9.711   1.00 44.57 ? 175  LYS A NZ   1 
ATOM   1384 N  N    . LEU A 1 176 ? -13.861 -5.717  4.512   1.00 26.86 ? 176  LEU A N    1 
ATOM   1385 C  CA   . LEU A 1 176 ? -13.563 -7.095  4.903   1.00 23.59 ? 176  LEU A CA   1 
ATOM   1386 C  C    . LEU A 1 176 ? -12.657 -7.913  4.003   1.00 26.75 ? 176  LEU A C    1 
ATOM   1387 O  O    . LEU A 1 176 ? -12.656 -7.752  2.781   1.00 28.81 ? 176  LEU A O    1 
ATOM   1388 C  CB   . LEU A 1 176 ? -14.865 -7.869  5.020   1.00 39.02 ? 176  LEU A CB   1 
ATOM   1389 C  CG   . LEU A 1 176 ? -15.419 -8.250  6.386   1.00 47.03 ? 176  LEU A CG   1 
ATOM   1390 C  CD1  . LEU A 1 176 ? -16.610 -7.349  6.697   1.00 47.58 ? 176  LEU A CD1  1 
ATOM   1391 C  CD2  . LEU A 1 176 ? -15.842 -9.735  6.349   1.00 48.22 ? 176  LEU A CD2  1 
ATOM   1392 N  N    . PHE A 1 177 ? -11.951 -8.857  4.609   1.00 17.95 ? 177  PHE A N    1 
ATOM   1393 C  CA   . PHE A 1 177 ? -11.065 -9.728  3.882   1.00 16.66 ? 177  PHE A CA   1 
ATOM   1394 C  C    . PHE A 1 177 ? -11.823 -11.023 3.746   1.00 25.66 ? 177  PHE A C    1 
ATOM   1395 O  O    . PHE A 1 177 ? -12.533 -11.416 4.674   1.00 25.32 ? 177  PHE A O    1 
ATOM   1396 C  CB   . PHE A 1 177 ? -9.794  -9.998  4.691   1.00 18.21 ? 177  PHE A CB   1 
ATOM   1397 C  CG   . PHE A 1 177 ? -8.718  -8.952  4.526   1.00 19.75 ? 177  PHE A CG   1 
ATOM   1398 C  CD1  . PHE A 1 177 ? -8.072  -8.790  3.326   1.00 13.50 ? 177  PHE A CD1  1 
ATOM   1399 C  CD2  . PHE A 1 177 ? -8.364  -8.133  5.576   1.00 19.56 ? 177  PHE A CD2  1 
ATOM   1400 C  CE1  . PHE A 1 177 ? -7.087  -7.836  3.172   1.00 17.75 ? 177  PHE A CE1  1 
ATOM   1401 C  CE2  . PHE A 1 177 ? -7.385  -7.182  5.424   1.00 20.54 ? 177  PHE A CE2  1 
ATOM   1402 C  CZ   . PHE A 1 177 ? -6.745  -7.032  4.215   1.00 19.65 ? 177  PHE A CZ   1 
ATOM   1403 N  N    . SER A 1 178 ? -11.657 -11.711 2.617   1.00 28.51 ? 178  SER A N    1 
ATOM   1404 C  CA   . SER A 1 178 ? -12.337 -12.980 2.433   1.00 24.19 ? 178  SER A CA   1 
ATOM   1405 C  C    . SER A 1 178 ? -11.547 -14.092 3.115   1.00 26.82 ? 178  SER A C    1 
ATOM   1406 O  O    . SER A 1 178 ? -10.358 -13.930 3.446   1.00 26.72 ? 178  SER A O    1 
ATOM   1407 C  CB   . SER A 1 178 ? -12.553 -13.295 0.955   1.00 19.69 ? 178  SER A CB   1 
ATOM   1408 O  OG   . SER A 1 178 ? -11.363 -13.791 0.396   1.00 33.56 ? 178  SER A OG   1 
ATOM   1409 N  N    . ASP A 1 179 ? -12.229 -15.213 3.343   1.00 29.71 ? 179  ASP A N    1 
ATOM   1410 C  CA   . ASP A 1 179 ? -11.638 -16.379 3.988   1.00 30.79 ? 179  ASP A CA   1 
ATOM   1411 C  C    . ASP A 1 179 ? -10.391 -16.716 3.170   1.00 29.98 ? 179  ASP A C    1 
ATOM   1412 O  O    . ASP A 1 179 ? -9.325  -17.042 3.712   1.00 37.43 ? 179  ASP A O    1 
ATOM   1413 C  CB   . ASP A 1 179 ? -12.629 -17.562 3.972   1.00 33.08 ? 179  ASP A CB   1 
ATOM   1414 C  CG   . ASP A 1 179 ? -13.921 -17.294 4.782   1.00 34.75 ? 179  ASP A CG   1 
ATOM   1415 O  OD1  . ASP A 1 179 ? -15.027 -17.465 4.219   1.00 30.85 ? 179  ASP A OD1  1 
ATOM   1416 O  OD2  . ASP A 1 179 ? -13.830 -16.950 5.985   1.00 34.74 ? 179  ASP A OD2  1 
ATOM   1417 N  N    . CYS A 1 180 ? -10.511 -16.554 1.860   1.00 28.63 ? 180  CYS A N    1 
ATOM   1418 C  CA   . CYS A 1 180 ? -9.413  -16.823 0.951   1.00 28.66 ? 180  CYS A CA   1 
ATOM   1419 C  C    . CYS A 1 180 ? -8.196  -15.991 1.272   1.00 22.67 ? 180  CYS A C    1 
ATOM   1420 O  O    . CYS A 1 180 ? -7.079  -16.500 1.283   1.00 25.24 ? 180  CYS A O    1 
ATOM   1421 C  CB   . CYS A 1 180 ? -9.840  -16.570 -0.493  1.00 30.28 ? 180  CYS A CB   1 
ATOM   1422 S  SG   . CYS A 1 180 ? -10.981 -17.806 -1.195  1.00 37.40 ? 180  CYS A SG   1 
ATOM   1423 N  N    . SER A 1 181 ? -8.407  -14.713 1.558   1.00 18.75 ? 181  SER A N    1 
ATOM   1424 C  CA   . SER A 1 181 ? -7.283  -13.844 1.848   1.00 19.12 ? 181  SER A CA   1 
ATOM   1425 C  C    . SER A 1 181 ? -6.624  -14.221 3.147   1.00 22.32 ? 181  SER A C    1 
ATOM   1426 O  O    . SER A 1 181 ? -5.412  -14.167 3.280   1.00 29.60 ? 181  SER A O    1 
ATOM   1427 C  CB   . SER A 1 181 ? -7.729  -12.394 1.868   1.00 16.07 ? 181  SER A CB   1 
ATOM   1428 O  OG   . SER A 1 181 ? -8.422  -12.074 0.672   1.00 22.20 ? 181  SER A OG   1 
ATOM   1429 N  N    . LYS A 1 182 ? -7.421  -14.703 4.081   1.00 25.20 ? 182  LYS A N    1 
ATOM   1430 C  CA   . LYS A 1 182 ? -6.892  -15.057 5.374   1.00 23.13 ? 182  LYS A CA   1 
ATOM   1431 C  C    . LYS A 1 182 ? -6.030  -16.277 5.293   1.00 23.39 ? 182  LYS A C    1 
ATOM   1432 O  O    . LYS A 1 182 ? -5.016  -16.390 5.974   1.00 27.20 ? 182  LYS A O    1 
ATOM   1433 C  CB   . LYS A 1 182 ? -8.037  -15.243 6.359   1.00 21.22 ? 182  LYS A CB   1 
ATOM   1434 C  CG   . LYS A 1 182 ? -8.889  -13.999 6.455   1.00 19.59 ? 182  LYS A CG   1 
ATOM   1435 C  CD   . LYS A 1 182 ? -9.943  -14.154 7.509   1.00 21.00 ? 182  LYS A CD   1 
ATOM   1436 C  CE   . LYS A 1 182 ? -10.495 -12.821 7.914   1.00 30.16 ? 182  LYS A CE   1 
ATOM   1437 N  NZ   . LYS A 1 182 ? -11.637 -12.918 8.879   1.00 38.61 ? 182  LYS A NZ   1 
ATOM   1438 N  N    . ASN A 1 183 ? -6.418  -17.213 4.457   1.00 27.63 ? 183  ASN A N    1 
ATOM   1439 C  CA   . ASN A 1 183 ? -5.601  -18.399 4.334   1.00 31.89 ? 183  ASN A CA   1 
ATOM   1440 C  C    . ASN A 1 183 ? -4.297  -18.109 3.644   1.00 29.84 ? 183  ASN A C    1 
ATOM   1441 O  O    . ASN A 1 183 ? -3.285  -18.726 3.969   1.00 29.94 ? 183  ASN A O    1 
ATOM   1442 C  CB   . ASN A 1 183 ? -6.348  -19.497 3.623   1.00 40.26 ? 183  ASN A CB   1 
ATOM   1443 C  CG   . ASN A 1 183 ? -7.071  -20.377 4.587   1.00 57.65 ? 183  ASN A CG   1 
ATOM   1444 O  OD1  . ASN A 1 183 ? -6.485  -21.338 5.105   1.00 71.48 ? 183  ASN A OD1  1 
ATOM   1445 N  ND2  . ASN A 1 183 ? -8.322  -20.021 4.918   1.00 63.97 ? 183  ASN A ND2  1 
ATOM   1446 N  N    . ASP A 1 184 ? -4.326  -17.173 2.694   1.00 29.26 ? 184  ASP A N    1 
ATOM   1447 C  CA   . ASP A 1 184 ? -3.127  -16.778 1.968   1.00 26.14 ? 184  ASP A CA   1 
ATOM   1448 C  C    . ASP A 1 184 ? -2.154  -16.099 2.912   1.00 27.89 ? 184  ASP A C    1 
ATOM   1449 O  O    . ASP A 1 184 ? -0.959  -16.426 2.922   1.00 27.76 ? 184  ASP A O    1 
ATOM   1450 C  CB   . ASP A 1 184 ? -3.461  -15.834 0.818   1.00 26.43 ? 184  ASP A CB   1 
ATOM   1451 C  CG   . ASP A 1 184 ? -4.102  -16.547 -0.353  1.00 27.48 ? 184  ASP A CG   1 
ATOM   1452 O  OD1  . ASP A 1 184 ? -4.218  -17.795 -0.342  1.00 32.42 ? 184  ASP A OD1  1 
ATOM   1453 O  OD2  . ASP A 1 184 ? -4.491  -15.844 -1.300  1.00 31.18 ? 184  ASP A OD2  1 
ATOM   1454 N  N    . TYR A 1 185 ? -2.663  -15.172 3.722   1.00 29.77 ? 185  TYR A N    1 
ATOM   1455 C  CA   . TYR A 1 185 ? -1.837  -14.464 4.690   1.00 24.36 ? 185  TYR A CA   1 
ATOM   1456 C  C    . TYR A 1 185 ? -1.248  -15.458 5.710   1.00 26.32 ? 185  TYR A C    1 
ATOM   1457 O  O    . TYR A 1 185 ? -0.066  -15.387 6.047   1.00 26.20 ? 185  TYR A O    1 
ATOM   1458 C  CB   . TYR A 1 185 ? -2.671  -13.381 5.370   1.00 17.87 ? 185  TYR A CB   1 
ATOM   1459 C  CG   . TYR A 1 185 ? -1.956  -12.768 6.505   1.00 16.25 ? 185  TYR A CG   1 
ATOM   1460 C  CD1  . TYR A 1 185 ? -0.730  -12.154 6.314   1.00 23.99 ? 185  TYR A CD1  1 
ATOM   1461 C  CD2  . TYR A 1 185 ? -2.452  -12.870 7.800   1.00 19.52 ? 185  TYR A CD2  1 
ATOM   1462 C  CE1  . TYR A 1 185 ? -0.001  -11.655 7.384   1.00 26.47 ? 185  TYR A CE1  1 
ATOM   1463 C  CE2  . TYR A 1 185 ? -1.724  -12.381 8.879   1.00 25.04 ? 185  TYR A CE2  1 
ATOM   1464 C  CZ   . TYR A 1 185 ? -0.500  -11.775 8.658   1.00 28.73 ? 185  TYR A CZ   1 
ATOM   1465 O  OH   . TYR A 1 185 ? 0.242   -11.305 9.706   1.00 27.73 ? 185  TYR A OH   1 
ATOM   1466 N  N    . GLN A 1 186 ? -2.070  -16.418 6.134   1.00 28.91 ? 186  GLN A N    1 
ATOM   1467 C  CA   . GLN A 1 186 ? -1.687  -17.470 7.086   1.00 32.68 ? 186  GLN A CA   1 
ATOM   1468 C  C    . GLN A 1 186 ? -0.557  -18.291 6.485   1.00 30.68 ? 186  GLN A C    1 
ATOM   1469 O  O    . GLN A 1 186 ? 0.392   -18.689 7.167   1.00 35.38 ? 186  GLN A O    1 
ATOM   1470 C  CB   . GLN A 1 186 ? -2.877  -18.391 7.368   1.00 33.32 ? 186  GLN A CB   1 
ATOM   1471 C  CG   . GLN A 1 186 ? -2.791  -19.143 8.689   1.00 50.18 ? 186  GLN A CG   1 
ATOM   1472 C  CD   . GLN A 1 186 ? -4.131  -19.789 9.091   1.00 64.17 ? 186  GLN A CD   1 
ATOM   1473 O  OE1  . GLN A 1 186 ? -4.958  -20.139 8.238   1.00 68.87 ? 186  GLN A OE1  1 
ATOM   1474 N  NE2  . GLN A 1 186 ? -4.348  -19.936 10.394  1.00 66.29 ? 186  GLN A NE2  1 
ATOM   1475 H  HE21 . GLN A 1 186 ? -3.654  -19.647 11.021  1.00 0.00  ? 186  GLN A HE21 1 
ATOM   1476 H  HE22 . GLN A 1 186 ? -5.199  -20.341 10.651  1.00 0.00  ? 186  GLN A HE22 1 
ATOM   1477 N  N    . THR A 1 187 ? -0.682  -18.566 5.203   1.00 31.13 ? 187  THR A N    1 
ATOM   1478 C  CA   . THR A 1 187 ? 0.328   -19.299 4.467   1.00 33.67 ? 187  THR A CA   1 
ATOM   1479 C  C    . THR A 1 187 ? 1.591   -18.429 4.299   1.00 33.09 ? 187  THR A C    1 
ATOM   1480 O  O    . THR A 1 187 ? 2.714   -18.937 4.346   1.00 36.51 ? 187  THR A O    1 
ATOM   1481 C  CB   . THR A 1 187 ? -0.228  -19.743 3.087   1.00 35.20 ? 187  THR A CB   1 
ATOM   1482 O  OG1  . THR A 1 187 ? -1.324  -20.664 3.277   1.00 39.96 ? 187  THR A OG1  1 
ATOM   1483 C  CG2  . THR A 1 187 ? 0.851   -20.380 2.269   1.00 29.43 ? 187  THR A CG2  1 
ATOM   1484 N  N    . PHE A 1 188 ? 1.422   -17.117 4.151   1.00 30.80 ? 188  PHE A N    1 
ATOM   1485 C  CA   . PHE A 1 188 ? 2.566   -16.231 3.994   1.00 25.82 ? 188  PHE A CA   1 
ATOM   1486 C  C    . PHE A 1 188 ? 3.384   -16.272 5.267   1.00 28.15 ? 188  PHE A C    1 
ATOM   1487 O  O    . PHE A 1 188 ? 4.603   -16.469 5.222   1.00 26.22 ? 188  PHE A O    1 
ATOM   1488 C  CB   . PHE A 1 188 ? 2.118   -14.805 3.721   1.00 24.76 ? 188  PHE A CB   1 
ATOM   1489 C  CG   . PHE A 1 188 ? 3.259   -13.825 3.595   1.00 25.41 ? 188  PHE A CG   1 
ATOM   1490 C  CD1  . PHE A 1 188 ? 4.222   -13.989 2.634   1.00 20.49 ? 188  PHE A CD1  1 
ATOM   1491 C  CD2  . PHE A 1 188 ? 3.360   -12.739 4.443   1.00 25.23 ? 188  PHE A CD2  1 
ATOM   1492 C  CE1  . PHE A 1 188 ? 5.268   -13.089 2.521   1.00 23.95 ? 188  PHE A CE1  1 
ATOM   1493 C  CE2  . PHE A 1 188 ? 4.399   -11.844 4.329   1.00 17.62 ? 188  PHE A CE2  1 
ATOM   1494 C  CZ   . PHE A 1 188 ? 5.353   -12.015 3.367   1.00 23.05 ? 188  PHE A CZ   1 
ATOM   1495 N  N    . LEU A 1 189 ? 2.718   -16.097 6.403   1.00 28.04 ? 189  LEU A N    1 
ATOM   1496 C  CA   . LEU A 1 189 ? 3.415   -16.134 7.684   1.00 35.01 ? 189  LEU A CA   1 
ATOM   1497 C  C    . LEU A 1 189 ? 4.141   -17.461 7.916   1.00 39.05 ? 189  LEU A C    1 
ATOM   1498 O  O    . LEU A 1 189 ? 5.330   -17.500 8.244   1.00 39.31 ? 189  LEU A O    1 
ATOM   1499 C  CB   . LEU A 1 189 ? 2.442   -15.914 8.829   1.00 27.67 ? 189  LEU A CB   1 
ATOM   1500 C  CG   . LEU A 1 189 ? 2.006   -14.485 9.082   1.00 27.24 ? 189  LEU A CG   1 
ATOM   1501 C  CD1  . LEU A 1 189 ? 1.026   -14.492 10.270  1.00 27.26 ? 189  LEU A CD1  1 
ATOM   1502 C  CD2  . LEU A 1 189 ? 3.229   -13.622 9.345   1.00 16.27 ? 189  LEU A CD2  1 
ATOM   1503 N  N    . THR A 1 190 ? 3.386   -18.541 7.786   1.00 39.64 ? 190  THR A N    1 
ATOM   1504 C  CA   . THR A 1 190 ? 3.869   -19.907 7.958   1.00 36.84 ? 190  THR A CA   1 
ATOM   1505 C  C    . THR A 1 190 ? 5.106   -20.264 7.104   1.00 39.00 ? 190  THR A C    1 
ATOM   1506 O  O    . THR A 1 190 ? 6.122   -20.740 7.609   1.00 38.38 ? 190  THR A O    1 
ATOM   1507 C  CB   . THR A 1 190 ? 2.716   -20.859 7.574   1.00 31.36 ? 190  THR A CB   1 
ATOM   1508 O  OG1  . THR A 1 190 ? 1.635   -20.688 8.490   1.00 37.81 ? 190  THR A OG1  1 
ATOM   1509 C  CG2  . THR A 1 190 ? 3.155   -22.286 7.549   1.00 40.73 ? 190  THR A CG2  1 
ATOM   1510 N  N    . LYS A 1 191 ? 4.998   -20.005 5.807   1.00 42.27 ? 191  LYS A N    1 
ATOM   1511 C  CA   . LYS A 1 191 ? 6.021   -20.325 4.824   1.00 43.46 ? 191  LYS A CA   1 
ATOM   1512 C  C    . LYS A 1 191 ? 7.188   -19.345 4.665   1.00 44.16 ? 191  LYS A C    1 
ATOM   1513 O  O    . LYS A 1 191 ? 8.314   -19.767 4.413   1.00 48.58 ? 191  LYS A O    1 
ATOM   1514 C  CB   . LYS A 1 191 ? 5.310   -20.558 3.493   1.00 48.21 ? 191  LYS A CB   1 
ATOM   1515 C  CG   . LYS A 1 191 ? 6.124   -21.146 2.377   1.00 56.77 ? 191  LYS A CG   1 
ATOM   1516 C  CD   . LYS A 1 191 ? 5.274   -21.243 1.091   1.00 62.51 ? 191  LYS A CD   1 
ATOM   1517 C  CE   . LYS A 1 191 ? 6.107   -21.730 -0.107  1.00 62.68 ? 191  LYS A CE   1 
ATOM   1518 N  NZ   . LYS A 1 191 ? 7.362   -20.931 -0.290  1.00 62.64 ? 191  LYS A NZ   1 
ATOM   1519 N  N    . TYR A 1 192 ? 6.939   -18.052 4.822   1.00 42.74 ? 192  TYR A N    1 
ATOM   1520 C  CA   . TYR A 1 192 ? 8.001   -17.070 4.662   1.00 40.86 ? 192  TYR A CA   1 
ATOM   1521 C  C    . TYR A 1 192 ? 8.430   -16.367 5.933   1.00 44.83 ? 192  TYR A C    1 
ATOM   1522 O  O    . TYR A 1 192 ? 9.588   -15.948 6.053   1.00 47.82 ? 192  TYR A O    1 
ATOM   1523 C  CB   . TYR A 1 192 ? 7.593   -16.025 3.639   1.00 39.72 ? 192  TYR A CB   1 
ATOM   1524 C  CG   . TYR A 1 192 ? 7.291   -16.608 2.292   1.00 42.46 ? 192  TYR A CG   1 
ATOM   1525 C  CD1  . TYR A 1 192 ? 6.169   -17.392 2.096   1.00 44.25 ? 192  TYR A CD1  1 
ATOM   1526 C  CD2  . TYR A 1 192 ? 8.151   -16.409 1.220   1.00 48.03 ? 192  TYR A CD2  1 
ATOM   1527 C  CE1  . TYR A 1 192 ? 5.908   -17.973 0.870   1.00 49.66 ? 192  TYR A CE1  1 
ATOM   1528 C  CE2  . TYR A 1 192 ? 7.902   -16.989 -0.016  1.00 50.63 ? 192  TYR A CE2  1 
ATOM   1529 C  CZ   . TYR A 1 192 ? 6.781   -17.772 -0.178  1.00 50.24 ? 192  TYR A CZ   1 
ATOM   1530 O  OH   . TYR A 1 192 ? 6.541   -18.392 -1.381  1.00 57.53 ? 192  TYR A OH   1 
ATOM   1531 N  N    . ASN A 1 193 ? 7.483   -16.220 6.862   1.00 49.12 ? 193  ASN A N    1 
ATOM   1532 C  CA   . ASN A 1 193 ? 7.671   -15.537 8.163   1.00 47.49 ? 193  ASN A CA   1 
ATOM   1533 C  C    . ASN A 1 193 ? 8.605   -14.313 8.201   1.00 42.18 ? 193  ASN A C    1 
ATOM   1534 O  O    . ASN A 1 193 ? 9.648   -14.356 8.864   1.00 44.53 ? 193  ASN A O    1 
ATOM   1535 C  CB   . ASN A 1 193 ? 8.064   -16.527 9.283   1.00 51.41 ? 193  ASN A CB   1 
ATOM   1536 C  CG   . ASN A 1 193 ? 7.802   -15.956 10.704  1.00 60.35 ? 193  ASN A CG   1 
ATOM   1537 O  OD1  . ASN A 1 193 ? 6.644   -15.881 11.166  1.00 59.94 ? 193  ASN A OD1  1 
ATOM   1538 N  ND2  . ASN A 1 193 ? 8.873   -15.545 11.389  1.00 51.80 ? 193  ASN A ND2  1 
ATOM   1539 N  N    . PRO A 1 194 ? 8.229   -13.200 7.519   1.00 35.96 ? 194  PRO A N    1 
ATOM   1540 C  CA   . PRO A 1 194 ? 9.047   -11.979 7.495   1.00 33.08 ? 194  PRO A CA   1 
ATOM   1541 C  C    . PRO A 1 194 ? 9.406   -11.577 8.918   1.00 36.32 ? 194  PRO A C    1 
ATOM   1542 O  O    . PRO A 1 194 ? 8.528   -11.249 9.731   1.00 39.69 ? 194  PRO A O    1 
ATOM   1543 C  CB   . PRO A 1 194 ? 8.119   -10.970 6.836   1.00 31.33 ? 194  PRO A CB   1 
ATOM   1544 C  CG   . PRO A 1 194 ? 7.400   -11.822 5.875   1.00 30.15 ? 194  PRO A CG   1 
ATOM   1545 C  CD   . PRO A 1 194 ? 7.023   -13.017 6.698   1.00 26.02 ? 194  PRO A CD   1 
ATOM   1546 N  N    . GLN A 1 195 ? 10.701  -11.558 9.210   1.00 34.20 ? 195  GLN A N    1 
ATOM   1547 C  CA   . GLN A 1 195 ? 11.148  -11.258 10.564  1.00 38.71 ? 195  GLN A CA   1 
ATOM   1548 C  C    . GLN A 1 195 ? 11.071  -9.789  10.943  1.00 31.51 ? 195  GLN A C    1 
ATOM   1549 O  O    . GLN A 1 195 ? 11.134  -9.443  12.123  1.00 25.91 ? 195  GLN A O    1 
ATOM   1550 C  CB   . GLN A 1 195 ? 12.572  -11.810 10.789  1.00 48.65 ? 195  GLN A CB   1 
ATOM   1551 C  CG   . GLN A 1 195 ? 12.754  -13.348 10.519  1.00 56.04 ? 195  GLN A CG   1 
ATOM   1552 C  CD   . GLN A 1 195 ? 12.895  -14.208 11.795  1.00 61.67 ? 195  GLN A CD   1 
ATOM   1553 O  OE1  . GLN A 1 195 ? 12.232  -15.247 11.944  1.00 67.84 ? 195  GLN A OE1  1 
ATOM   1554 N  NE2  . GLN A 1 195 ? 13.785  -13.795 12.698  1.00 59.57 ? 195  GLN A NE2  1 
ATOM   1555 H  HE21 . GLN A 1 195 ? 14.305  -12.987 12.518  1.00 0.00  ? 195  GLN A HE21 1 
ATOM   1556 H  HE22 . GLN A 1 195 ? 13.867  -14.334 13.509  1.00 0.00  ? 195  GLN A HE22 1 
ATOM   1557 N  N    . CYS A 1 196 ? 10.854  -8.932  9.956   1.00 26.22 ? 196  CYS A N    1 
ATOM   1558 C  CA   . CYS A 1 196 ? 10.820  -7.507  10.220  1.00 25.19 ? 196  CYS A CA   1 
ATOM   1559 C  C    . CYS A 1 196 ? 9.542   -7.015  10.845  1.00 24.32 ? 196  CYS A C    1 
ATOM   1560 O  O    . CYS A 1 196 ? 9.549   -6.001  11.545  1.00 22.53 ? 196  CYS A O    1 
ATOM   1561 C  CB   . CYS A 1 196 ? 11.216  -6.691  8.977   1.00 24.33 ? 196  CYS A CB   1 
ATOM   1562 S  SG   . CYS A 1 196 ? 9.942   -6.287  7.757   1.00 21.99 ? 196  CYS A SG   1 
ATOM   1563 N  N    . ILE A 1 197 ? 8.489   -7.811  10.690  1.00 26.18 ? 197  ILE A N    1 
ATOM   1564 C  CA   . ILE A 1 197 ? 7.173   -7.485  11.220  1.00 21.38 ? 197  ILE A CA   1 
ATOM   1565 C  C    . ILE A 1 197 ? 6.845   -8.178  12.540  1.00 23.55 ? 197  ILE A C    1 
ATOM   1566 O  O    . ILE A 1 197 ? 5.723   -8.083  13.022  1.00 29.11 ? 197  ILE A O    1 
ATOM   1567 C  CB   . ILE A 1 197 ? 6.047   -7.779  10.170  1.00 22.39 ? 197  ILE A CB   1 
ATOM   1568 C  CG1  . ILE A 1 197 ? 6.077   -9.222  9.677   1.00 24.09 ? 197  ILE A CG1  1 
ATOM   1569 C  CG2  . ILE A 1 197 ? 6.200   -6.895  8.978   1.00 17.92 ? 197  ILE A CG2  1 
ATOM   1570 C  CD1  . ILE A 1 197 ? 4.874   -9.545  8.815   1.00 14.68 ? 197  ILE A CD1  1 
ATOM   1571 N  N    . LEU A 1 198 ? 7.839   -8.812  13.159  1.00 26.03 ? 198  LEU A N    1 
ATOM   1572 C  CA   . LEU A 1 198 ? 7.646   -9.527  14.419  1.00 21.52 ? 198  LEU A CA   1 
ATOM   1573 C  C    . LEU A 1 198 ? 7.521   -8.609  15.618  1.00 26.85 ? 198  LEU A C    1 
ATOM   1574 O  O    . LEU A 1 198 ? 6.720   -8.859  16.526  1.00 29.83 ? 198  LEU A O    1 
ATOM   1575 C  CB   . LEU A 1 198 ? 8.811   -10.493 14.681  1.00 14.91 ? 198  LEU A CB   1 
ATOM   1576 C  CG   . LEU A 1 198 ? 8.790   -11.860 14.016  1.00 15.99 ? 198  LEU A CG   1 
ATOM   1577 C  CD1  . LEU A 1 198 ? 10.165  -12.467 14.079  1.00 15.62 ? 198  LEU A CD1  1 
ATOM   1578 C  CD2  . LEU A 1 198 ? 7.794   -12.729 14.730  1.00 17.66 ? 198  LEU A CD2  1 
ATOM   1579 N  N    . ASN A 1 199 ? 8.336   -7.561  15.636  1.00 26.71 ? 199  ASN A N    1 
ATOM   1580 C  CA   . ASN A 1 199 ? 8.354   -6.663  16.763  1.00 22.64 ? 199  ASN A CA   1 
ATOM   1581 C  C    . ASN A 1 199 ? 7.840   -5.308  16.431  1.00 26.47 ? 199  ASN A C    1 
ATOM   1582 O  O    . ASN A 1 199 ? 7.884   -4.873  15.274  1.00 28.32 ? 199  ASN A O    1 
ATOM   1583 C  CB   . ASN A 1 199 ? 9.759   -6.578  17.348  1.00 26.31 ? 199  ASN A CB   1 
ATOM   1584 C  CG   . ASN A 1 199 ? 10.298  -7.940  17.775  1.00 24.77 ? 199  ASN A CG   1 
ATOM   1585 O  OD1  . ASN A 1 199 ? 10.043  -8.420  18.871  1.00 32.10 ? 199  ASN A OD1  1 
ATOM   1586 N  ND2  . ASN A 1 199 ? 11.027  -8.578  16.884  1.00 31.59 ? 199  ASN A ND2  1 
ATOM   1587 N  N    . ALA A 1 200 ? 7.335   -4.651  17.462  1.00 24.72 ? 200  ALA A N    1 
ATOM   1588 C  CA   . ALA A 1 200 ? 6.763   -3.334  17.307  1.00 32.57 ? 200  ALA A CA   1 
ATOM   1589 C  C    . ALA A 1 200 ? 7.808   -2.272  17.488  1.00 36.40 ? 200  ALA A C    1 
ATOM   1590 O  O    . ALA A 1 200 ? 8.853   -2.614  18.097  1.00 39.74 ? 200  ALA A O    1 
ATOM   1591 C  CB   . ALA A 1 200 ? 5.656   -3.139  18.294  1.00 37.24 ? 200  ALA A CB   1 
HETATM 1592 ZN ZN   . ZN  B 2 .   ? -4.452  -6.590  -6.948  1.00 28.84 ? 999  ZN  A ZN   1 
HETATM 1593 O  O    . HOH C 3 .   ? 2.586   14.762  10.043  1.00 50.68 ? 1000 HOH A O    1 
HETATM 1594 O  O    . HOH C 3 .   ? -10.359 -3.879  -4.451  1.00 27.52 ? 1001 HOH A O    1 
HETATM 1595 O  O    . HOH C 3 .   ? -11.436 -8.882  7.398   1.00 20.62 ? 1002 HOH A O    1 
HETATM 1596 O  O    . HOH C 3 .   ? -7.140  17.104  3.101   1.00 45.98 ? 1003 HOH A O    1 
HETATM 1597 O  O    . HOH C 3 .   ? 8.048   -3.587  12.670  1.00 24.25 ? 1004 HOH A O    1 
HETATM 1598 O  O    . HOH C 3 .   ? 3.420   3.815   -21.135 1.00 22.40 ? 1005 HOH A O    1 
HETATM 1599 O  O    . HOH C 3 .   ? 4.486   -10.429 18.078  1.00 31.01 ? 1006 HOH A O    1 
HETATM 1600 O  O    . HOH C 3 .   ? -8.447  -2.340  -4.807  1.00 25.59 ? 1007 HOH A O    1 
HETATM 1601 O  O    . HOH C 3 .   ? -10.171 -0.280  -11.478 1.00 24.16 ? 1008 HOH A O    1 
HETATM 1602 O  O    . HOH C 3 .   ? -0.212  0.913   -15.558 1.00 35.96 ? 1009 HOH A O    1 
HETATM 1603 O  O    . HOH C 3 .   ? -10.490 -10.471 0.372   1.00 19.54 ? 1010 HOH A O    1 
HETATM 1604 O  O    . HOH C 3 .   ? -4.421  -4.542  -8.272  1.00 22.66 ? 1011 HOH A O    1 
HETATM 1605 O  O    . HOH C 3 .   ? 5.336   17.436  -11.610 1.00 46.38 ? 1012 HOH A O    1 
HETATM 1606 O  O    . HOH C 3 .   ? 3.650   23.576  2.356   1.00 41.80 ? 1013 HOH A O    1 
HETATM 1607 O  O    . HOH C 3 .   ? -13.075 8.995   5.013   1.00 51.95 ? 1014 HOH A O    1 
HETATM 1608 O  O    . HOH C 3 .   ? 0.079   -3.216  20.373  1.00 47.05 ? 1015 HOH A O    1 
HETATM 1609 O  O    . HOH C 3 .   ? 11.027  -7.513  14.052  1.00 33.65 ? 1016 HOH A O    1 
HETATM 1610 O  O    . HOH C 3 .   ? 6.051   -12.972 10.047  1.00 33.16 ? 1017 HOH A O    1 
HETATM 1611 O  O    . HOH C 3 .   ? -7.792  -13.695 -1.797  1.00 24.21 ? 1018 HOH A O    1 
HETATM 1612 O  O    . HOH C 3 .   ? -9.865  14.425  3.599   1.00 40.97 ? 1019 HOH A O    1 
HETATM 1613 O  O    . HOH C 3 .   ? -9.588  0.630   13.949  1.00 48.03 ? 1020 HOH A O    1 
HETATM 1614 O  O    . HOH C 3 .   ? 4.235   13.776  -10.395 1.00 41.03 ? 1021 HOH A O    1 
HETATM 1615 O  O    . HOH C 3 .   ? 12.021  -11.202 17.522  1.00 28.44 ? 1022 HOH A O    1 
HETATM 1616 O  O    . HOH C 3 .   ? -0.146  28.398  -4.032  1.00 35.16 ? 1023 HOH A O    1 
HETATM 1617 O  O    . HOH C 3 .   ? -4.587  10.610  -0.401  1.00 33.99 ? 1024 HOH A O    1 
HETATM 1618 O  O    . HOH C 3 .   ? -6.918  -0.670  18.885  1.00 30.69 ? 1025 HOH A O    1 
HETATM 1619 O  O    . HOH C 3 .   ? 2.855   -0.699  13.980  1.00 35.52 ? 1026 HOH A O    1 
HETATM 1620 O  O    . HOH C 3 .   ? 14.542  7.723   -12.397 1.00 55.53 ? 1027 HOH A O    1 
HETATM 1621 O  O    . HOH C 3 .   ? -8.611  -1.975  -12.461 1.00 31.17 ? 1028 HOH A O    1 
HETATM 1622 O  O    . HOH C 3 .   ? -6.080  -3.406  -14.677 1.00 27.95 ? 1029 HOH A O    1 
HETATM 1623 O  O    . HOH C 3 .   ? -6.126  -1.932  -10.188 1.00 29.63 ? 1030 HOH A O    1 
HETATM 1624 O  O    . HOH C 3 .   ? 4.749   -9.777  -8.704  1.00 54.46 ? 1031 HOH A O    1 
HETATM 1625 O  O    . HOH C 3 .   ? -11.119 -6.191  7.641   1.00 23.28 ? 1032 HOH A O    1 
HETATM 1626 O  O    . HOH C 3 .   ? -14.061 -15.721 9.499   1.00 55.85 ? 1033 HOH A O    1 
HETATM 1627 O  O    . HOH C 3 .   ? -1.086  -11.368 11.973  1.00 19.89 ? 1034 HOH A O    1 
HETATM 1628 O  O    . HOH C 3 .   ? -8.049  -18.184 8.953   1.00 31.00 ? 1035 HOH A O    1 
HETATM 1629 O  O    . HOH C 3 .   ? -9.765  -17.403 10.912  1.00 44.43 ? 1036 HOH A O    1 
HETATM 1630 O  O    . HOH C 3 .   ? -6.838  2.645   13.834  1.00 38.22 ? 1037 HOH A O    1 
HETATM 1631 O  O    . HOH C 3 .   ? -12.926 11.866  1.861   1.00 50.15 ? 1038 HOH A O    1 
HETATM 1632 O  O    . HOH C 3 .   ? -5.184  12.258  -9.395  1.00 21.95 ? 1039 HOH A O    1 
HETATM 1633 O  O    . HOH C 3 .   ? -1.854  -2.704  -15.126 1.00 34.53 ? 1040 HOH A O    1 
HETATM 1634 O  O    . HOH C 3 .   ? 11.429  17.053  -3.286  1.00 41.38 ? 1041 HOH A O    1 
HETATM 1635 O  O    . HOH C 3 .   ? -3.838  25.779  -0.077  1.00 36.99 ? 1042 HOH A O    1 
HETATM 1636 O  O    . HOH C 3 .   ? -14.244 -10.134 -3.345  1.00 17.25 ? 1043 HOH A O    1 
HETATM 1637 O  O    . HOH C 3 .   ? -8.081  -16.412 -4.186  1.00 57.80 ? 1044 HOH A O    1 
HETATM 1638 O  O    . HOH C 3 .   ? -0.897  9.059   12.247  1.00 33.62 ? 1045 HOH A O    1 
HETATM 1639 O  O    . HOH C 3 .   ? 19.917  -0.404  1.530   1.00 43.18 ? 1046 HOH A O    1 
HETATM 1640 O  O    . HOH C 3 .   ? -7.050  -2.722  -7.108  1.00 29.93 ? 1047 HOH A O    1 
HETATM 1641 O  O    . HOH C 3 .   ? -4.484  25.404  4.606   1.00 54.04 ? 1048 HOH A O    1 
HETATM 1642 O  O    . HOH C 3 .   ? 17.277  10.343  -6.686  1.00 41.25 ? 1049 HOH A O    1 
HETATM 1643 O  O    . HOH C 3 .   ? -14.537 -20.484 1.997   1.00 45.90 ? 1050 HOH A O    1 
HETATM 1644 O  O    . HOH C 3 .   ? -12.607 -18.367 7.793   1.00 48.89 ? 1051 HOH A O    1 
HETATM 1645 O  O    . HOH C 3 .   ? -18.311 -3.612  5.286   1.00 42.66 ? 1052 HOH A O    1 
HETATM 1646 O  O    . HOH C 3 .   ? -12.979 -3.881  -3.294  1.00 45.95 ? 1053 HOH A O    1 
HETATM 1647 O  O    . HOH C 3 .   ? -13.295 -3.534  -0.479  1.00 40.71 ? 1054 HOH A O    1 
HETATM 1648 O  O    . HOH C 3 .   ? -14.790 -1.349  12.173  1.00 54.45 ? 1055 HOH A O    1 
HETATM 1649 O  O    . HOH C 3 .   ? 9.154   -11.501 2.163   1.00 46.16 ? 1056 HOH A O    1 
HETATM 1650 O  O    . HOH C 3 .   ? 10.629  -13.569 3.487   1.00 58.41 ? 1057 HOH A O    1 
HETATM 1651 O  O    . HOH C 3 .   ? 12.997  -11.553 7.080   1.00 50.63 ? 1058 HOH A O    1 
HETATM 1652 O  O    . HOH C 3 .   ? 12.616  -3.349  7.808   1.00 45.32 ? 1059 HOH A O    1 
HETATM 1653 O  O    . HOH C 3 .   ? -9.123  25.265  2.627   1.00 49.34 ? 1060 HOH A O    1 
HETATM 1654 O  O    . HOH C 3 .   ? -15.876 -21.913 -0.352  1.00 57.03 ? 1061 HOH A O    1 
HETATM 1655 O  O    . HOH C 3 .   ? -8.408  -14.830 -9.215  1.00 41.56 ? 1062 HOH A O    1 
HETATM 1656 O  O    . HOH C 3 .   ? -5.559  -13.359 -10.092 1.00 62.84 ? 1063 HOH A O    1 
HETATM 1657 O  O    . HOH C 3 .   ? -14.168 -14.898 -11.031 1.00 54.05 ? 1064 HOH A O    1 
HETATM 1658 O  O    . HOH C 3 .   ? -7.223  -1.650  -20.456 1.00 51.39 ? 1065 HOH A O    1 
HETATM 1659 O  O    . HOH C 3 .   ? -2.334  12.392  -14.671 1.00 43.72 ? 1066 HOH A O    1 
HETATM 1660 O  O    . HOH C 3 .   ? 6.042   -6.706  20.061  1.00 54.35 ? 1067 HOH A O    1 
HETATM 1661 O  O    . HOH C 3 .   ? 6.446   16.084  5.726   1.00 69.44 ? 1068 HOH A O    1 
HETATM 1662 O  O    . HOH C 3 .   ? 17.956  -5.597  -5.625  1.00 53.64 ? 1069 HOH A O    1 
HETATM 1663 O  O    . HOH C 3 .   ? 11.532  -1.375  -15.041 1.00 41.50 ? 1070 HOH A O    1 
HETATM 1664 O  O    . HOH C 3 .   ? 12.907  0.751   -13.795 1.00 50.37 ? 1071 HOH A O    1 
HETATM 1665 O  O    . HOH C 3 .   ? 15.184  0.020   -12.197 1.00 61.37 ? 1072 HOH A O    1 
HETATM 1666 O  O    . HOH C 3 .   ? -19.548 4.054   -6.675  1.00 55.58 ? 1073 HOH A O    1 
HETATM 1667 O  O    . HOH C 3 .   ? -14.709 8.219   -6.334  1.00 51.79 ? 1074 HOH A O    1 
HETATM 1668 O  O    . HOH C 3 .   ? 11.278  5.422   6.218   1.00 39.59 ? 1075 HOH A O    1 
HETATM 1669 O  O    . HOH C 3 .   ? 20.206  9.768   -4.835  1.00 56.78 ? 1076 HOH A O    1 
HETATM 1670 O  O    . HOH C 3 .   ? 15.274  3.921   -9.216  1.00 63.33 ? 1077 HOH A O    1 
# 
